data_5K47
#
_entry.id   5K47
#
_cell.length_a   1.000
_cell.length_b   1.000
_cell.length_c   1.000
_cell.angle_alpha   90.00
_cell.angle_beta   90.00
_cell.angle_gamma   90.00
#
_symmetry.space_group_name_H-M   'P 1'
#
loop_
_entity.id
_entity.type
_entity.pdbx_description
1 polymer Polycystin-2
2 branched 2-acetamido-2-deoxy-beta-D-glucopyranose-(1-4)-2-acetamido-2-deoxy-beta-D-glucopyranose
3 non-polymer 2-acetamido-2-deoxy-beta-D-glucopyranose
#
_entity_poly.entity_id   1
_entity_poly.type   'polypeptide(L)'
_entity_poly.pdbx_seq_one_letter_code
;MPRVAWAERLVRGLRGLWGTRLMEESSTNREKYLKSVLRELVTYLLFLIVLCILTYGMMSSNVYYYTRMMSQLFLDTPVS
KTEKTNFKTLSSMEDFWKFTEGSLLDGLYWKMQPSNQTEADNRSFIFYENLLLGVPRIRQLRVRNGSCSIPQDLRDEIKE
CYDVYSVSSEDRAPFGPRNGTAWIYTSEKDLNGSSHWGIIATYSGAGYYLDLSRTREETAAQVASLKKNVWLDRGTRATF
IDFSVYNANINLFCVVRLLVEFPATGGVIPSWQFQPLKLIRYVTTFDFFLAACEIIFCFFIFYYVVEEILEIRIHKLHYF
RSFWNCLDVVIVVLSVVAIGINIYRTSNVEVLLQFLEDQNTFPNFEHLAYWQIQFNNIAAVTVFFVWIKLFKFINFNRTM
SQLSTTMSRCAKDLFGFAIMFFIIFLAYAQLAYLVFGTQVDDFSTFQECIFTQFRIILGDINFAEIEEANRVLGPIYFTT
FVFFMFFILLNMFLAIINDTYSEVKSDLAQQKAEMELSDLIRKGYHKALVKLKLKKNTVDAENLYFQ
;
_entity_poly.pdbx_strand_id   A,B,C,D
#
loop_
_chem_comp.id
_chem_comp.type
_chem_comp.name
_chem_comp.formula
NAG D-saccharide, beta linking 2-acetamido-2-deoxy-beta-D-glucopyranose 'C8 H15 N O6'
#
# COMPACT_ATOMS: atom_id res chain seq x y z
N ARG A 30 52.39 -16.25 -17.32
CA ARG A 30 51.49 -15.86 -18.45
C ARG A 30 50.83 -17.06 -19.16
N GLU A 31 51.63 -18.11 -19.40
CA GLU A 31 51.15 -19.29 -20.13
C GLU A 31 50.18 -20.17 -19.32
N LYS A 32 50.57 -20.50 -18.08
CA LYS A 32 49.78 -21.41 -17.23
C LYS A 32 48.50 -20.78 -16.66
N TYR A 33 48.62 -19.54 -16.14
CA TYR A 33 47.46 -18.80 -15.61
C TYR A 33 46.37 -18.56 -16.66
N LEU A 34 46.69 -17.79 -17.69
CA LEU A 34 45.71 -17.32 -18.70
C LEU A 34 45.05 -18.44 -19.50
N LYS A 35 45.84 -19.46 -19.88
CA LYS A 35 45.31 -20.63 -20.58
C LYS A 35 44.33 -21.44 -19.71
N SER A 36 44.72 -21.69 -18.46
CA SER A 36 43.87 -22.41 -17.49
C SER A 36 42.60 -21.64 -17.10
N VAL A 37 42.67 -20.31 -17.09
CA VAL A 37 41.49 -19.45 -16.91
C VAL A 37 40.55 -19.53 -18.12
N LEU A 38 41.11 -19.47 -19.33
CA LEU A 38 40.33 -19.62 -20.58
C LEU A 38 39.68 -21.01 -20.71
N ARG A 39 40.41 -22.06 -20.32
CA ARG A 39 39.86 -23.42 -20.26
C ARG A 39 38.65 -23.50 -19.31
N GLU A 40 38.82 -22.96 -18.11
CA GLU A 40 37.77 -22.95 -17.09
C GLU A 40 36.56 -22.10 -17.47
N LEU A 41 36.82 -20.92 -18.05
CA LEU A 41 35.74 -19.96 -18.39
C LEU A 41 34.80 -20.48 -19.46
N VAL A 42 35.35 -20.96 -20.56
CA VAL A 42 34.56 -21.40 -21.71
C VAL A 42 33.65 -22.56 -21.32
N THR A 43 34.21 -23.54 -20.61
CA THR A 43 33.44 -24.70 -20.12
C THR A 43 32.34 -24.30 -19.13
N TYR A 44 32.63 -23.33 -18.26
CA TYR A 44 31.64 -22.78 -17.32
C TYR A 44 30.51 -22.03 -18.03
N LEU A 45 30.85 -21.24 -19.06
CA LEU A 45 29.84 -20.53 -19.83
C LEU A 45 28.88 -21.47 -20.57
N LEU A 46 29.41 -22.55 -21.13
CA LEU A 46 28.57 -23.57 -21.76
C LEU A 46 27.66 -24.26 -20.75
N PHE A 47 28.21 -24.59 -19.59
CA PHE A 47 27.46 -25.15 -18.45
C PHE A 47 26.31 -24.24 -18.00
N LEU A 48 26.58 -22.93 -17.96
CA LEU A 48 25.56 -21.92 -17.65
C LEU A 48 24.47 -21.89 -18.71
N ILE A 49 24.86 -21.85 -19.99
CA ILE A 49 23.90 -21.84 -21.11
C ILE A 49 23.00 -23.07 -21.10
N VAL A 50 23.60 -24.24 -20.91
CA VAL A 50 22.83 -25.47 -20.75
C VAL A 50 21.87 -25.37 -19.58
N LEU A 51 22.34 -24.84 -18.45
CA LEU A 51 21.48 -24.66 -17.27
C LEU A 51 20.31 -23.70 -17.53
N CYS A 52 20.57 -22.60 -18.24
CA CYS A 52 19.50 -21.67 -18.64
C CYS A 52 18.51 -22.27 -19.65
N ILE A 53 18.97 -23.20 -20.48
CA ILE A 53 18.08 -23.95 -21.39
C ILE A 53 17.16 -24.90 -20.61
N LEU A 54 17.68 -25.52 -19.55
CA LEU A 54 16.85 -26.37 -18.67
C LEU A 54 15.74 -25.58 -17.99
N THR A 55 16.06 -24.39 -17.51
CA THR A 55 15.08 -23.53 -16.81
C THR A 55 14.00 -23.01 -17.76
N TYR A 56 14.40 -22.61 -18.96
CA TYR A 56 13.47 -22.20 -20.01
C TYR A 56 12.51 -23.34 -20.41
N GLY A 57 13.02 -24.57 -20.41
CA GLY A 57 12.20 -25.76 -20.69
C GLY A 57 11.22 -26.13 -19.59
N MET A 58 11.64 -26.00 -18.33
CA MET A 58 10.78 -26.29 -17.17
C MET A 58 9.56 -25.37 -17.07
N MET A 59 9.77 -24.07 -17.31
CA MET A 59 8.74 -23.05 -17.14
C MET A 59 8.24 -22.50 -18.49
N SER A 60 7.04 -22.92 -18.89
CA SER A 60 6.35 -22.34 -20.05
C SER A 60 5.59 -21.10 -19.60
N SER A 61 5.57 -20.04 -20.42
CA SER A 61 5.01 -18.73 -20.03
C SER A 61 3.48 -18.66 -19.93
N ASN A 62 2.81 -19.69 -20.44
CA ASN A 62 1.35 -19.81 -20.33
C ASN A 62 0.95 -20.23 -18.92
N VAL A 63 1.79 -21.05 -18.29
CA VAL A 63 1.49 -21.75 -17.04
C VAL A 63 0.79 -20.88 -16.01
N TYR A 64 1.25 -19.63 -15.86
CA TYR A 64 0.61 -18.76 -14.89
C TYR A 64 -0.88 -18.70 -15.16
N TYR A 65 -1.26 -18.36 -16.39
CA TYR A 65 -2.67 -18.19 -16.71
C TYR A 65 -3.47 -19.47 -16.52
N TYR A 66 -2.83 -20.61 -16.75
CA TYR A 66 -3.46 -21.91 -16.50
C TYR A 66 -3.92 -22.06 -15.05
N THR A 67 -3.01 -21.80 -14.12
CA THR A 67 -3.30 -21.95 -12.69
C THR A 67 -4.25 -20.87 -12.19
N ARG A 68 -4.10 -19.67 -12.76
CA ARG A 68 -4.97 -18.55 -12.40
C ARG A 68 -6.43 -18.87 -12.68
N MET A 69 -6.72 -19.44 -13.84
CA MET A 69 -8.11 -19.77 -14.19
C MET A 69 -8.69 -20.84 -13.29
N MET A 70 -7.88 -21.84 -12.95
CA MET A 70 -8.29 -22.87 -12.01
C MET A 70 -8.60 -22.29 -10.63
N SER A 71 -7.76 -21.38 -10.15
CA SER A 71 -7.96 -20.76 -8.84
C SER A 71 -9.24 -19.90 -8.79
N GLN A 72 -9.44 -19.12 -9.84
CA GLN A 72 -10.65 -18.30 -10.00
C GLN A 72 -11.92 -19.13 -9.90
N LEU A 73 -11.93 -20.29 -10.54
CA LEU A 73 -13.07 -21.18 -10.52
C LEU A 73 -13.48 -21.64 -9.11
N PHE A 74 -12.50 -22.06 -8.32
CA PHE A 74 -12.77 -22.72 -7.03
C PHE A 74 -12.67 -21.80 -5.83
N LEU A 75 -11.66 -20.95 -5.81
CA LEU A 75 -11.44 -20.08 -4.66
C LEU A 75 -12.35 -18.85 -4.68
N ASP A 76 -12.24 -18.05 -5.74
CA ASP A 76 -12.79 -16.69 -5.75
C ASP A 76 -14.32 -16.63 -5.91
N THR A 77 -14.90 -17.59 -6.64
CA THR A 77 -16.35 -17.59 -6.93
C THR A 77 -17.21 -17.63 -5.66
N PRO A 78 -18.45 -17.12 -5.76
CA PRO A 78 -19.35 -17.20 -4.61
C PRO A 78 -19.83 -18.63 -4.34
N VAL A 79 -20.19 -18.90 -3.08
CA VAL A 79 -20.60 -20.22 -2.63
C VAL A 79 -21.96 -20.61 -3.25
N SER A 80 -23.00 -19.86 -2.89
CA SER A 80 -24.32 -20.00 -3.49
C SER A 80 -24.58 -18.79 -4.38
N LYS A 81 -25.73 -18.79 -5.06
CA LYS A 81 -26.07 -17.73 -6.02
C LYS A 81 -26.47 -16.41 -5.34
N THR A 82 -27.07 -16.50 -4.15
CA THR A 82 -27.71 -15.35 -3.49
C THR A 82 -27.02 -14.97 -2.17
N GLU A 83 -25.69 -14.88 -2.19
CA GLU A 83 -24.91 -14.42 -1.03
C GLU A 83 -23.50 -13.97 -1.41
N LYS A 84 -22.82 -13.34 -0.45
CA LYS A 84 -21.52 -12.70 -0.68
C LYS A 84 -20.31 -13.66 -0.57
N THR A 85 -20.38 -14.62 0.35
CA THR A 85 -19.20 -15.42 0.75
C THR A 85 -18.62 -16.32 -0.34
N ASN A 86 -17.31 -16.59 -0.22
CA ASN A 86 -16.55 -17.43 -1.17
C ASN A 86 -15.79 -18.51 -0.41
N PHE A 87 -14.90 -19.26 -1.08
CA PHE A 87 -14.05 -20.25 -0.40
C PHE A 87 -13.02 -19.60 0.53
N LYS A 88 -12.36 -18.55 0.03
CA LYS A 88 -11.29 -17.87 0.79
C LYS A 88 -11.69 -17.48 2.21
N THR A 89 -12.95 -17.09 2.41
CA THR A 89 -13.45 -16.69 3.72
C THR A 89 -14.62 -17.56 4.18
N LEU A 90 -14.39 -18.88 4.21
CA LEU A 90 -15.30 -19.81 4.85
C LEU A 90 -15.17 -19.62 6.35
N SER A 91 -16.27 -19.28 7.00
CA SER A 91 -16.28 -19.05 8.44
C SER A 91 -16.85 -20.24 9.22
N SER A 92 -18.01 -20.73 8.78
CA SER A 92 -18.74 -21.78 9.49
C SER A 92 -18.62 -23.14 8.82
N MET A 93 -19.08 -24.17 9.55
CA MET A 93 -19.24 -25.51 8.98
C MET A 93 -20.38 -25.53 7.97
N GLU A 94 -21.46 -24.82 8.29
CA GLU A 94 -22.57 -24.63 7.37
C GLU A 94 -22.10 -24.07 6.04
N ASP A 95 -21.24 -23.04 6.10
CA ASP A 95 -20.62 -22.44 4.91
C ASP A 95 -19.86 -23.46 4.07
N PHE A 96 -19.01 -24.26 4.73
CA PHE A 96 -18.26 -25.32 4.05
C PHE A 96 -19.21 -26.30 3.36
N TRP A 97 -20.29 -26.66 4.06
CA TRP A 97 -21.29 -27.55 3.48
C TRP A 97 -21.97 -26.97 2.24
N LYS A 98 -22.22 -25.66 2.25
CA LYS A 98 -22.76 -24.98 1.07
C LYS A 98 -21.80 -25.02 -0.12
N PHE A 99 -20.51 -24.86 0.15
CA PHE A 99 -19.48 -24.91 -0.90
C PHE A 99 -19.39 -26.28 -1.58
N THR A 100 -19.33 -27.34 -0.78
CA THR A 100 -19.25 -28.72 -1.31
C THR A 100 -20.47 -29.14 -2.14
N GLU A 101 -21.65 -28.64 -1.75
CA GLU A 101 -22.91 -28.99 -2.40
C GLU A 101 -23.17 -28.18 -3.68
N GLY A 102 -22.83 -26.90 -3.66
CA GLY A 102 -23.03 -25.99 -4.78
C GLY A 102 -21.81 -25.78 -5.66
N SER A 103 -20.97 -24.80 -5.30
CA SER A 103 -19.90 -24.30 -6.18
C SER A 103 -18.70 -25.23 -6.42
N LEU A 104 -18.46 -26.18 -5.52
CA LEU A 104 -17.45 -27.22 -5.75
C LEU A 104 -17.84 -28.05 -6.97
N LEU A 105 -19.09 -28.53 -6.98
CA LEU A 105 -19.59 -29.38 -8.06
C LEU A 105 -19.78 -28.61 -9.35
N ASP A 106 -20.37 -27.43 -9.26
CA ASP A 106 -20.57 -26.57 -10.45
C ASP A 106 -19.26 -26.04 -11.06
N GLY A 107 -18.14 -26.22 -10.36
CA GLY A 107 -16.81 -26.13 -10.96
C GLY A 107 -16.36 -27.42 -11.65
N LEU A 108 -16.51 -28.56 -10.98
CA LEU A 108 -16.00 -29.84 -11.49
C LEU A 108 -16.79 -30.41 -12.66
N TYR A 109 -18.12 -30.36 -12.57
CA TYR A 109 -19.01 -31.01 -13.55
C TYR A 109 -19.68 -30.00 -14.46
N TRP A 110 -19.30 -30.02 -15.74
CA TRP A 110 -19.86 -29.13 -16.75
C TRP A 110 -20.77 -29.94 -17.66
N LYS A 111 -21.90 -29.36 -18.04
CA LYS A 111 -22.88 -30.02 -18.89
C LYS A 111 -22.25 -30.33 -20.25
N MET A 112 -22.30 -31.61 -20.64
CA MET A 112 -21.64 -32.09 -21.87
C MET A 112 -22.04 -31.31 -23.12
N GLN A 113 -21.06 -31.04 -23.98
CA GLN A 113 -21.27 -30.26 -25.22
C GLN A 113 -22.08 -31.07 -26.25
N PRO A 114 -23.08 -30.44 -26.91
CA PRO A 114 -23.91 -31.17 -27.87
C PRO A 114 -23.22 -31.40 -29.21
N ASP A 121 -20.32 -41.86 -24.84
CA ASP A 121 -19.71 -41.56 -23.55
C ASP A 121 -20.26 -40.27 -22.93
N ASN A 122 -19.94 -40.06 -21.65
CA ASN A 122 -20.38 -38.89 -20.89
C ASN A 122 -19.24 -38.41 -19.96
N ARG A 123 -18.08 -38.18 -20.56
CA ARG A 123 -16.88 -37.76 -19.82
C ARG A 123 -16.89 -36.24 -19.65
N SER A 124 -16.58 -35.78 -18.43
CA SER A 124 -16.68 -34.35 -18.07
C SER A 124 -15.37 -33.59 -18.30
N PHE A 125 -15.49 -32.32 -18.70
CA PHE A 125 -14.37 -31.41 -18.91
C PHE A 125 -14.48 -30.19 -17.99
N ILE A 126 -13.37 -29.48 -17.82
CA ILE A 126 -13.32 -28.16 -17.20
C ILE A 126 -13.01 -27.16 -18.32
N PHE A 127 -13.72 -26.02 -18.32
CA PHE A 127 -13.62 -24.99 -19.37
C PHE A 127 -13.76 -25.49 -20.83
N TYR A 128 -14.23 -26.72 -21.01
CA TYR A 128 -14.09 -27.48 -22.26
C TYR A 128 -12.66 -27.98 -22.55
N GLU A 129 -11.64 -27.11 -22.45
CA GLU A 129 -10.26 -27.47 -22.79
C GLU A 129 -9.54 -28.43 -21.82
N ASN A 130 -9.88 -28.36 -20.52
CA ASN A 130 -9.26 -29.23 -19.49
C ASN A 130 -10.10 -30.48 -19.21
N LEU A 131 -9.41 -31.54 -18.81
CA LEU A 131 -10.02 -32.85 -18.54
C LEU A 131 -9.96 -33.19 -17.06
N LEU A 132 -11.11 -33.49 -16.46
CA LEU A 132 -11.16 -34.05 -15.12
C LEU A 132 -10.69 -35.49 -15.17
N LEU A 133 -9.66 -35.81 -14.40
CA LEU A 133 -9.15 -37.17 -14.33
C LEU A 133 -9.93 -37.99 -13.31
N GLY A 134 -10.56 -39.06 -13.79
CA GLY A 134 -11.28 -39.97 -12.94
C GLY A 134 -12.29 -39.25 -12.07
N VAL A 135 -11.97 -39.11 -10.78
CA VAL A 135 -12.90 -38.54 -9.80
C VAL A 135 -12.18 -37.80 -8.68
N PRO A 136 -12.91 -36.96 -7.93
CA PRO A 136 -12.37 -36.36 -6.71
C PRO A 136 -12.48 -37.28 -5.50
N ARG A 137 -11.90 -36.81 -4.40
CA ARG A 137 -11.87 -37.53 -3.14
C ARG A 137 -12.06 -36.54 -1.98
N ILE A 138 -12.95 -36.88 -1.06
CA ILE A 138 -13.12 -36.13 0.17
C ILE A 138 -12.56 -36.95 1.30
N ARG A 139 -11.47 -36.47 1.90
CA ARG A 139 -10.82 -37.14 3.03
C ARG A 139 -11.05 -36.33 4.30
N GLN A 140 -11.05 -37.01 5.44
CA GLN A 140 -11.32 -36.39 6.73
C GLN A 140 -10.52 -37.09 7.83
N LEU A 141 -10.00 -36.30 8.77
CA LEU A 141 -9.42 -36.85 10.00
C LEU A 141 -10.32 -36.48 11.16
N ARG A 142 -10.19 -37.21 12.26
CA ARG A 142 -10.98 -36.95 13.45
C ARG A 142 -10.28 -37.39 14.72
N VAL A 143 -10.63 -36.72 15.82
CA VAL A 143 -10.01 -36.90 17.14
C VAL A 143 -11.03 -37.53 18.12
N ARG A 144 -10.54 -38.33 19.07
CA ARG A 144 -11.40 -39.09 20.01
C ARG A 144 -12.21 -38.20 20.95
N ASN A 145 -13.24 -38.79 21.54
CA ASN A 145 -14.01 -38.16 22.61
C ASN A 145 -13.19 -38.19 23.90
N GLY A 146 -13.11 -37.04 24.57
CA GLY A 146 -12.38 -36.92 25.85
C GLY A 146 -10.89 -37.18 25.76
N SER A 147 -10.27 -36.68 24.69
CA SER A 147 -8.84 -36.88 24.44
C SER A 147 -7.93 -36.03 25.33
N CYS A 148 -8.48 -34.96 25.92
CA CYS A 148 -7.79 -34.16 26.92
C CYS A 148 -8.74 -33.84 28.09
N SER A 149 -8.22 -33.89 29.31
CA SER A 149 -9.05 -33.82 30.52
C SER A 149 -9.52 -32.40 30.83
N ILE A 150 -10.75 -32.30 31.34
CA ILE A 150 -11.41 -31.04 31.64
C ILE A 150 -11.16 -30.71 33.12
N PRO A 151 -11.01 -29.42 33.47
CA PRO A 151 -10.88 -29.06 34.90
C PRO A 151 -12.16 -29.36 35.72
N GLN A 152 -11.97 -29.79 36.97
CA GLN A 152 -13.10 -30.21 37.83
C GLN A 152 -14.06 -29.10 38.29
N ASP A 153 -13.67 -27.84 38.10
CA ASP A 153 -14.52 -26.69 38.43
C ASP A 153 -15.76 -26.63 37.55
N LEU A 154 -15.59 -26.86 36.25
CA LEU A 154 -16.69 -26.92 35.28
C LEU A 154 -16.95 -28.36 34.82
N ARG A 155 -17.30 -29.23 35.77
CA ARG A 155 -17.77 -30.59 35.48
C ARG A 155 -19.29 -30.73 35.48
N ASP A 156 -19.99 -29.68 35.90
CA ASP A 156 -21.45 -29.63 35.84
C ASP A 156 -21.95 -29.44 34.41
N GLU A 157 -21.42 -28.42 33.73
CA GLU A 157 -21.89 -28.02 32.39
C GLU A 157 -21.31 -28.86 31.26
N ILE A 158 -19.98 -28.92 31.20
CA ILE A 158 -19.25 -29.56 30.09
C ILE A 158 -19.12 -31.07 30.34
N LYS A 159 -19.65 -31.88 29.42
CA LYS A 159 -19.58 -33.35 29.49
C LYS A 159 -18.79 -33.95 28.29
N GLU A 160 -18.04 -33.12 27.58
CA GLU A 160 -17.30 -33.56 26.38
C GLU A 160 -16.13 -32.63 26.04
N CYS A 161 -15.15 -33.18 25.33
CA CYS A 161 -13.96 -32.42 24.92
C CYS A 161 -13.21 -33.11 23.78
N TYR A 162 -12.56 -32.30 22.94
CA TYR A 162 -11.72 -32.79 21.84
C TYR A 162 -10.55 -31.81 21.71
N ASP A 163 -9.32 -32.30 21.83
CA ASP A 163 -8.13 -31.43 21.74
C ASP A 163 -7.56 -31.35 20.32
N VAL A 164 -6.49 -30.56 20.17
CA VAL A 164 -5.97 -30.21 18.84
C VAL A 164 -5.20 -31.40 18.28
N TYR A 165 -5.18 -31.52 16.96
CA TYR A 165 -4.63 -32.68 16.25
C TYR A 165 -3.23 -33.12 16.70
N SER A 166 -3.11 -34.41 16.96
CA SER A 166 -1.84 -35.11 17.10
C SER A 166 -2.07 -36.59 16.77
N VAL A 167 -1.00 -37.30 16.42
CA VAL A 167 -1.10 -38.70 15.98
C VAL A 167 -1.54 -39.62 17.13
N SER A 168 -1.12 -39.28 18.35
CA SER A 168 -1.53 -40.00 19.56
C SER A 168 -3.05 -39.94 19.79
N SER A 169 -3.63 -38.76 19.64
CA SER A 169 -5.05 -38.52 19.94
C SER A 169 -6.04 -38.81 18.80
N GLU A 170 -5.52 -39.10 17.59
CA GLU A 170 -6.35 -39.41 16.43
C GLU A 170 -7.24 -40.64 16.65
N ASP A 171 -8.49 -40.57 16.22
CA ASP A 171 -9.46 -41.66 16.45
C ASP A 171 -9.28 -42.79 15.44
N ARG A 172 -9.24 -44.02 15.94
CA ARG A 172 -9.22 -45.23 15.11
C ARG A 172 -10.60 -45.87 14.94
N ALA A 173 -11.47 -45.71 15.95
CA ALA A 173 -12.73 -46.46 16.02
C ALA A 173 -13.74 -46.07 14.94
N PRO A 174 -14.79 -46.90 14.74
CA PRO A 174 -15.88 -46.55 13.81
C PRO A 174 -16.76 -45.36 14.27
N PHE A 175 -17.80 -45.08 13.48
CA PHE A 175 -18.51 -43.80 13.55
C PHE A 175 -19.88 -43.90 12.89
N GLY A 176 -20.93 -43.42 13.57
CA GLY A 176 -22.28 -43.35 13.00
C GLY A 176 -22.77 -44.67 12.38
N PRO A 177 -23.40 -44.61 11.18
CA PRO A 177 -23.69 -45.83 10.41
C PRO A 177 -22.42 -46.58 9.95
N ARG A 178 -22.37 -47.90 10.20
CA ARG A 178 -21.20 -48.73 9.90
C ARG A 178 -21.36 -49.26 8.47
N ASN A 179 -20.95 -48.46 7.51
CA ASN A 179 -21.42 -48.62 6.13
C ASN A 179 -20.35 -48.15 5.14
N GLY A 180 -19.75 -49.08 4.41
CA GLY A 180 -18.77 -48.75 3.37
C GLY A 180 -17.44 -48.22 3.90
N THR A 181 -16.58 -47.79 2.97
CA THR A 181 -15.24 -47.27 3.31
C THR A 181 -15.25 -45.87 3.92
N ALA A 182 -16.32 -45.11 3.69
CA ALA A 182 -16.37 -43.70 4.08
C ALA A 182 -16.30 -43.44 5.58
N TRP A 183 -16.76 -44.39 6.40
CA TRP A 183 -16.87 -44.19 7.84
C TRP A 183 -15.83 -44.96 8.69
N ILE A 184 -15.23 -46.02 8.14
CA ILE A 184 -14.23 -46.83 8.85
C ILE A 184 -12.83 -46.24 8.62
N TYR A 185 -12.00 -46.26 9.66
CA TYR A 185 -10.62 -45.75 9.58
C TYR A 185 -9.74 -46.66 8.71
N THR A 186 -8.78 -46.06 8.00
CA THR A 186 -7.74 -46.79 7.27
C THR A 186 -6.39 -46.11 7.46
N SER A 187 -5.34 -46.88 7.71
CA SER A 187 -4.02 -46.35 8.07
C SER A 187 -3.26 -45.80 6.85
N GLU A 188 -2.17 -45.07 7.12
CA GLU A 188 -1.39 -44.40 6.07
C GLU A 188 -0.59 -45.35 5.17
N LYS A 189 -0.21 -46.53 5.69
CA LYS A 189 0.44 -47.60 4.88
C LYS A 189 -0.58 -48.45 4.11
N ASP A 190 -1.82 -48.53 4.60
CA ASP A 190 -2.92 -49.21 3.89
C ASP A 190 -3.31 -48.42 2.63
N LEU A 191 -3.57 -47.12 2.81
CA LEU A 191 -3.71 -46.19 1.67
C LEU A 191 -2.33 -45.90 1.08
N ASN A 192 -2.34 -45.21 -0.05
CA ASN A 192 -1.11 -44.78 -0.70
C ASN A 192 -0.82 -43.29 -0.43
N GLY A 193 -1.35 -42.76 0.67
CA GLY A 193 -1.29 -41.33 0.99
C GLY A 193 -0.17 -40.96 1.96
N SER A 194 0.32 -39.72 1.83
CA SER A 194 1.42 -39.20 2.66
C SER A 194 0.92 -38.11 3.63
N SER A 195 1.84 -37.59 4.44
CA SER A 195 1.55 -36.47 5.34
C SER A 195 1.66 -35.13 4.61
N HIS A 196 0.80 -34.18 4.98
CA HIS A 196 0.76 -32.84 4.40
C HIS A 196 1.08 -31.82 5.49
N TRP A 197 1.85 -30.80 5.13
CA TRP A 197 2.18 -29.71 6.08
C TRP A 197 1.11 -28.63 6.01
N GLY A 198 0.11 -28.75 6.89
CA GLY A 198 -0.98 -27.79 6.98
C GLY A 198 -0.58 -26.52 7.69
N ILE A 199 -1.58 -25.69 8.02
CA ILE A 199 -1.30 -24.34 8.49
C ILE A 199 -1.11 -24.31 9.99
N ILE A 200 -2.13 -24.73 10.72
CA ILE A 200 -2.07 -24.72 12.19
C ILE A 200 -1.30 -25.91 12.75
N ALA A 201 -1.37 -27.05 12.06
CA ALA A 201 -0.64 -28.25 12.48
C ALA A 201 -0.50 -29.26 11.34
N THR A 202 0.56 -30.06 11.39
CA THR A 202 0.82 -31.10 10.38
C THR A 202 -0.20 -32.25 10.49
N TYR A 203 -0.83 -32.58 9.37
CA TYR A 203 -1.84 -33.62 9.31
C TYR A 203 -1.29 -34.81 8.57
N SER A 204 -1.36 -35.97 9.22
CA SER A 204 -0.67 -37.17 8.78
C SER A 204 -1.62 -38.14 8.08
N GLY A 205 -1.10 -38.77 7.02
CA GLY A 205 -1.77 -39.86 6.33
C GLY A 205 -3.25 -39.65 6.11
N ALA A 206 -4.05 -40.58 6.63
CA ALA A 206 -5.47 -40.60 6.36
C ALA A 206 -6.24 -41.29 7.48
N GLY A 207 -7.57 -41.22 7.36
CA GLY A 207 -8.48 -41.91 8.27
C GLY A 207 -9.78 -42.31 7.59
N TYR A 208 -10.64 -41.33 7.34
CA TYR A 208 -11.97 -41.57 6.79
C TYR A 208 -12.07 -40.84 5.46
N TYR A 209 -12.57 -41.53 4.44
CA TYR A 209 -12.59 -40.96 3.10
C TYR A 209 -13.67 -41.56 2.19
N LEU A 210 -14.28 -40.68 1.40
CA LEU A 210 -15.22 -41.08 0.36
C LEU A 210 -14.68 -40.71 -1.01
N ASP A 211 -14.74 -41.67 -1.94
CA ASP A 211 -14.46 -41.41 -3.35
C ASP A 211 -15.74 -40.96 -4.04
N LEU A 212 -15.70 -39.80 -4.68
CA LEU A 212 -16.87 -39.22 -5.36
C LEU A 212 -17.12 -39.93 -6.68
N SER A 213 -18.31 -39.72 -7.23
CA SER A 213 -18.73 -40.33 -8.50
C SER A 213 -18.20 -39.57 -9.71
N ARG A 214 -18.23 -40.22 -10.87
CA ARG A 214 -17.81 -39.63 -12.14
C ARG A 214 -18.90 -38.71 -12.74
N THR A 215 -20.17 -38.99 -12.43
CA THR A 215 -21.30 -38.14 -12.83
C THR A 215 -21.65 -37.15 -11.73
N ARG A 216 -22.39 -36.10 -12.12
CA ARG A 216 -22.73 -35.02 -11.19
C ARG A 216 -23.84 -35.40 -10.22
N GLU A 217 -24.91 -36.00 -10.73
CA GLU A 217 -26.11 -36.26 -9.93
C GLU A 217 -25.91 -37.29 -8.81
N GLU A 218 -25.04 -38.28 -9.03
CA GLU A 218 -24.68 -39.27 -8.00
C GLU A 218 -23.86 -38.65 -6.86
N THR A 219 -22.92 -37.77 -7.23
CA THR A 219 -22.07 -37.03 -6.28
C THR A 219 -22.89 -36.21 -5.28
N ALA A 220 -23.81 -35.41 -5.83
CA ALA A 220 -24.70 -34.55 -5.02
C ALA A 220 -25.60 -35.35 -4.08
N ALA A 221 -26.00 -36.55 -4.50
CA ALA A 221 -26.74 -37.48 -3.64
C ALA A 221 -25.87 -38.01 -2.50
N GLN A 222 -24.61 -38.33 -2.79
CA GLN A 222 -23.66 -38.80 -1.77
C GLN A 222 -23.29 -37.71 -0.75
N VAL A 223 -23.07 -36.49 -1.24
CA VAL A 223 -22.79 -35.33 -0.38
C VAL A 223 -24.01 -34.99 0.50
N ALA A 224 -25.21 -35.08 -0.07
CA ALA A 224 -26.46 -34.87 0.69
C ALA A 224 -26.65 -35.92 1.79
N SER A 225 -26.27 -37.17 1.52
CA SER A 225 -26.35 -38.27 2.50
C SER A 225 -25.35 -38.11 3.65
N LEU A 226 -24.16 -37.59 3.34
CA LEU A 226 -23.16 -37.22 4.36
C LEU A 226 -23.65 -36.11 5.28
N LYS A 227 -24.22 -35.07 4.68
CA LYS A 227 -24.78 -33.93 5.41
C LYS A 227 -25.95 -34.34 6.31
N LYS A 228 -26.79 -35.26 5.83
CA LYS A 228 -27.94 -35.77 6.60
C LYS A 228 -27.53 -36.49 7.89
N ASN A 229 -26.55 -37.39 7.78
CA ASN A 229 -26.08 -38.21 8.92
C ASN A 229 -24.94 -37.60 9.75
N VAL A 230 -24.55 -36.36 9.44
CA VAL A 230 -23.56 -35.60 10.22
C VAL A 230 -22.21 -36.33 10.27
N TRP A 231 -21.68 -36.55 9.08
CA TRP A 231 -20.32 -37.08 8.89
C TRP A 231 -19.26 -36.08 9.34
N LEU A 232 -19.60 -34.80 9.20
CA LEU A 232 -18.74 -33.69 9.53
C LEU A 232 -19.30 -33.02 10.78
N ASP A 233 -18.51 -33.05 11.87
CA ASP A 233 -18.98 -32.65 13.20
C ASP A 233 -17.88 -32.03 14.07
N ARG A 234 -18.23 -31.67 15.30
CA ARG A 234 -17.24 -31.25 16.29
C ARG A 234 -16.32 -32.43 16.62
N GLY A 235 -15.02 -32.17 16.63
CA GLY A 235 -14.00 -33.22 16.73
C GLY A 235 -13.25 -33.43 15.44
N THR A 236 -13.92 -33.17 14.30
CA THR A 236 -13.28 -33.21 13.00
C THR A 236 -12.25 -32.09 12.87
N ARG A 237 -11.08 -32.42 12.32
CA ARG A 237 -9.97 -31.47 12.26
C ARG A 237 -9.59 -31.10 10.85
N ALA A 238 -9.03 -32.05 10.11
CA ALA A 238 -8.57 -31.75 8.74
C ALA A 238 -9.49 -32.41 7.72
N THR A 239 -9.79 -31.66 6.66
CA THR A 239 -10.65 -32.12 5.57
C THR A 239 -9.98 -31.73 4.27
N PHE A 240 -9.75 -32.73 3.42
CA PHE A 240 -9.15 -32.50 2.11
C PHE A 240 -10.15 -32.82 1.03
N ILE A 241 -10.28 -31.92 0.07
CA ILE A 241 -10.97 -32.22 -1.17
C ILE A 241 -9.89 -32.21 -2.22
N ASP A 242 -9.57 -33.41 -2.72
CA ASP A 242 -8.52 -33.60 -3.72
C ASP A 242 -9.12 -34.07 -5.04
N PHE A 243 -8.46 -33.70 -6.12
CA PHE A 243 -8.72 -34.26 -7.45
C PHE A 243 -7.60 -33.81 -8.38
N SER A 244 -7.74 -34.11 -9.68
CA SER A 244 -6.76 -33.66 -10.64
C SER A 244 -7.38 -33.38 -11.99
N VAL A 245 -6.65 -32.57 -12.78
CA VAL A 245 -7.02 -32.27 -14.16
C VAL A 245 -5.82 -32.42 -15.09
N TYR A 246 -6.14 -32.61 -16.37
CA TYR A 246 -5.14 -32.68 -17.42
C TYR A 246 -5.60 -31.82 -18.60
N ASN A 247 -4.72 -30.94 -19.06
CA ASN A 247 -4.95 -30.14 -20.26
C ASN A 247 -4.31 -30.86 -21.45
N ALA A 248 -5.13 -31.26 -22.43
CA ALA A 248 -4.63 -31.86 -23.67
C ALA A 248 -3.84 -30.84 -24.51
N ASN A 249 -4.32 -29.60 -24.53
CA ASN A 249 -3.84 -28.58 -25.47
C ASN A 249 -2.36 -28.24 -25.32
N ILE A 250 -1.90 -28.10 -24.08
CA ILE A 250 -0.49 -27.79 -23.82
C ILE A 250 0.27 -28.92 -23.12
N ASN A 251 -0.37 -30.08 -22.98
CA ASN A 251 0.23 -31.25 -22.33
C ASN A 251 0.74 -30.90 -20.92
N LEU A 252 -0.20 -30.80 -19.99
CA LEU A 252 0.09 -30.35 -18.64
C LEU A 252 -0.94 -30.82 -17.63
N PHE A 253 -0.52 -31.74 -16.76
CA PHE A 253 -1.35 -32.19 -15.65
C PHE A 253 -1.31 -31.14 -14.56
N CYS A 254 -2.30 -31.20 -13.68
CA CYS A 254 -2.34 -30.34 -12.51
C CYS A 254 -3.21 -30.93 -11.43
N VAL A 255 -2.69 -30.88 -10.21
CA VAL A 255 -3.40 -31.40 -9.04
C VAL A 255 -4.01 -30.27 -8.26
N VAL A 256 -5.00 -30.63 -7.44
CA VAL A 256 -5.69 -29.69 -6.59
C VAL A 256 -5.78 -30.31 -5.20
N ARG A 257 -5.53 -29.49 -4.17
CA ARG A 257 -5.58 -29.92 -2.78
C ARG A 257 -6.26 -28.86 -1.92
N LEU A 258 -7.59 -28.94 -1.85
CA LEU A 258 -8.36 -28.02 -1.02
C LEU A 258 -8.41 -28.52 0.41
N LEU A 259 -7.48 -28.01 1.22
CA LEU A 259 -7.45 -28.31 2.65
C LEU A 259 -8.31 -27.31 3.40
N VAL A 260 -9.18 -27.82 4.26
CA VAL A 260 -9.99 -27.00 5.15
C VAL A 260 -9.73 -27.43 6.59
N GLU A 261 -8.89 -26.68 7.29
CA GLU A 261 -8.56 -26.97 8.69
C GLU A 261 -9.64 -26.48 9.62
N PHE A 262 -9.98 -27.31 10.60
CA PHE A 262 -10.87 -26.95 11.67
C PHE A 262 -10.01 -26.88 12.91
N PRO A 263 -9.68 -25.66 13.38
CA PRO A 263 -9.01 -25.56 14.66
C PRO A 263 -9.97 -25.84 15.80
N ALA A 264 -9.46 -26.40 16.90
CA ALA A 264 -10.27 -26.74 18.07
C ALA A 264 -11.00 -25.54 18.65
N THR A 265 -10.39 -24.37 18.50
CA THR A 265 -10.98 -23.09 18.89
C THR A 265 -12.47 -23.00 18.57
N GLY A 266 -12.84 -23.24 17.31
CA GLY A 266 -14.25 -23.29 16.92
C GLY A 266 -14.54 -23.19 15.43
N GLY A 267 -14.04 -22.14 14.81
CA GLY A 267 -14.36 -21.82 13.41
C GLY A 267 -13.64 -22.66 12.38
N VAL A 268 -13.25 -22.05 11.26
CA VAL A 268 -12.64 -22.75 10.13
C VAL A 268 -11.56 -21.92 9.47
N ILE A 269 -10.51 -22.59 8.99
CA ILE A 269 -9.44 -21.98 8.23
C ILE A 269 -9.25 -22.72 6.91
N PRO A 270 -9.20 -21.98 5.80
CA PRO A 270 -8.95 -22.60 4.51
C PRO A 270 -7.52 -22.44 4.03
N SER A 271 -7.17 -23.24 3.03
CA SER A 271 -5.97 -23.03 2.24
C SER A 271 -6.20 -23.71 0.88
N TRP A 272 -5.15 -23.74 0.05
CA TRP A 272 -5.23 -24.40 -1.24
C TRP A 272 -3.85 -24.70 -1.76
N GLN A 273 -3.81 -25.43 -2.88
CA GLN A 273 -2.56 -25.70 -3.57
C GLN A 273 -2.89 -26.11 -5.00
N PHE A 274 -2.34 -25.38 -5.95
CA PHE A 274 -2.51 -25.68 -7.37
C PHE A 274 -1.14 -25.88 -8.00
N GLN A 275 -0.72 -27.13 -8.06
CA GLN A 275 0.57 -27.49 -8.61
C GLN A 275 0.41 -28.05 -10.03
N PRO A 276 0.87 -27.29 -11.04
CA PRO A 276 0.99 -27.88 -12.37
C PRO A 276 2.16 -28.86 -12.46
N LEU A 277 2.18 -29.65 -13.53
CA LEU A 277 3.06 -30.79 -13.60
C LEU A 277 3.20 -31.35 -15.02
N LYS A 278 4.39 -31.16 -15.61
CA LYS A 278 4.74 -31.84 -16.87
C LYS A 278 5.08 -33.29 -16.54
N LEU A 279 4.09 -34.16 -16.65
CA LEU A 279 4.24 -35.56 -16.26
C LEU A 279 4.86 -36.36 -17.40
N ILE A 280 4.22 -36.35 -18.56
CA ILE A 280 4.72 -37.06 -19.75
C ILE A 280 5.65 -36.09 -20.49
N ARG A 281 6.69 -36.62 -21.10
CA ARG A 281 7.78 -35.81 -21.66
C ARG A 281 7.87 -35.85 -23.19
N TYR A 282 8.23 -37.00 -23.74
CA TYR A 282 8.64 -37.10 -25.15
C TYR A 282 7.45 -36.91 -26.11
N VAL A 283 7.41 -35.76 -26.79
CA VAL A 283 6.39 -35.46 -27.81
C VAL A 283 7.03 -34.74 -29.03
N THR A 284 7.38 -33.46 -28.87
CA THR A 284 7.87 -32.62 -29.99
C THR A 284 9.40 -32.58 -30.04
N THR A 285 9.93 -31.88 -31.05
CA THR A 285 11.39 -31.66 -31.19
C THR A 285 12.01 -30.87 -30.02
N PHE A 286 11.23 -29.99 -29.41
CA PHE A 286 11.66 -29.22 -28.24
C PHE A 286 12.00 -30.10 -27.03
N ASP A 287 11.23 -31.18 -26.85
CA ASP A 287 11.44 -32.12 -25.73
C ASP A 287 12.71 -32.95 -25.90
N PHE A 288 12.95 -33.45 -27.11
CA PHE A 288 14.21 -34.15 -27.44
C PHE A 288 15.42 -33.25 -27.17
N PHE A 289 15.30 -31.99 -27.57
CA PHE A 289 16.35 -30.98 -27.33
C PHE A 289 16.57 -30.75 -25.83
N LEU A 290 15.47 -30.70 -25.07
CA LEU A 290 15.55 -30.58 -23.61
C LEU A 290 16.19 -31.83 -22.98
N ALA A 291 15.82 -33.01 -23.48
CA ALA A 291 16.40 -34.28 -23.01
C ALA A 291 17.90 -34.36 -23.25
N ALA A 292 18.33 -33.92 -24.44
CA ALA A 292 19.76 -33.87 -24.79
C ALA A 292 20.55 -32.95 -23.86
N CYS A 293 19.99 -31.78 -23.55
CA CYS A 293 20.59 -30.82 -22.63
C CYS A 293 20.78 -31.39 -21.21
N GLU A 294 19.76 -32.12 -20.74
CA GLU A 294 19.79 -32.77 -19.42
C GLU A 294 20.89 -33.82 -19.34
N ILE A 295 21.08 -34.57 -20.43
CA ILE A 295 22.15 -35.56 -20.53
C ILE A 295 23.52 -34.85 -20.54
N ILE A 296 23.62 -33.75 -21.29
CA ILE A 296 24.86 -32.94 -21.35
C ILE A 296 25.19 -32.36 -19.97
N PHE A 297 24.19 -31.82 -19.29
CA PHE A 297 24.31 -31.33 -17.91
C PHE A 297 24.91 -32.42 -17.00
N CYS A 298 24.44 -33.66 -17.16
CA CYS A 298 24.97 -34.81 -16.41
C CYS A 298 26.49 -35.00 -16.57
N PHE A 299 26.97 -34.95 -17.81
CA PHE A 299 28.41 -35.05 -18.11
C PHE A 299 29.20 -33.85 -17.57
N PHE A 300 28.61 -32.66 -17.65
CA PHE A 300 29.21 -31.46 -17.05
C PHE A 300 29.40 -31.62 -15.54
N ILE A 301 28.36 -32.07 -14.86
CA ILE A 301 28.41 -32.28 -13.40
C ILE A 301 29.46 -33.33 -13.06
N PHE A 302 29.45 -34.45 -13.80
CA PHE A 302 30.46 -35.49 -13.66
C PHE A 302 31.89 -34.92 -13.75
N TYR A 303 32.13 -34.07 -14.74
CA TYR A 303 33.44 -33.42 -14.93
C TYR A 303 33.84 -32.52 -13.76
N TYR A 304 32.89 -31.73 -13.26
CA TYR A 304 33.13 -30.89 -12.08
C TYR A 304 33.51 -31.75 -10.87
N VAL A 305 32.77 -32.83 -10.63
CA VAL A 305 33.02 -33.73 -9.49
C VAL A 305 34.46 -34.28 -9.53
N VAL A 306 34.90 -34.69 -10.72
CA VAL A 306 36.28 -35.18 -10.92
C VAL A 306 37.29 -34.06 -10.62
N GLU A 307 37.00 -32.86 -11.15
CA GLU A 307 37.88 -31.69 -10.99
C GLU A 307 38.03 -31.22 -9.55
N GLU A 308 36.92 -31.23 -8.80
CA GLU A 308 36.94 -30.83 -7.39
C GLU A 308 37.73 -31.83 -6.55
N ILE A 309 37.43 -33.12 -6.69
CA ILE A 309 38.01 -34.18 -5.85
C ILE A 309 39.44 -34.54 -6.27
N LEU A 310 39.80 -34.27 -7.54
CA LEU A 310 41.21 -34.29 -7.95
C LEU A 310 41.99 -33.22 -7.16
N GLU A 311 41.41 -32.03 -7.01
CA GLU A 311 42.02 -30.95 -6.23
C GLU A 311 42.09 -31.25 -4.72
N ILE A 312 41.16 -32.05 -4.21
CA ILE A 312 41.23 -32.56 -2.81
C ILE A 312 42.45 -33.48 -2.61
N ARG A 313 42.73 -34.34 -3.58
CA ARG A 313 43.93 -35.19 -3.54
C ARG A 313 45.24 -34.38 -3.49
N ILE A 314 45.27 -33.25 -4.20
CA ILE A 314 46.42 -32.34 -4.21
C ILE A 314 46.53 -31.63 -2.86
N HIS A 315 45.55 -30.76 -2.57
CA HIS A 315 45.52 -30.00 -1.31
C HIS A 315 44.64 -30.74 -0.30
N LYS A 316 45.27 -31.41 0.67
CA LYS A 316 44.55 -32.27 1.61
C LYS A 316 43.65 -31.50 2.59
N LEU A 317 44.18 -30.43 3.19
CA LEU A 317 43.45 -29.61 4.19
C LEU A 317 43.57 -28.08 3.96
N HIS A 318 43.98 -27.66 2.77
CA HIS A 318 44.17 -26.24 2.41
C HIS A 318 43.05 -25.72 1.48
N TYR A 319 42.10 -26.59 1.15
CA TYR A 319 41.13 -26.36 0.08
C TYR A 319 39.78 -25.79 0.54
N PHE A 320 39.37 -26.14 1.76
CA PHE A 320 38.04 -25.80 2.29
C PHE A 320 37.88 -24.32 2.71
N ARG A 321 39.00 -23.60 2.92
CA ARG A 321 38.95 -22.20 3.40
C ARG A 321 38.66 -21.14 2.32
N SER A 322 39.09 -21.38 1.08
CA SER A 322 38.84 -20.46 -0.03
C SER A 322 37.36 -20.43 -0.41
N PHE A 323 36.82 -19.24 -0.67
CA PHE A 323 35.39 -19.05 -0.89
C PHE A 323 34.89 -19.67 -2.20
N TRP A 324 35.64 -19.46 -3.28
CA TRP A 324 35.18 -19.85 -4.63
C TRP A 324 35.11 -21.36 -4.79
N ASN A 325 36.05 -22.06 -4.16
CA ASN A 325 36.02 -23.52 -4.14
C ASN A 325 34.82 -24.06 -3.35
N CYS A 326 34.59 -23.48 -2.17
CA CYS A 326 33.45 -23.87 -1.31
C CYS A 326 32.12 -23.76 -2.05
N LEU A 327 31.93 -22.64 -2.73
CA LEU A 327 30.76 -22.40 -3.58
C LEU A 327 30.60 -23.47 -4.67
N ASP A 328 31.72 -23.84 -5.29
CA ASP A 328 31.75 -24.89 -6.31
C ASP A 328 31.27 -26.24 -5.77
N VAL A 329 31.75 -26.62 -4.59
CA VAL A 329 31.35 -27.87 -3.94
C VAL A 329 29.83 -27.89 -3.66
N VAL A 330 29.29 -26.77 -3.19
CA VAL A 330 27.85 -26.63 -2.91
C VAL A 330 27.00 -26.78 -4.18
N ILE A 331 27.45 -26.17 -5.29
CA ILE A 331 26.79 -26.31 -6.60
C ILE A 331 26.82 -27.77 -7.06
N VAL A 332 27.96 -28.42 -6.86
CA VAL A 332 28.11 -29.85 -7.18
C VAL A 332 27.15 -30.73 -6.35
N VAL A 333 27.06 -30.48 -5.04
CA VAL A 333 26.18 -31.26 -4.17
C VAL A 333 24.71 -31.10 -4.55
N LEU A 334 24.27 -29.86 -4.77
CA LEU A 334 22.89 -29.58 -5.21
C LEU A 334 22.56 -30.27 -6.53
N SER A 335 23.48 -30.22 -7.48
CA SER A 335 23.30 -30.87 -8.77
C SER A 335 23.15 -32.39 -8.64
N VAL A 336 23.98 -33.01 -7.78
CA VAL A 336 23.87 -34.44 -7.48
C VAL A 336 22.49 -34.77 -6.86
N VAL A 337 22.03 -33.91 -5.95
CA VAL A 337 20.71 -34.08 -5.33
C VAL A 337 19.59 -33.92 -6.36
N ALA A 338 19.73 -32.94 -7.25
CA ALA A 338 18.76 -32.72 -8.33
C ALA A 338 18.68 -33.93 -9.26
N ILE A 339 19.84 -34.46 -9.65
CA ILE A 339 19.94 -35.66 -10.48
C ILE A 339 19.28 -36.86 -9.77
N GLY A 340 19.61 -37.04 -8.50
CA GLY A 340 19.05 -38.11 -7.68
C GLY A 340 17.54 -38.08 -7.57
N ILE A 341 16.99 -36.88 -7.34
CA ILE A 341 15.53 -36.68 -7.28
C ILE A 341 14.89 -36.97 -8.65
N ASN A 342 15.59 -36.59 -9.72
CA ASN A 342 15.12 -36.86 -11.08
C ASN A 342 15.08 -38.36 -11.42
N ILE A 343 16.11 -39.10 -10.99
CA ILE A 343 16.26 -40.53 -11.37
C ILE A 343 15.54 -41.49 -10.42
N TYR A 344 15.87 -41.45 -9.13
CA TYR A 344 15.28 -42.39 -8.14
C TYR A 344 13.74 -42.31 -8.05
N ARG A 345 13.18 -41.11 -8.23
CA ARG A 345 11.74 -40.90 -8.01
C ARG A 345 10.97 -40.37 -9.23
N THR A 346 11.24 -39.14 -9.67
CA THR A 346 10.43 -38.45 -10.70
C THR A 346 10.28 -39.17 -12.05
N SER A 347 11.26 -39.99 -12.44
CA SER A 347 11.23 -40.73 -13.71
C SER A 347 10.36 -41.98 -13.69
N ASN A 348 10.51 -42.81 -12.66
CA ASN A 348 9.85 -44.13 -12.56
C ASN A 348 8.33 -44.09 -12.29
N VAL A 349 7.79 -42.92 -11.97
CA VAL A 349 6.36 -42.74 -11.62
C VAL A 349 5.32 -43.04 -12.72
N GLU A 350 5.74 -43.17 -13.97
CA GLU A 350 4.84 -43.52 -15.09
C GLU A 350 3.94 -44.74 -14.84
N VAL A 351 4.33 -45.61 -13.91
CA VAL A 351 3.51 -46.74 -13.43
C VAL A 351 2.12 -46.27 -12.95
N LEU A 352 2.10 -45.19 -12.18
CA LEU A 352 0.85 -44.58 -11.70
C LEU A 352 -0.07 -44.17 -12.84
N LEU A 353 0.49 -43.45 -13.81
CA LEU A 353 -0.26 -42.98 -14.98
C LEU A 353 -0.81 -44.14 -15.81
N GLN A 354 -0.04 -45.22 -15.95
CA GLN A 354 -0.48 -46.42 -16.66
C GLN A 354 -1.65 -47.13 -15.97
N PHE A 355 -1.66 -47.14 -14.63
CA PHE A 355 -2.80 -47.66 -13.87
C PHE A 355 -4.08 -46.83 -14.07
N LEU A 356 -3.93 -45.51 -14.13
CA LEU A 356 -5.06 -44.60 -14.41
C LEU A 356 -5.67 -44.81 -15.79
N GLU A 357 -4.82 -45.05 -16.79
CA GLU A 357 -5.25 -45.25 -18.19
C GLU A 357 -6.29 -46.38 -18.39
N ASP A 358 -6.21 -47.42 -17.55
CA ASP A 358 -7.08 -48.60 -17.66
C ASP A 358 -8.40 -48.53 -16.84
N GLN A 359 -8.71 -47.40 -16.20
CA GLN A 359 -9.81 -47.35 -15.22
C GLN A 359 -10.51 -45.98 -15.08
N ASN A 360 -11.49 -45.92 -14.16
CA ASN A 360 -12.22 -44.69 -13.80
C ASN A 360 -12.18 -44.35 -12.28
N THR A 361 -11.26 -44.99 -11.54
CA THR A 361 -11.12 -44.75 -10.09
C THR A 361 -10.26 -43.53 -9.78
N PHE A 362 -9.98 -43.29 -8.49
CA PHE A 362 -9.12 -42.18 -8.06
C PHE A 362 -7.67 -42.42 -8.47
N PRO A 363 -7.05 -41.44 -9.16
CA PRO A 363 -5.60 -41.48 -9.43
C PRO A 363 -4.81 -40.65 -8.42
N ASN A 364 -3.82 -41.28 -7.79
CA ASN A 364 -3.07 -40.65 -6.71
C ASN A 364 -1.74 -40.04 -7.21
N PHE A 365 -1.84 -38.81 -7.69
CA PHE A 365 -0.67 -38.02 -8.12
C PHE A 365 0.08 -37.47 -6.92
N GLU A 366 -0.67 -37.09 -5.88
CA GLU A 366 -0.19 -36.30 -4.73
C GLU A 366 1.23 -36.55 -4.25
N HIS A 367 1.66 -37.81 -4.26
CA HIS A 367 3.03 -38.15 -3.83
C HIS A 367 4.12 -37.68 -4.79
N LEU A 368 3.84 -37.72 -6.09
CA LEU A 368 4.76 -37.21 -7.11
C LEU A 368 4.95 -35.70 -7.06
N ALA A 369 3.84 -34.96 -6.98
CA ALA A 369 3.86 -33.49 -6.92
C ALA A 369 4.81 -32.97 -5.83
N TYR A 370 4.75 -33.58 -4.65
CA TYR A 370 5.63 -33.22 -3.52
C TYR A 370 7.11 -33.21 -3.91
N TRP A 371 7.53 -34.22 -4.67
CA TRP A 371 8.90 -34.28 -5.17
C TRP A 371 9.15 -33.31 -6.32
N GLN A 372 8.15 -33.09 -7.17
CA GLN A 372 8.26 -32.12 -8.26
C GLN A 372 8.57 -30.70 -7.77
N ILE A 373 7.91 -30.28 -6.71
CA ILE A 373 8.17 -28.96 -6.13
C ILE A 373 9.59 -28.93 -5.55
N GLN A 374 9.95 -29.97 -4.79
CA GLN A 374 11.27 -30.04 -4.16
C GLN A 374 12.40 -29.99 -5.18
N PHE A 375 12.24 -30.72 -6.28
CA PHE A 375 13.16 -30.65 -7.42
C PHE A 375 13.25 -29.22 -7.95
N ASN A 376 12.10 -28.62 -8.21
CA ASN A 376 12.02 -27.27 -8.76
C ASN A 376 12.69 -26.24 -7.86
N ASN A 377 12.46 -26.36 -6.55
CA ASN A 377 13.18 -25.55 -5.55
C ASN A 377 14.68 -25.66 -5.70
N ILE A 378 15.18 -26.89 -5.60
CA ILE A 378 16.61 -27.14 -5.58
C ILE A 378 17.28 -26.68 -6.87
N ALA A 379 16.63 -26.94 -8.01
CA ALA A 379 17.13 -26.45 -9.30
C ALA A 379 17.28 -24.94 -9.31
N ALA A 380 16.28 -24.23 -8.77
CA ALA A 380 16.31 -22.77 -8.72
C ALA A 380 17.48 -22.25 -7.90
N VAL A 381 17.70 -22.85 -6.74
CA VAL A 381 18.82 -22.45 -5.86
C VAL A 381 20.16 -22.77 -6.54
N THR A 382 20.22 -23.89 -7.26
CA THR A 382 21.38 -24.22 -8.08
C THR A 382 21.67 -23.10 -9.08
N VAL A 383 20.63 -22.65 -9.79
CA VAL A 383 20.78 -21.59 -10.78
C VAL A 383 21.29 -20.33 -10.13
N PHE A 384 20.69 -19.95 -9.01
CA PHE A 384 21.11 -18.76 -8.27
C PHE A 384 22.58 -18.79 -7.88
N PHE A 385 23.04 -19.94 -7.37
CA PHE A 385 24.45 -20.10 -7.03
C PHE A 385 25.35 -20.14 -8.27
N VAL A 386 24.89 -20.80 -9.33
CA VAL A 386 25.66 -20.86 -10.58
C VAL A 386 25.92 -19.46 -11.14
N TRP A 387 24.90 -18.61 -11.14
CA TRP A 387 25.06 -17.25 -11.63
C TRP A 387 26.07 -16.46 -10.81
N ILE A 388 26.02 -16.56 -9.48
CA ILE A 388 26.97 -15.81 -8.62
C ILE A 388 28.41 -16.31 -8.75
N LYS A 389 28.59 -17.58 -9.08
CA LYS A 389 29.93 -18.12 -9.38
C LYS A 389 30.62 -17.36 -10.54
N LEU A 390 29.85 -16.86 -11.50
CA LEU A 390 30.37 -16.08 -12.63
C LEU A 390 31.36 -14.98 -12.24
N PHE A 391 31.16 -14.38 -11.07
CA PHE A 391 32.11 -13.42 -10.47
C PHE A 391 33.60 -13.78 -10.58
N LYS A 392 33.94 -15.05 -10.40
CA LYS A 392 35.33 -15.53 -10.43
C LYS A 392 36.11 -15.16 -11.71
N PHE A 393 35.39 -15.00 -12.83
CA PHE A 393 35.98 -14.66 -14.14
C PHE A 393 35.62 -13.24 -14.61
N ILE A 394 35.19 -12.38 -13.69
CA ILE A 394 34.90 -10.97 -13.97
C ILE A 394 36.16 -10.10 -13.83
N ASN A 395 37.02 -10.45 -12.87
CA ASN A 395 38.13 -9.58 -12.48
C ASN A 395 39.35 -9.67 -13.41
N PHE A 396 39.12 -9.32 -14.68
CA PHE A 396 40.19 -8.98 -15.62
C PHE A 396 39.94 -7.55 -16.14
N ASN A 397 39.65 -6.67 -15.19
CA ASN A 397 39.66 -5.23 -15.39
C ASN A 397 39.95 -4.61 -14.00
N ARG A 398 40.52 -3.41 -13.98
CA ARG A 398 41.06 -2.85 -12.74
C ARG A 398 39.99 -2.44 -11.72
N THR A 399 38.95 -1.74 -12.19
CA THR A 399 37.90 -1.22 -11.31
C THR A 399 37.09 -2.32 -10.62
N MET A 400 36.63 -3.29 -11.40
CA MET A 400 35.90 -4.44 -10.85
C MET A 400 36.73 -5.24 -9.84
N SER A 401 38.05 -5.29 -10.05
CA SER A 401 38.97 -5.97 -9.14
C SER A 401 39.04 -5.29 -7.77
N GLN A 402 39.11 -3.96 -7.76
CA GLN A 402 39.18 -3.21 -6.49
C GLN A 402 37.90 -3.39 -5.65
N LEU A 403 36.74 -3.44 -6.33
CA LEU A 403 35.45 -3.59 -5.65
C LEU A 403 35.31 -4.95 -5.00
N SER A 404 35.79 -5.98 -5.69
CA SER A 404 35.81 -7.34 -5.13
C SER A 404 36.75 -7.46 -3.94
N THR A 405 37.87 -6.72 -3.97
CA THR A 405 38.80 -6.65 -2.83
C THR A 405 38.19 -5.87 -1.65
N THR A 406 37.42 -4.82 -1.93
CA THR A 406 36.68 -4.08 -0.89
C THR A 406 35.64 -4.97 -0.20
N MET A 407 34.84 -5.65 -1.03
CA MET A 407 33.82 -6.58 -0.53
C MET A 407 34.39 -7.70 0.33
N SER A 408 35.58 -8.18 -0.02
CA SER A 408 36.24 -9.25 0.73
C SER A 408 36.74 -8.78 2.10
N ARG A 409 37.40 -7.63 2.14
CA ARG A 409 37.93 -7.09 3.40
C ARG A 409 36.85 -6.62 4.37
N CYS A 410 35.74 -6.12 3.82
CA CYS A 410 34.63 -5.68 4.66
C CYS A 410 33.83 -6.84 5.26
N ALA A 411 33.88 -8.02 4.63
CA ALA A 411 33.09 -9.20 5.04
C ALA A 411 33.17 -9.52 6.53
N LYS A 412 34.37 -9.43 7.08
CA LYS A 412 34.60 -9.71 8.51
C LYS A 412 33.86 -8.75 9.43
N ASP A 413 33.96 -7.45 9.16
CA ASP A 413 33.29 -6.42 9.97
C ASP A 413 31.77 -6.52 9.87
N LEU A 414 31.27 -6.68 8.65
CA LEU A 414 29.84 -6.82 8.38
C LEU A 414 29.24 -8.03 9.08
N PHE A 415 29.95 -9.16 9.01
CA PHE A 415 29.58 -10.37 9.73
C PHE A 415 29.56 -10.13 11.25
N GLY A 416 30.58 -9.41 11.74
CA GLY A 416 30.65 -9.02 13.15
C GLY A 416 29.48 -8.16 13.58
N PHE A 417 29.12 -7.20 12.74
CA PHE A 417 27.97 -6.34 13.00
C PHE A 417 26.64 -7.08 12.85
N ALA A 418 26.56 -7.94 11.84
CA ALA A 418 25.33 -8.70 11.54
C ALA A 418 24.76 -9.44 12.76
N ILE A 419 25.66 -10.01 13.57
CA ILE A 419 25.25 -10.70 14.79
C ILE A 419 24.54 -9.71 15.71
N MET A 420 25.20 -8.59 15.99
CA MET A 420 24.66 -7.55 16.88
C MET A 420 23.31 -7.04 16.39
N PHE A 421 23.25 -6.74 15.08
CA PHE A 421 22.02 -6.29 14.45
C PHE A 421 20.88 -7.29 14.69
N PHE A 422 21.15 -8.57 14.43
CA PHE A 422 20.16 -9.62 14.62
C PHE A 422 19.70 -9.78 16.08
N ILE A 423 20.60 -9.57 17.05
CA ILE A 423 20.23 -9.68 18.47
C ILE A 423 19.14 -8.66 18.81
N ILE A 424 19.36 -7.42 18.42
CA ILE A 424 18.36 -6.35 18.64
C ILE A 424 17.08 -6.62 17.84
N PHE A 425 17.25 -7.06 16.60
CA PHE A 425 16.12 -7.39 15.72
C PHE A 425 15.21 -8.48 16.30
N LEU A 426 15.82 -9.58 16.76
CA LEU A 426 15.10 -10.72 17.34
C LEU A 426 14.48 -10.46 18.71
N ALA A 427 15.06 -9.52 19.46
CA ALA A 427 14.47 -9.03 20.69
C ALA A 427 13.21 -8.23 20.39
N TYR A 428 13.33 -7.31 19.44
CA TYR A 428 12.17 -6.52 18.96
C TYR A 428 11.03 -7.40 18.46
N ALA A 429 11.37 -8.43 17.71
CA ALA A 429 10.39 -9.42 17.25
C ALA A 429 9.72 -10.12 18.42
N GLN A 430 10.52 -10.53 19.41
CA GLN A 430 10.00 -11.19 20.60
C GLN A 430 9.05 -10.26 21.37
N LEU A 431 9.44 -8.98 21.50
CA LEU A 431 8.56 -7.99 22.11
C LEU A 431 7.23 -7.90 21.36
N ALA A 432 7.32 -7.73 20.05
CA ALA A 432 6.14 -7.59 19.19
C ALA A 432 5.21 -8.82 19.29
N TYR A 433 5.80 -10.00 19.29
CA TYR A 433 5.07 -11.25 19.42
C TYR A 433 4.28 -11.33 20.72
N LEU A 434 4.92 -10.91 21.81
CA LEU A 434 4.30 -10.87 23.15
C LEU A 434 3.14 -9.87 23.27
N VAL A 435 3.27 -8.72 22.61
CA VAL A 435 2.22 -7.71 22.61
C VAL A 435 1.09 -8.10 21.65
N PHE A 436 1.43 -8.24 20.37
CA PHE A 436 0.42 -8.31 19.30
C PHE A 436 -0.08 -9.70 18.93
N GLY A 437 0.64 -10.75 19.37
CA GLY A 437 0.34 -12.14 18.99
C GLY A 437 -1.13 -12.52 18.97
N THR A 438 -1.88 -11.99 19.92
CA THR A 438 -3.31 -12.26 20.03
C THR A 438 -4.14 -11.53 18.98
N GLN A 439 -3.79 -10.28 18.65
CA GLN A 439 -4.68 -9.41 17.91
C GLN A 439 -4.46 -9.39 16.40
N VAL A 440 -3.25 -9.04 15.99
CA VAL A 440 -2.99 -8.73 14.57
C VAL A 440 -2.42 -9.94 13.83
N ASP A 441 -2.91 -10.14 12.61
CA ASP A 441 -2.52 -11.27 11.75
C ASP A 441 -1.02 -11.30 11.52
N ASP A 442 -0.48 -10.13 11.16
CA ASP A 442 0.95 -9.94 10.91
C ASP A 442 1.88 -10.77 11.79
N PHE A 443 1.74 -10.63 13.12
CA PHE A 443 2.65 -11.27 14.07
C PHE A 443 2.08 -12.57 14.69
N SER A 444 1.18 -13.25 13.96
CA SER A 444 0.43 -14.40 14.50
C SER A 444 1.32 -15.53 15.01
N THR A 445 2.31 -15.88 14.19
CA THR A 445 3.36 -16.83 14.57
C THR A 445 4.71 -16.12 14.57
N PHE A 446 5.67 -16.69 15.30
CA PHE A 446 7.02 -16.11 15.41
C PHE A 446 7.77 -16.15 14.08
N GLN A 447 7.51 -17.19 13.30
CA GLN A 447 8.08 -17.35 11.97
C GLN A 447 7.79 -16.12 11.09
N GLU A 448 6.54 -15.67 11.08
CA GLU A 448 6.11 -14.51 10.28
C GLU A 448 6.51 -13.16 10.87
N CYS A 449 6.67 -13.10 12.19
CA CYS A 449 7.00 -11.86 12.91
C CYS A 449 8.28 -11.21 12.40
N ILE A 450 9.30 -12.03 12.19
CA ILE A 450 10.54 -11.61 11.56
C ILE A 450 10.27 -10.93 10.23
N PHE A 451 9.52 -11.61 9.37
CA PHE A 451 9.30 -11.15 8.00
C PHE A 451 8.47 -9.87 7.96
N THR A 452 7.51 -9.75 8.88
CA THR A 452 6.76 -8.51 9.05
C THR A 452 7.70 -7.36 9.38
N GLN A 453 8.61 -7.57 10.32
CA GLN A 453 9.57 -6.52 10.68
C GLN A 453 10.44 -6.11 9.51
N PHE A 454 10.82 -7.07 8.67
CA PHE A 454 11.56 -6.77 7.45
C PHE A 454 10.78 -5.92 6.49
N ARG A 455 9.50 -6.20 6.33
CA ARG A 455 8.64 -5.36 5.53
C ARG A 455 8.55 -3.93 6.11
N ILE A 456 8.48 -3.80 7.44
CA ILE A 456 8.39 -2.47 8.10
C ILE A 456 9.58 -1.57 7.73
N ILE A 457 10.77 -2.16 7.70
CA ILE A 457 11.98 -1.43 7.33
C ILE A 457 11.87 -0.87 5.91
N LEU A 458 11.37 -1.68 4.98
CA LEU A 458 11.27 -1.27 3.58
C LEU A 458 10.28 -0.15 3.37
N GLY A 459 9.06 -0.37 3.83
CA GLY A 459 7.94 0.55 3.63
C GLY A 459 6.68 -0.18 3.20
N ASP A 460 6.18 -1.04 4.08
CA ASP A 460 4.94 -1.77 3.88
C ASP A 460 4.51 -2.35 5.23
N ILE A 461 3.44 -1.79 5.78
CA ILE A 461 3.00 -2.12 7.13
C ILE A 461 1.51 -1.81 7.27
N ASN A 462 0.80 -2.68 7.96
CA ASN A 462 -0.60 -2.45 8.30
C ASN A 462 -0.66 -1.76 9.67
N PHE A 463 -0.49 -0.43 9.66
CA PHE A 463 -0.39 0.34 10.91
C PHE A 463 -1.72 0.48 11.63
N ALA A 464 -2.80 0.66 10.89
CA ALA A 464 -4.13 0.77 11.48
C ALA A 464 -4.50 -0.40 12.40
N GLU A 465 -4.09 -1.61 12.03
CA GLU A 465 -4.35 -2.82 12.82
C GLU A 465 -3.55 -2.90 14.13
N ILE A 466 -2.25 -2.63 14.06
CA ILE A 466 -1.38 -2.52 15.26
C ILE A 466 -1.98 -1.55 16.28
N GLU A 467 -2.38 -0.38 15.80
CA GLU A 467 -2.91 0.68 16.65
C GLU A 467 -4.26 0.26 17.30
N GLU A 468 -5.07 -0.52 16.56
CA GLU A 468 -6.32 -1.09 17.10
C GLU A 468 -6.10 -2.17 18.17
N ALA A 469 -4.98 -2.88 18.07
CA ALA A 469 -4.61 -3.93 19.03
C ALA A 469 -4.17 -3.43 20.40
N ASN A 470 -3.39 -2.35 20.41
CA ASN A 470 -2.80 -1.82 21.65
C ASN A 470 -2.36 -0.36 21.45
N ARG A 471 -3.14 0.58 21.98
CA ARG A 471 -2.89 2.00 21.74
C ARG A 471 -1.74 2.59 22.56
N VAL A 472 -1.37 1.94 23.67
CA VAL A 472 -0.30 2.45 24.54
C VAL A 472 1.04 2.07 23.92
N LEU A 473 1.29 0.78 23.87
CA LEU A 473 2.61 0.23 23.56
C LEU A 473 2.79 -0.01 22.07
N GLY A 474 1.70 -0.33 21.37
CA GLY A 474 1.74 -0.61 19.95
C GLY A 474 2.50 0.38 19.09
N PRO A 475 2.10 1.66 19.13
CA PRO A 475 2.81 2.68 18.36
C PRO A 475 4.20 2.99 18.91
N ILE A 476 4.39 2.81 20.22
CA ILE A 476 5.72 2.97 20.86
C ILE A 476 6.72 1.98 20.30
N TYR A 477 6.32 0.71 20.23
CA TYR A 477 7.12 -0.33 19.56
C TYR A 477 7.51 0.10 18.16
N PHE A 478 6.55 0.63 17.43
CA PHE A 478 6.75 1.06 16.04
C PHE A 478 7.70 2.27 15.92
N THR A 479 7.51 3.29 16.75
CA THR A 479 8.39 4.47 16.76
C THR A 479 9.82 4.08 17.08
N THR A 480 9.99 3.42 18.22
CA THR A 480 11.31 3.02 18.71
C THR A 480 12.05 2.17 17.69
N PHE A 481 11.34 1.19 17.11
CA PHE A 481 11.91 0.32 16.07
C PHE A 481 12.42 1.13 14.87
N VAL A 482 11.59 2.05 14.39
CA VAL A 482 11.98 2.91 13.29
C VAL A 482 13.18 3.78 13.70
N PHE A 483 13.14 4.32 14.91
CA PHE A 483 14.18 5.22 15.39
C PHE A 483 15.56 4.55 15.49
N PHE A 484 15.60 3.34 16.03
CA PHE A 484 16.85 2.60 16.20
C PHE A 484 17.28 1.92 14.91
N MET A 485 16.41 1.08 14.37
CA MET A 485 16.75 0.29 13.18
C MET A 485 16.97 1.19 11.96
N PHE A 486 16.01 2.04 11.63
CA PHE A 486 16.07 2.80 10.35
C PHE A 486 17.01 4.02 10.32
N PHE A 487 17.15 4.75 11.44
CA PHE A 487 18.03 5.93 11.48
C PHE A 487 19.46 5.66 11.97
N ILE A 488 19.62 4.68 12.86
CA ILE A 488 20.92 4.41 13.50
C ILE A 488 21.59 3.14 12.96
N LEU A 489 20.99 1.99 13.24
CA LEU A 489 21.65 0.70 13.07
C LEU A 489 21.88 0.27 11.63
N LEU A 490 20.92 0.52 10.75
CA LEU A 490 21.09 0.17 9.32
C LEU A 490 22.17 0.99 8.62
N ASN A 491 22.52 2.14 9.20
CA ASN A 491 23.57 2.99 8.66
C ASN A 491 24.99 2.60 9.12
N MET A 492 25.09 1.72 10.11
CA MET A 492 26.39 1.15 10.52
C MET A 492 26.96 0.21 9.46
N PHE A 493 26.10 -0.63 8.88
CA PHE A 493 26.44 -1.42 7.68
C PHE A 493 27.14 -0.54 6.66
N LEU A 494 26.47 0.58 6.36
CA LEU A 494 26.95 1.55 5.39
C LEU A 494 28.30 2.15 5.77
N ALA A 495 28.40 2.59 7.03
CA ALA A 495 29.64 3.17 7.56
C ALA A 495 30.82 2.20 7.50
N ILE A 496 30.56 0.93 7.78
CA ILE A 496 31.57 -0.12 7.69
C ILE A 496 32.08 -0.30 6.26
N ILE A 497 31.16 -0.42 5.31
CA ILE A 497 31.51 -0.49 3.89
C ILE A 497 32.27 0.76 3.46
N ASN A 498 31.69 1.91 3.74
CA ASN A 498 32.22 3.23 3.33
C ASN A 498 33.70 3.37 3.66
N ASP A 499 34.03 3.22 4.94
CA ASP A 499 35.40 3.39 5.40
C ASP A 499 36.35 2.35 4.80
N THR A 500 35.89 1.10 4.71
CA THR A 500 36.70 0.03 4.14
C THR A 500 37.00 0.25 2.65
N TYR A 501 36.05 0.84 1.93
CA TYR A 501 36.28 1.24 0.52
C TYR A 501 37.34 2.35 0.42
N SER A 502 37.20 3.38 1.23
CA SER A 502 38.19 4.46 1.30
C SER A 502 39.61 3.98 1.62
N GLU A 503 39.71 2.97 2.47
CA GLU A 503 41.01 2.38 2.87
C GLU A 503 41.68 1.58 1.75
N VAL A 504 40.88 0.92 0.92
CA VAL A 504 41.40 0.25 -0.28
C VAL A 504 41.82 1.24 -1.37
N LYS A 505 41.09 2.35 -1.50
CA LYS A 505 41.46 3.42 -2.44
C LYS A 505 42.76 4.13 -2.05
N SER A 506 42.95 4.36 -0.75
CA SER A 506 44.21 4.91 -0.24
C SER A 506 45.36 3.91 -0.41
N ASP A 507 45.08 2.63 -0.17
CA ASP A 507 46.04 1.55 -0.40
C ASP A 507 46.49 1.43 -1.87
N LEU A 508 45.55 1.61 -2.79
CA LEU A 508 45.85 1.61 -4.23
C LEU A 508 46.59 2.88 -4.68
N ALA A 509 46.25 4.02 -4.06
CA ALA A 509 46.94 5.29 -4.32
C ALA A 509 48.41 5.28 -3.86
N GLN A 510 48.66 4.67 -2.69
CA GLN A 510 50.02 4.47 -2.19
C GLN A 510 50.81 3.44 -3.01
N GLN A 511 50.12 2.42 -3.53
CA GLN A 511 50.75 1.46 -4.47
C GLN A 511 51.15 2.12 -5.79
N LYS A 512 50.35 3.08 -6.25
CA LYS A 512 50.69 3.91 -7.43
C LYS A 512 51.79 4.92 -7.13
N ALA A 513 51.74 5.54 -5.94
CA ALA A 513 52.74 6.54 -5.53
C ALA A 513 54.08 5.93 -5.13
N GLU A 514 54.06 4.80 -4.43
CA GLU A 514 55.28 4.06 -4.07
C GLU A 514 55.96 3.43 -5.29
N MET A 515 55.16 3.00 -6.27
CA MET A 515 55.69 2.54 -7.57
C MET A 515 56.26 3.69 -8.40
N GLU A 516 55.64 4.87 -8.29
CA GLU A 516 56.17 6.10 -8.92
C GLU A 516 57.49 6.58 -8.30
N LEU A 517 57.63 6.40 -6.98
CA LEU A 517 58.88 6.73 -6.27
C LEU A 517 60.02 5.75 -6.58
N SER A 518 59.71 4.46 -6.67
CA SER A 518 60.69 3.41 -7.00
C SER A 518 61.26 3.53 -8.42
N ASP A 519 60.40 3.86 -9.39
CA ASP A 519 60.82 4.03 -10.79
C ASP A 519 61.60 5.34 -10.99
N ARG B 30 39.20 34.86 -23.62
CA ARG B 30 37.98 35.58 -23.12
C ARG B 30 36.97 35.91 -24.24
N GLU B 31 37.47 36.35 -25.39
CA GLU B 31 36.61 36.77 -26.52
C GLU B 31 35.93 35.59 -27.22
N LYS B 32 36.72 34.58 -27.60
CA LYS B 32 36.22 33.42 -28.37
C LYS B 32 35.36 32.46 -27.55
N TYR B 33 35.82 32.10 -26.34
CA TYR B 33 35.06 31.23 -25.43
C TYR B 33 33.68 31.79 -25.07
N LEU B 34 33.67 32.92 -24.35
CA LEU B 34 32.43 33.50 -23.78
C LEU B 34 31.39 33.92 -24.82
N LYS B 35 31.83 34.49 -25.94
CA LYS B 35 30.93 34.86 -27.04
C LYS B 35 30.29 33.62 -27.69
N SER B 36 31.10 32.60 -27.98
CA SER B 36 30.61 31.33 -28.55
C SER B 36 29.68 30.55 -27.60
N VAL B 37 29.92 30.66 -26.29
CA VAL B 37 29.02 30.10 -25.28
C VAL B 37 27.68 30.85 -25.25
N LEU B 38 27.72 32.18 -25.28
CA LEU B 38 26.51 33.01 -25.35
C LEU B 38 25.70 32.80 -26.64
N ARG B 39 26.39 32.64 -27.77
CA ARG B 39 25.74 32.28 -29.04
C ARG B 39 24.99 30.95 -28.93
N GLU B 40 25.68 29.94 -28.40
CA GLU B 40 25.13 28.59 -28.24
C GLU B 40 23.97 28.55 -27.23
N LEU B 41 24.12 29.26 -26.11
CA LEU B 41 23.13 29.22 -25.02
C LEU B 41 21.78 29.81 -25.42
N VAL B 42 21.81 31.01 -25.99
CA VAL B 42 20.58 31.74 -26.33
C VAL B 42 19.76 30.94 -27.35
N THR B 43 20.43 30.43 -28.39
CA THR B 43 19.78 29.61 -29.42
C THR B 43 19.20 28.30 -28.86
N TYR B 44 19.94 27.69 -27.93
CA TYR B 44 19.46 26.48 -27.23
C TYR B 44 18.24 26.76 -26.35
N LEU B 45 18.24 27.88 -25.63
CA LEU B 45 17.10 28.26 -24.79
C LEU B 45 15.83 28.51 -25.60
N LEU B 46 15.96 29.15 -26.76
CA LEU B 46 14.83 29.35 -27.67
C LEU B 46 14.31 28.01 -28.20
N PHE B 47 15.22 27.13 -28.58
CA PHE B 47 14.90 25.76 -29.01
C PHE B 47 14.15 24.96 -27.95
N LEU B 48 14.56 25.12 -26.68
CA LEU B 48 13.87 24.52 -25.54
C LEU B 48 12.46 25.08 -25.37
N ILE B 49 12.33 26.41 -25.42
CA ILE B 49 11.03 27.08 -25.28
C ILE B 49 10.06 26.65 -26.38
N VAL B 50 10.53 26.61 -27.62
CA VAL B 50 9.74 26.10 -28.74
C VAL B 50 9.33 24.65 -28.48
N LEU B 51 10.27 23.82 -28.00
CA LEU B 51 9.97 22.42 -27.68
C LEU B 51 8.90 22.28 -26.58
N CYS B 52 9.00 23.11 -25.53
CA CYS B 52 7.98 23.13 -24.47
C CYS B 52 6.61 23.64 -24.95
N ILE B 53 6.59 24.52 -25.95
CA ILE B 53 5.34 24.96 -26.58
C ILE B 53 4.70 23.84 -27.39
N LEU B 54 5.50 23.01 -28.05
CA LEU B 54 4.98 21.83 -28.76
C LEU B 54 4.33 20.83 -27.82
N THR B 55 4.95 20.58 -26.68
CA THR B 55 4.44 19.63 -25.68
C THR B 55 3.14 20.12 -25.02
N TYR B 56 3.09 21.42 -24.71
CA TYR B 56 1.88 22.06 -24.19
C TYR B 56 0.71 21.97 -25.19
N GLY B 57 1.03 22.09 -26.48
CA GLY B 57 0.03 21.95 -27.54
C GLY B 57 -0.50 20.54 -27.76
N MET B 58 0.39 19.54 -27.66
CA MET B 58 0.03 18.13 -27.81
C MET B 58 -0.95 17.63 -26.73
N MET B 59 -0.69 18.03 -25.49
CA MET B 59 -1.44 17.54 -24.32
C MET B 59 -2.34 18.63 -23.74
N SER B 60 -3.66 18.52 -23.99
CA SER B 60 -4.67 19.37 -23.35
C SER B 60 -5.04 18.74 -22.00
N SER B 61 -5.24 19.56 -20.97
CA SER B 61 -5.44 19.08 -19.58
C SER B 61 -6.79 18.41 -19.30
N ASN B 62 -7.74 18.55 -20.23
CA ASN B 62 -9.03 17.89 -20.15
C ASN B 62 -8.90 16.40 -20.49
N VAL B 63 -7.99 16.10 -21.41
CA VAL B 63 -7.86 14.77 -22.04
C VAL B 63 -8.00 13.62 -21.06
N TYR B 64 -7.37 13.74 -19.88
CA TYR B 64 -7.47 12.66 -18.91
C TYR B 64 -8.94 12.34 -18.65
N TYR B 65 -9.72 13.36 -18.29
CA TYR B 65 -11.11 13.12 -17.93
C TYR B 65 -11.93 12.56 -19.09
N TYR B 66 -11.56 12.93 -20.31
CA TYR B 66 -12.19 12.37 -21.50
C TYR B 66 -12.07 10.85 -21.57
N THR B 67 -10.85 10.35 -21.42
CA THR B 67 -10.58 8.92 -21.50
C THR B 67 -11.12 8.17 -20.29
N ARG B 68 -11.07 8.83 -19.13
CA ARG B 68 -11.58 8.25 -17.90
C ARG B 68 -13.06 7.93 -18.02
N MET B 69 -13.85 8.84 -18.57
CA MET B 69 -15.29 8.62 -18.71
C MET B 69 -15.60 7.49 -19.67
N MET B 70 -14.86 7.41 -20.77
CA MET B 70 -14.99 6.32 -21.71
C MET B 70 -14.67 4.97 -21.07
N SER B 71 -13.60 4.91 -20.28
CA SER B 71 -13.20 3.67 -19.61
C SER B 71 -14.25 3.20 -18.59
N GLN B 72 -14.75 4.14 -17.80
CA GLN B 72 -15.82 3.88 -16.82
C GLN B 72 -17.04 3.25 -17.47
N LEU B 73 -17.43 3.76 -18.63
CA LEU B 73 -18.58 3.24 -19.36
C LEU B 73 -18.45 1.76 -19.73
N PHE B 74 -17.30 1.37 -20.27
CA PHE B 74 -17.14 0.04 -20.86
C PHE B 74 -16.46 -0.97 -19.95
N LEU B 75 -15.42 -0.54 -19.23
CA LEU B 75 -14.68 -1.46 -18.39
C LEU B 75 -15.37 -1.71 -17.05
N ASP B 76 -15.57 -0.63 -16.28
CA ASP B 76 -15.93 -0.74 -14.87
C ASP B 76 -17.38 -1.17 -14.60
N THR B 77 -18.31 -0.79 -15.48
CA THR B 77 -19.74 -1.07 -15.28
C THR B 77 -20.04 -2.57 -15.19
N PRO B 78 -21.15 -2.93 -14.51
CA PRO B 78 -21.54 -4.33 -14.45
C PRO B 78 -22.04 -4.86 -15.79
N VAL B 79 -21.91 -6.17 -15.98
CA VAL B 79 -22.28 -6.84 -17.23
C VAL B 79 -23.80 -6.82 -17.43
N SER B 80 -24.53 -7.50 -16.54
CA SER B 80 -25.98 -7.46 -16.51
C SER B 80 -26.43 -6.65 -15.29
N LYS B 81 -27.74 -6.46 -15.15
CA LYS B 81 -28.29 -5.64 -14.07
C LYS B 81 -28.24 -6.33 -12.69
N THR B 82 -28.34 -7.66 -12.68
CA THR B 82 -28.52 -8.43 -11.44
C THR B 82 -27.33 -9.35 -11.13
N GLU B 83 -26.11 -8.82 -11.23
CA GLU B 83 -24.90 -9.57 -10.86
C GLU B 83 -23.71 -8.64 -10.62
N LYS B 84 -22.63 -9.21 -10.08
CA LYS B 84 -21.45 -8.47 -9.63
C LYS B 84 -20.43 -8.17 -10.73
N THR B 85 -20.24 -9.11 -11.65
CA THR B 85 -19.11 -9.10 -12.61
C THR B 85 -19.10 -7.92 -13.60
N ASN B 86 -17.91 -7.55 -14.05
CA ASN B 86 -17.67 -6.44 -15.00
C ASN B 86 -16.81 -6.93 -16.17
N PHE B 87 -16.35 -6.03 -17.04
CA PHE B 87 -15.43 -6.41 -18.12
C PHE B 87 -14.06 -6.81 -17.61
N LYS B 88 -13.51 -6.04 -16.66
CA LYS B 88 -12.17 -6.28 -16.13
C LYS B 88 -11.93 -7.71 -15.66
N THR B 89 -12.96 -8.35 -15.10
CA THR B 89 -12.85 -9.72 -14.60
C THR B 89 -13.85 -10.65 -15.30
N LEU B 90 -13.79 -10.68 -16.64
CA LEU B 90 -14.49 -11.69 -17.42
C LEU B 90 -13.76 -13.00 -17.23
N SER B 91 -14.47 -14.00 -16.73
CA SER B 91 -13.89 -15.32 -16.47
C SER B 91 -14.26 -16.33 -17.56
N SER B 92 -15.54 -16.41 -17.89
CA SER B 92 -16.07 -17.42 -18.82
C SER B 92 -16.39 -16.84 -20.20
N MET B 93 -16.63 -17.75 -21.14
CA MET B 93 -17.17 -17.39 -22.46
C MET B 93 -18.61 -16.89 -22.34
N GLU B 94 -19.37 -17.55 -21.48
CA GLU B 94 -20.74 -17.12 -21.15
C GLU B 94 -20.74 -15.66 -20.68
N ASP B 95 -19.82 -15.33 -19.79
CA ASP B 95 -19.65 -13.95 -19.30
C ASP B 95 -19.39 -12.96 -20.43
N PHE B 96 -18.45 -13.29 -21.32
CA PHE B 96 -18.17 -12.45 -22.49
C PHE B 96 -19.42 -12.25 -23.34
N TRP B 97 -20.18 -13.33 -23.54
CA TRP B 97 -21.43 -13.24 -24.29
C TRP B 97 -22.46 -12.33 -23.64
N LYS B 98 -22.52 -12.33 -22.31
CA LYS B 98 -23.39 -11.41 -21.58
C LYS B 98 -22.98 -9.95 -21.78
N PHE B 99 -21.67 -9.69 -21.78
CA PHE B 99 -21.15 -8.33 -22.00
C PHE B 99 -21.50 -7.76 -23.38
N THR B 100 -21.27 -8.55 -24.43
CA THR B 100 -21.56 -8.13 -25.81
C THR B 100 -23.04 -7.86 -26.07
N GLU B 101 -23.90 -8.63 -25.41
CA GLU B 101 -25.35 -8.55 -25.59
C GLU B 101 -26.00 -7.41 -24.78
N GLY B 102 -25.51 -7.21 -23.55
CA GLY B 102 -26.03 -6.18 -22.63
C GLY B 102 -25.23 -4.89 -22.62
N SER B 103 -24.21 -4.84 -21.76
CA SER B 103 -23.51 -3.58 -21.43
C SER B 103 -22.62 -2.97 -22.51
N LEU B 104 -22.16 -3.77 -23.47
CA LEU B 104 -21.46 -3.24 -24.65
C LEU B 104 -22.39 -2.33 -25.44
N LEU B 105 -23.59 -2.83 -25.73
CA LEU B 105 -24.56 -2.09 -26.53
C LEU B 105 -25.15 -0.91 -25.77
N ASP B 106 -25.51 -1.13 -24.50
CA ASP B 106 -26.05 -0.07 -23.65
C ASP B 106 -25.02 1.04 -23.33
N GLY B 107 -23.75 0.81 -23.65
CA GLY B 107 -22.76 1.87 -23.75
C GLY B 107 -22.77 2.60 -25.09
N LEU B 108 -22.78 1.84 -26.19
CA LEU B 108 -22.67 2.41 -27.54
C LEU B 108 -23.92 3.16 -28.02
N TYR B 109 -25.09 2.57 -27.78
CA TYR B 109 -26.35 3.08 -28.32
C TYR B 109 -27.21 3.74 -27.24
N TRP B 110 -27.37 5.06 -27.34
CA TRP B 110 -28.15 5.84 -26.39
C TRP B 110 -29.43 6.28 -27.09
N LYS B 111 -30.54 6.22 -26.36
CA LYS B 111 -31.86 6.60 -26.90
C LYS B 111 -31.85 8.06 -27.32
N MET B 112 -32.20 8.32 -28.58
CA MET B 112 -32.13 9.67 -29.18
C MET B 112 -32.88 10.73 -28.36
N GLN B 113 -32.28 11.91 -28.23
CA GLN B 113 -32.87 13.02 -27.46
C GLN B 113 -34.10 13.61 -28.18
N PRO B 114 -35.19 13.88 -27.42
CA PRO B 114 -36.42 14.39 -28.05
C PRO B 114 -36.33 15.88 -28.40
N ASP B 121 -33.24 12.25 -39.07
CA ASP B 121 -32.16 11.30 -38.84
C ASP B 121 -32.26 10.61 -37.48
N ASN B 122 -31.45 9.57 -37.29
CA ASN B 122 -31.41 8.79 -36.06
C ASN B 122 -29.96 8.40 -35.73
N ARG B 123 -29.09 9.41 -35.67
CA ARG B 123 -27.66 9.21 -35.41
C ARG B 123 -27.42 9.15 -33.89
N SER B 124 -26.62 8.18 -33.45
CA SER B 124 -26.38 7.91 -32.02
C SER B 124 -25.18 8.67 -31.45
N PHE B 125 -25.31 9.09 -30.19
CA PHE B 125 -24.25 9.76 -29.45
C PHE B 125 -23.85 8.95 -28.20
N ILE B 126 -22.68 9.28 -27.66
CA ILE B 126 -22.24 8.82 -26.35
C ILE B 126 -22.27 10.04 -25.41
N PHE B 127 -22.78 9.85 -24.19
CA PHE B 127 -22.97 10.93 -23.20
C PHE B 127 -23.71 12.17 -23.70
N TYR B 128 -24.36 12.08 -24.86
CA TYR B 128 -24.82 13.24 -25.65
C TYR B 128 -23.68 14.02 -26.35
N GLU B 129 -22.62 14.37 -25.63
CA GLU B 129 -21.52 15.19 -26.18
C GLU B 129 -20.61 14.50 -27.21
N ASN B 130 -20.40 13.18 -27.08
CA ASN B 130 -19.54 12.41 -28.01
C ASN B 130 -20.34 11.74 -29.12
N LEU B 131 -19.69 11.56 -30.26
CA LEU B 131 -20.31 10.99 -31.47
C LEU B 131 -19.71 9.63 -31.79
N LEU B 132 -20.57 8.62 -31.91
CA LEU B 132 -20.16 7.32 -32.44
C LEU B 132 -19.94 7.45 -33.93
N LEU B 133 -18.73 7.11 -34.38
CA LEU B 133 -18.40 7.14 -35.80
C LEU B 133 -18.81 5.86 -36.47
N GLY B 134 -19.70 5.97 -37.46
CA GLY B 134 -20.14 4.86 -38.25
C GLY B 134 -20.64 3.72 -37.38
N VAL B 135 -19.84 2.66 -37.27
CA VAL B 135 -20.23 1.44 -36.56
C VAL B 135 -19.05 0.74 -35.90
N PRO B 136 -19.33 -0.18 -34.95
CA PRO B 136 -18.30 -1.06 -34.42
C PRO B 136 -18.02 -2.27 -35.29
N ARG B 137 -17.01 -3.03 -34.89
CA ARG B 137 -16.58 -4.24 -35.58
C ARG B 137 -16.19 -5.31 -34.56
N ILE B 138 -16.69 -6.52 -34.76
CA ILE B 138 -16.27 -7.66 -33.96
C ILE B 138 -15.42 -8.56 -34.84
N ARG B 139 -14.14 -8.65 -34.51
CA ARG B 139 -13.19 -9.50 -35.23
C ARG B 139 -12.81 -10.69 -34.38
N GLN B 140 -12.45 -11.79 -35.03
CA GLN B 140 -12.11 -13.04 -34.37
C GLN B 140 -11.05 -13.79 -35.14
N LEU B 141 -10.11 -14.41 -34.42
CA LEU B 141 -9.17 -15.36 -35.03
C LEU B 141 -9.50 -16.74 -34.51
N ARG B 142 -9.04 -17.76 -35.24
CA ARG B 142 -9.27 -19.14 -34.84
C ARG B 142 -8.18 -20.09 -35.36
N VAL B 143 -8.00 -21.18 -34.63
CA VAL B 143 -6.95 -22.17 -34.87
C VAL B 143 -7.58 -23.50 -35.34
N ARG B 144 -6.85 -24.25 -36.18
CA ARG B 144 -7.36 -25.49 -36.79
C ARG B 144 -7.64 -26.61 -35.78
N ASN B 145 -8.42 -27.59 -36.22
CA ASN B 145 -8.64 -28.82 -35.48
C ASN B 145 -7.38 -29.70 -35.59
N GLY B 146 -6.91 -30.21 -34.46
CA GLY B 146 -5.74 -31.10 -34.41
C GLY B 146 -4.44 -30.46 -34.87
N SER B 147 -4.24 -29.21 -34.48
CA SER B 147 -3.05 -28.45 -34.88
C SER B 147 -1.77 -28.87 -34.16
N CYS B 148 -1.91 -29.54 -33.01
CA CYS B 148 -0.78 -30.14 -32.29
C CYS B 148 -1.18 -31.56 -31.83
N SER B 149 -0.23 -32.49 -31.92
CA SER B 149 -0.51 -33.92 -31.73
C SER B 149 -0.65 -34.29 -30.25
N ILE B 150 -1.56 -35.22 -29.97
CA ILE B 150 -1.90 -35.66 -28.62
C ILE B 150 -1.05 -36.91 -28.30
N PRO B 151 -0.62 -37.08 -27.03
CA PRO B 151 0.09 -38.33 -26.68
C PRO B 151 -0.79 -39.59 -26.79
N GLN B 152 -0.19 -40.70 -27.21
CA GLN B 152 -0.94 -41.95 -27.47
C GLN B 152 -1.50 -42.66 -26.22
N ASP B 153 -1.06 -42.25 -25.03
CA ASP B 153 -1.58 -42.80 -23.77
C ASP B 153 -3.05 -42.47 -23.56
N LEU B 154 -3.42 -41.21 -23.82
CA LEU B 154 -4.81 -40.75 -23.75
C LEU B 154 -5.41 -40.52 -25.14
N ARG B 155 -5.46 -41.60 -25.94
CA ARG B 155 -6.16 -41.60 -27.24
C ARG B 155 -7.57 -42.19 -27.16
N ASP B 156 -7.92 -42.77 -26.01
CA ASP B 156 -9.27 -43.27 -25.77
C ASP B 156 -10.26 -42.12 -25.53
N GLU B 157 -9.92 -41.23 -24.61
CA GLU B 157 -10.82 -40.15 -24.17
C GLU B 157 -10.82 -38.94 -25.10
N ILE B 158 -9.64 -38.37 -25.35
CA ILE B 158 -9.48 -37.12 -26.11
C ILE B 158 -9.45 -37.41 -27.61
N LYS B 159 -10.39 -36.83 -28.35
CA LYS B 159 -10.47 -36.95 -29.82
C LYS B 159 -10.29 -35.59 -30.54
N GLU B 160 -9.77 -34.60 -29.84
CA GLU B 160 -9.62 -33.24 -30.40
C GLU B 160 -8.58 -32.41 -29.65
N CYS B 161 -8.01 -31.42 -30.33
CA CYS B 161 -7.01 -30.54 -29.74
C CYS B 161 -6.83 -29.26 -30.56
N TYR B 162 -6.48 -28.17 -29.86
CA TYR B 162 -6.19 -26.87 -30.48
C TYR B 162 -5.06 -26.24 -29.68
N ASP B 163 -3.94 -25.91 -30.33
CA ASP B 163 -2.79 -25.32 -29.63
C ASP B 163 -2.80 -23.78 -29.65
N VAL B 164 -1.80 -23.17 -29.02
CA VAL B 164 -1.79 -21.73 -28.77
C VAL B 164 -1.45 -21.00 -30.07
N TYR B 165 -1.96 -19.78 -30.21
CA TYR B 165 -1.87 -19.01 -31.45
C TYR B 165 -0.47 -18.91 -32.07
N SER B 166 -0.41 -19.19 -33.36
CA SER B 166 0.73 -18.88 -34.22
C SER B 166 0.22 -18.78 -35.66
N VAL B 167 0.97 -18.09 -36.52
CA VAL B 167 0.53 -17.82 -37.90
C VAL B 167 0.47 -19.11 -38.73
N SER B 168 1.36 -20.06 -38.43
CA SER B 168 1.36 -21.38 -39.07
C SER B 168 0.08 -22.16 -38.80
N SER B 169 -0.37 -22.16 -37.55
CA SER B 169 -1.51 -22.96 -37.11
C SER B 169 -2.90 -22.31 -37.28
N GLU B 170 -2.93 -21.02 -37.66
CA GLU B 170 -4.19 -20.28 -37.86
C GLU B 170 -5.05 -20.92 -38.97
N ASP B 171 -6.36 -20.99 -38.73
CA ASP B 171 -7.29 -21.65 -39.67
C ASP B 171 -7.65 -20.73 -40.83
N ARG B 172 -7.57 -21.26 -42.05
CA ARG B 172 -8.01 -20.57 -43.26
C ARG B 172 -9.41 -21.00 -43.70
N ALA B 173 -9.80 -22.24 -43.41
CA ALA B 173 -11.01 -22.85 -43.97
C ALA B 173 -12.31 -22.21 -43.47
N PRO B 174 -13.45 -22.48 -44.16
CA PRO B 174 -14.77 -22.01 -43.67
C PRO B 174 -15.25 -22.68 -42.37
N PHE B 175 -16.47 -22.34 -41.95
CA PHE B 175 -16.94 -22.58 -40.59
C PHE B 175 -18.46 -22.50 -40.51
N GLY B 176 -19.09 -23.50 -39.89
CA GLY B 176 -20.54 -23.49 -39.64
C GLY B 176 -21.39 -23.20 -40.88
N PRO B 177 -22.42 -22.33 -40.76
CA PRO B 177 -23.13 -21.80 -41.95
C PRO B 177 -22.24 -20.95 -42.87
N ARG B 178 -22.26 -21.26 -44.16
CA ARG B 178 -21.41 -20.59 -45.16
C ARG B 178 -22.17 -19.38 -45.70
N ASN B 179 -22.07 -18.26 -44.97
CA ASN B 179 -23.05 -17.19 -45.09
C ASN B 179 -22.41 -15.83 -44.79
N GLY B 180 -22.25 -14.99 -45.81
CA GLY B 180 -21.72 -13.64 -45.64
C GLY B 180 -20.24 -13.59 -45.28
N THR B 181 -19.76 -12.38 -44.98
CA THR B 181 -18.34 -12.14 -44.66
C THR B 181 -17.94 -12.61 -43.26
N ALA B 182 -18.92 -12.75 -42.36
CA ALA B 182 -18.65 -13.03 -40.95
C ALA B 182 -17.97 -14.37 -40.67
N TRP B 183 -18.18 -15.36 -41.54
CA TRP B 183 -17.69 -16.73 -41.30
C TRP B 183 -16.51 -17.16 -42.18
N ILE B 184 -16.31 -16.51 -43.33
CA ILE B 184 -15.21 -16.83 -44.26
C ILE B 184 -13.96 -16.04 -43.87
N TYR B 185 -12.79 -16.68 -43.99
CA TYR B 185 -11.51 -16.05 -43.68
C TYR B 185 -11.15 -14.97 -44.72
N THR B 186 -10.47 -13.91 -44.27
CA THR B 186 -9.90 -12.89 -45.15
C THR B 186 -8.50 -12.51 -44.65
N SER B 187 -7.54 -12.38 -45.56
CA SER B 187 -6.13 -12.17 -45.20
C SER B 187 -5.84 -10.73 -44.79
N GLU B 188 -4.66 -10.50 -44.22
CA GLU B 188 -4.26 -9.19 -43.67
C GLU B 188 -3.99 -8.12 -44.74
N LYS B 189 -3.60 -8.54 -45.95
CA LYS B 189 -3.45 -7.63 -47.11
C LYS B 189 -4.78 -7.34 -47.83
N ASP B 190 -5.74 -8.28 -47.73
CA ASP B 190 -7.08 -8.10 -48.27
C ASP B 190 -7.83 -7.04 -47.45
N LEU B 191 -7.85 -7.21 -46.12
CA LEU B 191 -8.30 -6.15 -45.20
C LEU B 191 -7.25 -5.06 -45.12
N ASN B 192 -7.61 -3.97 -44.45
CA ASN B 192 -6.69 -2.87 -44.20
C ASN B 192 -6.14 -2.90 -42.77
N GLY B 193 -6.12 -4.09 -42.15
CA GLY B 193 -5.77 -4.25 -40.73
C GLY B 193 -4.33 -4.69 -40.51
N SER B 194 -3.78 -4.31 -39.35
CA SER B 194 -2.39 -4.62 -38.97
C SER B 194 -2.34 -5.62 -37.80
N SER B 195 -1.13 -5.99 -37.40
CA SER B 195 -0.90 -6.85 -36.24
C SER B 195 -0.93 -6.04 -34.94
N HIS B 196 -1.46 -6.64 -33.88
CA HIS B 196 -1.56 -6.04 -32.55
C HIS B 196 -0.72 -6.84 -31.57
N TRP B 197 -0.02 -6.15 -30.66
CA TRP B 197 0.77 -6.81 -29.63
C TRP B 197 -0.11 -7.08 -28.40
N GLY B 198 -0.69 -8.28 -28.38
CA GLY B 198 -1.54 -8.72 -27.27
C GLY B 198 -0.74 -9.15 -26.05
N ILE B 199 -1.42 -9.77 -25.09
CA ILE B 199 -0.83 -10.00 -23.78
C ILE B 199 -0.07 -11.31 -23.75
N ILE B 200 -0.76 -12.41 -24.01
CA ILE B 200 -0.14 -13.73 -23.99
C ILE B 200 0.63 -14.04 -25.27
N ALA B 201 0.17 -13.51 -26.40
CA ALA B 201 0.85 -13.70 -27.67
C ALA B 201 0.42 -12.66 -28.71
N THR B 202 1.31 -12.36 -29.65
CA THR B 202 1.03 -11.41 -30.74
C THR B 202 0.00 -11.97 -31.74
N TYR B 203 -1.05 -11.20 -31.99
CA TYR B 203 -2.12 -11.61 -32.88
C TYR B 203 -2.05 -10.80 -34.15
N SER B 204 -2.00 -11.50 -35.28
CA SER B 204 -1.69 -10.91 -36.57
C SER B 204 -2.94 -10.69 -37.41
N GLY B 205 -2.95 -9.57 -38.12
CA GLY B 205 -3.97 -9.26 -39.12
C GLY B 205 -5.38 -9.62 -38.71
N ALA B 206 -6.02 -10.46 -39.51
CA ALA B 206 -7.44 -10.76 -39.35
C ALA B 206 -7.79 -12.13 -39.90
N GLY B 207 -9.03 -12.52 -39.65
CA GLY B 207 -9.59 -13.76 -40.19
C GLY B 207 -11.09 -13.65 -40.42
N TYR B 208 -11.85 -13.70 -39.33
CA TYR B 208 -13.32 -13.70 -39.40
C TYR B 208 -13.84 -12.47 -38.69
N TYR B 209 -14.77 -11.76 -39.32
CA TYR B 209 -15.23 -10.49 -38.78
C TYR B 209 -16.65 -10.11 -39.24
N LEU B 210 -17.41 -9.55 -38.29
CA LEU B 210 -18.72 -8.98 -38.58
C LEU B 210 -18.71 -7.49 -38.31
N ASP B 211 -19.24 -6.72 -39.26
CA ASP B 211 -19.50 -5.29 -39.07
C ASP B 211 -20.89 -5.12 -38.46
N LEU B 212 -20.96 -4.44 -37.32
CA LEU B 212 -22.21 -4.21 -36.61
C LEU B 212 -23.04 -3.14 -37.30
N SER B 213 -24.33 -3.08 -36.94
CA SER B 213 -25.26 -2.11 -37.50
C SER B 213 -25.16 -0.73 -36.84
N ARG B 214 -25.73 0.27 -37.50
CA ARG B 214 -25.77 1.65 -37.00
C ARG B 214 -26.87 1.85 -35.95
N THR B 215 -27.95 1.06 -36.05
CA THR B 215 -29.03 1.05 -35.05
C THR B 215 -28.82 -0.03 -34.00
N ARG B 216 -29.50 0.12 -32.87
CA ARG B 216 -29.33 -0.78 -31.74
C ARG B 216 -30.01 -2.13 -31.95
N GLU B 217 -31.26 -2.11 -32.41
CA GLU B 217 -32.08 -3.32 -32.48
C GLU B 217 -31.60 -4.35 -33.51
N GLU B 218 -31.00 -3.88 -34.60
CA GLU B 218 -30.39 -4.77 -35.61
C GLU B 218 -29.12 -5.46 -35.11
N THR B 219 -28.30 -4.70 -34.37
CA THR B 219 -27.06 -5.21 -33.73
C THR B 219 -27.34 -6.38 -32.80
N ALA B 220 -28.28 -6.17 -31.88
CA ALA B 220 -28.68 -7.19 -30.90
C ALA B 220 -29.23 -8.46 -31.55
N ALA B 221 -29.91 -8.31 -32.69
CA ALA B 221 -30.36 -9.45 -33.49
C ALA B 221 -29.19 -10.21 -34.12
N GLN B 222 -28.19 -9.47 -34.62
CA GLN B 222 -26.98 -10.09 -35.20
C GLN B 222 -26.11 -10.81 -34.15
N VAL B 223 -25.95 -10.19 -32.98
CA VAL B 223 -25.23 -10.80 -31.84
C VAL B 223 -25.96 -12.05 -31.33
N ALA B 224 -27.29 -12.00 -31.27
CA ALA B 224 -28.11 -13.15 -30.88
C ALA B 224 -27.98 -14.32 -31.87
N SER B 225 -27.89 -14.00 -33.17
CA SER B 225 -27.72 -15.02 -34.21
C SER B 225 -26.34 -15.68 -34.17
N LEU B 226 -25.31 -14.90 -33.83
CA LEU B 226 -23.96 -15.43 -33.59
C LEU B 226 -23.92 -16.39 -32.41
N LYS B 227 -24.55 -15.98 -31.31
CA LYS B 227 -24.64 -16.79 -30.09
C LYS B 227 -25.41 -18.11 -30.31
N LYS B 228 -26.46 -18.05 -31.12
CA LYS B 228 -27.29 -19.22 -31.46
C LYS B 228 -26.50 -20.30 -32.21
N ASN B 229 -25.74 -19.90 -33.23
CA ASN B 229 -24.98 -20.82 -34.08
C ASN B 229 -23.54 -21.11 -33.62
N VAL B 230 -23.16 -20.59 -32.45
CA VAL B 230 -21.85 -20.88 -31.84
C VAL B 230 -20.70 -20.46 -32.74
N TRP B 231 -20.69 -19.17 -33.06
CA TRP B 231 -19.59 -18.53 -33.77
C TRP B 231 -18.32 -18.45 -32.91
N LEU B 232 -18.54 -18.37 -31.61
CA LEU B 232 -17.49 -18.26 -30.62
C LEU B 232 -17.44 -19.59 -29.86
N ASP B 233 -16.30 -20.29 -29.97
CA ASP B 233 -16.16 -21.68 -29.49
C ASP B 233 -14.74 -22.00 -29.01
N ARG B 234 -14.53 -23.25 -28.59
CA ARG B 234 -13.20 -23.77 -28.29
C ARG B 234 -12.38 -23.79 -29.58
N GLY B 235 -11.15 -23.28 -29.50
CA GLY B 235 -10.31 -23.07 -30.67
C GLY B 235 -10.15 -21.59 -31.02
N THR B 236 -11.17 -20.79 -30.69
CA THR B 236 -11.09 -19.34 -30.84
C THR B 236 -10.07 -18.75 -29.87
N ARG B 237 -9.25 -17.83 -30.36
CA ARG B 237 -8.15 -17.29 -29.58
C ARG B 237 -8.30 -15.82 -29.29
N ALA B 238 -8.19 -14.98 -30.32
CA ALA B 238 -8.26 -13.52 -30.11
C ALA B 238 -9.59 -12.97 -30.65
N THR B 239 -10.18 -12.07 -29.88
CA THR B 239 -11.44 -11.42 -30.25
C THR B 239 -11.29 -9.94 -29.98
N PHE B 240 -11.52 -9.13 -31.00
CA PHE B 240 -11.46 -7.69 -30.89
C PHE B 240 -12.83 -7.09 -31.08
N ILE B 241 -13.22 -6.19 -30.18
CA ILE B 241 -14.36 -5.34 -30.41
C ILE B 241 -13.78 -3.96 -30.57
N ASP B 242 -13.82 -3.46 -31.81
CA ASP B 242 -13.28 -2.15 -32.17
C ASP B 242 -14.39 -1.19 -32.57
N PHE B 243 -14.16 0.09 -32.32
CA PHE B 243 -14.99 1.17 -32.84
C PHE B 243 -14.27 2.49 -32.58
N SER B 244 -14.93 3.59 -32.87
CA SER B 244 -14.37 4.89 -32.58
C SER B 244 -15.41 5.93 -32.25
N VAL B 245 -14.97 6.98 -31.56
CA VAL B 245 -15.79 8.14 -31.23
C VAL B 245 -15.09 9.44 -31.57
N TYR B 246 -15.88 10.49 -31.73
CA TYR B 246 -15.39 11.83 -31.95
C TYR B 246 -16.17 12.81 -31.06
N ASN B 247 -15.44 13.63 -30.31
CA ASN B 247 -16.02 14.70 -29.52
C ASN B 247 -15.97 16.00 -30.33
N ALA B 248 -17.15 16.55 -30.63
CA ALA B 248 -17.25 17.85 -31.32
C ALA B 248 -16.73 18.99 -30.44
N ASN B 249 -17.02 18.91 -29.14
CA ASN B 249 -16.83 20.03 -28.21
C ASN B 249 -15.39 20.48 -28.08
N ILE B 250 -14.46 19.53 -27.97
CA ILE B 250 -13.03 19.84 -27.86
C ILE B 250 -12.20 19.42 -29.07
N ASN B 251 -12.87 18.96 -30.13
CA ASN B 251 -12.22 18.51 -31.36
C ASN B 251 -11.17 17.42 -31.06
N LEU B 252 -11.65 16.21 -30.82
CA LEU B 252 -10.79 15.12 -30.38
C LEU B 252 -11.41 13.76 -30.69
N PHE B 253 -10.80 13.05 -31.65
CA PHE B 253 -11.18 11.69 -31.96
C PHE B 253 -10.59 10.77 -30.91
N CYS B 254 -11.17 9.57 -30.82
CA CYS B 254 -10.64 8.54 -29.94
C CYS B 254 -11.09 7.17 -30.38
N VAL B 255 -10.14 6.24 -30.38
CA VAL B 255 -10.39 4.88 -30.79
C VAL B 255 -10.51 3.99 -29.56
N VAL B 256 -11.14 2.83 -29.77
CA VAL B 256 -11.34 1.85 -28.73
C VAL B 256 -10.95 0.49 -29.31
N ARG B 257 -10.22 -0.30 -28.52
CA ARG B 257 -9.78 -1.64 -28.91
C ARG B 257 -9.94 -2.61 -27.75
N LEU B 258 -11.14 -3.19 -27.65
CA LEU B 258 -11.41 -4.19 -26.62
C LEU B 258 -10.96 -5.56 -27.08
N LEU B 259 -9.73 -5.91 -26.69
CA LEU B 259 -9.19 -7.24 -26.96
C LEU B 259 -9.56 -8.20 -25.84
N VAL B 260 -10.08 -9.35 -26.21
CA VAL B 260 -10.39 -10.42 -25.26
C VAL B 260 -9.64 -11.68 -25.71
N GLU B 261 -8.51 -11.95 -25.07
CA GLU B 261 -7.70 -13.14 -25.38
C GLU B 261 -8.27 -14.38 -24.73
N PHE B 262 -8.30 -15.47 -25.49
CA PHE B 262 -8.66 -16.77 -24.98
C PHE B 262 -7.38 -17.58 -25.02
N PRO B 263 -6.75 -17.80 -23.85
CA PRO B 263 -5.62 -18.72 -23.82
C PRO B 263 -6.10 -20.16 -23.95
N ALA B 264 -5.26 -21.01 -24.54
CA ALA B 264 -5.60 -22.42 -24.76
C ALA B 264 -5.89 -23.15 -23.46
N THR B 265 -5.25 -22.70 -22.38
CA THR B 265 -5.49 -23.20 -21.03
C THR B 265 -6.97 -23.46 -20.75
N GLY B 266 -7.82 -22.45 -20.95
CA GLY B 266 -9.27 -22.64 -20.82
C GLY B 266 -10.10 -21.38 -20.70
N GLY B 267 -9.75 -20.54 -19.74
CA GLY B 267 -10.55 -19.36 -19.40
C GLY B 267 -10.40 -18.19 -20.35
N VAL B 268 -10.39 -16.96 -19.81
CA VAL B 268 -10.37 -15.73 -20.61
C VAL B 268 -9.53 -14.65 -19.95
N ILE B 269 -8.84 -13.86 -20.77
CA ILE B 269 -8.07 -12.70 -20.31
C ILE B 269 -8.51 -11.47 -21.10
N PRO B 270 -8.80 -10.38 -20.40
CA PRO B 270 -9.16 -9.14 -21.07
C PRO B 270 -8.01 -8.14 -21.12
N SER B 271 -8.17 -7.14 -21.97
CA SER B 271 -7.37 -5.93 -21.95
C SER B 271 -8.17 -4.82 -22.61
N TRP B 272 -7.55 -3.65 -22.80
CA TRP B 272 -8.20 -2.54 -23.47
C TRP B 272 -7.18 -1.54 -23.97
N GLN B 273 -7.66 -0.56 -24.71
CA GLN B 273 -6.82 0.54 -25.16
C GLN B 273 -7.73 1.70 -25.55
N PHE B 274 -7.50 2.85 -24.92
CA PHE B 274 -8.24 4.06 -25.21
C PHE B 274 -7.26 5.15 -25.61
N GLN B 275 -7.05 5.28 -26.91
CA GLN B 275 -6.12 6.26 -27.45
C GLN B 275 -6.89 7.46 -28.00
N PRO B 276 -6.77 8.63 -27.34
CA PRO B 276 -7.25 9.86 -27.96
C PRO B 276 -6.34 10.31 -29.09
N LEU B 277 -6.83 11.25 -29.89
CA LEU B 277 -6.18 11.57 -31.15
C LEU B 277 -6.67 12.90 -31.74
N LYS B 278 -5.80 13.91 -31.73
CA LYS B 278 -6.04 15.16 -32.48
C LYS B 278 -5.77 14.88 -33.95
N LEU B 279 -6.84 14.54 -34.68
CA LEU B 279 -6.72 14.15 -36.08
C LEU B 279 -6.68 15.38 -36.99
N ILE B 280 -7.72 16.21 -36.90
CA ILE B 280 -7.81 17.44 -37.69
C ILE B 280 -7.14 18.54 -36.87
N ARG B 281 -6.48 19.48 -37.56
CA ARG B 281 -5.60 20.45 -36.91
C ARG B 281 -6.12 21.89 -36.99
N TYR B 282 -6.15 22.46 -38.19
CA TYR B 282 -6.33 23.91 -38.36
C TYR B 282 -7.77 24.36 -38.03
N VAL B 283 -7.93 25.05 -36.89
CA VAL B 283 -9.22 25.62 -36.47
C VAL B 283 -9.02 27.03 -35.87
N THR B 284 -8.48 27.11 -34.66
CA THR B 284 -8.37 28.39 -33.90
C THR B 284 -6.99 29.04 -34.07
N THR B 285 -6.81 30.21 -33.48
CA THR B 285 -5.51 30.91 -33.47
C THR B 285 -4.39 30.12 -32.76
N PHE B 286 -4.76 29.33 -31.76
CA PHE B 286 -3.82 28.47 -31.04
C PHE B 286 -3.15 27.42 -31.93
N ASP B 287 -3.90 26.89 -32.88
CA ASP B 287 -3.40 25.87 -33.83
C ASP B 287 -2.40 26.45 -34.83
N PHE B 288 -2.71 27.62 -35.39
CA PHE B 288 -1.78 28.36 -36.25
C PHE B 288 -0.46 28.64 -35.52
N PHE B 289 -0.57 29.05 -34.26
CA PHE B 289 0.61 29.29 -33.40
C PHE B 289 1.41 28.01 -33.19
N LEU B 290 0.72 26.90 -32.97
CA LEU B 290 1.36 25.58 -32.84
C LEU B 290 2.04 25.17 -34.15
N ALA B 291 1.37 25.41 -35.27
CA ALA B 291 1.92 25.11 -36.60
C ALA B 291 3.19 25.90 -36.90
N ALA B 292 3.19 27.18 -36.54
CA ALA B 292 4.36 28.06 -36.69
C ALA B 292 5.55 27.56 -35.87
N CYS B 293 5.30 27.15 -34.63
CA CYS B 293 6.33 26.60 -33.75
C CYS B 293 6.97 25.32 -34.31
N GLU B 294 6.14 24.44 -34.89
CA GLU B 294 6.61 23.20 -35.51
C GLU B 294 7.52 23.47 -36.71
N ILE B 295 7.17 24.49 -37.49
CA ILE B 295 7.99 24.93 -38.63
C ILE B 295 9.32 25.51 -38.11
N ILE B 296 9.27 26.32 -37.05
CA ILE B 296 10.47 26.90 -36.43
C ILE B 296 11.38 25.80 -35.86
N PHE B 297 10.79 24.82 -35.17
CA PHE B 297 11.51 23.63 -34.70
C PHE B 297 12.26 22.94 -35.84
N CYS B 298 11.62 22.83 -37.00
CA CYS B 298 12.26 22.26 -38.20
C CYS B 298 13.56 22.98 -38.60
N PHE B 299 13.52 24.31 -38.64
CA PHE B 299 14.71 25.12 -38.95
C PHE B 299 15.79 25.00 -37.86
N PHE B 300 15.36 24.94 -36.60
CA PHE B 300 16.29 24.70 -35.47
C PHE B 300 17.03 23.37 -35.63
N ILE B 301 16.28 22.31 -35.93
CA ILE B 301 16.87 20.98 -36.12
C ILE B 301 17.84 20.99 -37.30
N PHE B 302 17.41 21.59 -38.41
CA PHE B 302 18.26 21.77 -39.59
C PHE B 302 19.59 22.44 -39.21
N TYR B 303 19.54 23.52 -38.42
CA TYR B 303 20.74 24.23 -37.98
C TYR B 303 21.66 23.37 -37.11
N TYR B 304 21.09 22.60 -36.19
CA TYR B 304 21.87 21.66 -35.38
C TYR B 304 22.59 20.62 -36.25
N VAL B 305 21.86 20.05 -37.22
CA VAL B 305 22.43 19.04 -38.13
C VAL B 305 23.66 19.58 -38.87
N VAL B 306 23.55 20.82 -39.35
CA VAL B 306 24.68 21.49 -40.03
C VAL B 306 25.85 21.69 -39.05
N GLU B 307 25.54 22.14 -37.84
CA GLU B 307 26.53 22.42 -36.81
C GLU B 307 27.28 21.18 -36.33
N GLU B 308 26.56 20.06 -36.16
CA GLU B 308 27.18 18.79 -35.76
C GLU B 308 28.11 18.26 -36.85
N ILE B 309 27.61 18.18 -38.08
CA ILE B 309 28.34 17.55 -39.19
C ILE B 309 29.44 18.47 -39.76
N LEU B 310 29.32 19.79 -39.57
CA LEU B 310 30.45 20.71 -39.77
C LEU B 310 31.59 20.36 -38.81
N GLU B 311 31.26 20.08 -37.55
CA GLU B 311 32.25 19.66 -36.56
C GLU B 311 32.87 18.28 -36.83
N ILE B 312 32.12 17.39 -37.50
CA ILE B 312 32.65 16.10 -37.98
C ILE B 312 33.74 16.31 -39.05
N ARG B 313 33.52 17.26 -39.96
CA ARG B 313 34.53 17.62 -40.98
C ARG B 313 35.84 18.13 -40.35
N ILE B 314 35.73 18.87 -39.25
CA ILE B 314 36.89 19.38 -38.51
C ILE B 314 37.60 18.23 -37.79
N HIS B 315 36.93 17.65 -36.80
CA HIS B 315 37.48 16.53 -36.01
C HIS B 315 36.98 15.21 -36.61
N LYS B 316 37.85 14.51 -37.34
CA LYS B 316 37.45 13.31 -38.08
C LYS B 316 37.10 12.11 -37.17
N LEU B 317 37.95 11.84 -36.18
CA LEU B 317 37.76 10.70 -35.24
C LEU B 317 37.97 11.06 -33.75
N HIS B 318 37.94 12.35 -33.42
CA HIS B 318 38.14 12.84 -32.05
C HIS B 318 36.82 13.31 -31.39
N TYR B 319 35.72 13.19 -32.12
CA TYR B 319 34.43 13.82 -31.79
C TYR B 319 33.46 12.91 -31.03
N PHE B 320 33.51 11.61 -31.29
CA PHE B 320 32.55 10.65 -30.76
C PHE B 320 32.74 10.31 -29.26
N ARG B 321 33.92 10.59 -28.70
CA ARG B 321 34.24 10.22 -27.31
C ARG B 321 33.69 11.18 -26.23
N SER B 322 33.57 12.47 -26.56
CA SER B 322 33.02 13.47 -25.62
C SER B 322 31.52 13.25 -25.40
N PHE B 323 31.08 13.36 -24.15
CA PHE B 323 29.70 13.04 -23.77
C PHE B 323 28.66 14.01 -24.33
N TRP B 324 28.95 15.31 -24.25
CA TRP B 324 27.97 16.33 -24.59
C TRP B 324 27.65 16.36 -26.08
N ASN B 325 28.66 16.09 -26.89
CA ASN B 325 28.48 15.96 -28.33
C ASN B 325 27.63 14.73 -28.69
N CYS B 326 27.93 13.58 -28.07
CA CYS B 326 27.18 12.34 -28.28
C CYS B 326 25.69 12.52 -28.00
N LEU B 327 25.39 13.16 -26.87
CA LEU B 327 24.02 13.51 -26.49
C LEU B 327 23.33 14.37 -27.55
N ASP B 328 24.07 15.34 -28.09
CA ASP B 328 23.57 16.22 -29.15
C ASP B 328 23.17 15.46 -30.40
N VAL B 329 24.02 14.52 -30.82
CA VAL B 329 23.76 13.68 -31.99
C VAL B 329 22.48 12.85 -31.80
N VAL B 330 22.30 12.29 -30.61
CA VAL B 330 21.11 11.49 -30.28
C VAL B 330 19.83 12.32 -30.31
N ILE B 331 19.88 13.55 -29.80
CA ILE B 331 18.75 14.49 -29.87
C ILE B 331 18.42 14.84 -31.33
N VAL B 332 19.47 15.04 -32.13
CA VAL B 332 19.31 15.30 -33.56
C VAL B 332 18.65 14.11 -34.28
N VAL B 333 19.10 12.89 -34.00
CA VAL B 333 18.54 11.69 -34.65
C VAL B 333 17.07 11.49 -34.29
N LEU B 334 16.73 11.61 -33.01
CA LEU B 334 15.34 11.51 -32.54
C LEU B 334 14.43 12.54 -33.21
N SER B 335 14.92 13.78 -33.30
CA SER B 335 14.18 14.85 -33.94
C SER B 335 13.91 14.56 -35.42
N VAL B 336 14.91 14.05 -36.13
CA VAL B 336 14.77 13.63 -37.53
C VAL B 336 13.71 12.52 -37.65
N VAL B 337 13.73 11.56 -36.73
CA VAL B 337 12.75 10.46 -36.70
C VAL B 337 11.35 11.00 -36.40
N ALA B 338 11.24 11.94 -35.46
CA ALA B 338 9.97 12.58 -35.13
C ALA B 338 9.38 13.33 -36.34
N ILE B 339 10.24 14.09 -37.02
CA ILE B 339 9.85 14.81 -38.25
C ILE B 339 9.38 13.83 -39.33
N GLY B 340 10.16 12.76 -39.53
CA GLY B 340 9.84 11.72 -40.51
C GLY B 340 8.50 11.05 -40.26
N ILE B 341 8.23 10.71 -39.00
CA ILE B 341 6.95 10.11 -38.61
C ILE B 341 5.80 11.10 -38.81
N ASN B 342 6.07 12.37 -38.56
CA ASN B 342 5.08 13.43 -38.77
C ASN B 342 4.74 13.64 -40.26
N ILE B 343 5.74 13.58 -41.13
CA ILE B 343 5.57 13.89 -42.57
C ILE B 343 5.15 12.68 -43.41
N TYR B 344 5.97 11.61 -43.41
CA TYR B 344 5.70 10.42 -44.23
C TYR B 344 4.35 9.74 -43.94
N ARG B 345 3.89 9.78 -42.67
CA ARG B 345 2.69 9.04 -42.26
C ARG B 345 1.57 9.91 -41.66
N THR B 346 1.81 10.50 -40.49
CA THR B 346 0.75 11.18 -39.69
C THR B 346 0.00 12.33 -40.42
N SER B 347 0.65 13.00 -41.38
CA SER B 347 0.04 14.12 -42.12
C SER B 347 -0.91 13.68 -43.24
N ASN B 348 -0.47 12.72 -44.07
CA ASN B 348 -1.19 12.30 -45.28
C ASN B 348 -2.47 11.46 -45.02
N VAL B 349 -2.69 11.04 -43.78
CA VAL B 349 -3.85 10.19 -43.40
C VAL B 349 -5.25 10.78 -43.58
N GLU B 350 -5.37 12.09 -43.78
CA GLU B 350 -6.67 12.76 -44.02
C GLU B 350 -7.55 12.08 -45.10
N VAL B 351 -6.93 11.34 -46.01
CA VAL B 351 -7.64 10.49 -47.00
C VAL B 351 -8.65 9.55 -46.33
N LEU B 352 -8.25 8.90 -45.25
CA LEU B 352 -9.14 8.02 -44.47
C LEU B 352 -10.37 8.75 -43.95
N LEU B 353 -10.14 9.91 -43.34
CA LEU B 353 -11.23 10.73 -42.78
C LEU B 353 -12.20 11.21 -43.87
N GLN B 354 -11.67 11.56 -45.05
CA GLN B 354 -12.49 11.97 -46.19
C GLN B 354 -13.39 10.83 -46.72
N PHE B 355 -12.87 9.60 -46.70
CA PHE B 355 -13.67 8.42 -47.05
C PHE B 355 -14.83 8.18 -46.06
N LEU B 356 -14.56 8.38 -44.77
CA LEU B 356 -15.58 8.26 -43.71
C LEU B 356 -16.71 9.29 -43.87
N GLU B 357 -16.35 10.52 -44.24
CA GLU B 357 -17.31 11.63 -44.40
C GLU B 357 -18.47 11.33 -45.37
N ASP B 358 -18.19 10.53 -46.41
CA ASP B 358 -19.17 10.21 -47.45
C ASP B 358 -20.06 8.96 -47.19
N GLN B 359 -19.95 8.32 -46.02
CA GLN B 359 -20.58 7.01 -45.79
C GLN B 359 -21.00 6.70 -44.34
N ASN B 360 -21.53 5.49 -44.13
CA ASN B 360 -21.90 4.96 -42.81
C ASN B 360 -21.23 3.61 -42.45
N THR B 361 -20.18 3.23 -43.20
CA THR B 361 -19.46 1.96 -42.96
C THR B 361 -18.41 2.09 -41.86
N PHE B 362 -17.63 1.02 -41.64
CA PHE B 362 -16.55 1.02 -40.65
C PHE B 362 -15.41 1.95 -41.10
N PRO B 363 -14.98 2.89 -40.22
CA PRO B 363 -13.77 3.69 -40.47
C PRO B 363 -12.56 3.12 -39.74
N ASN B 364 -11.48 2.86 -40.49
CA ASN B 364 -10.30 2.20 -39.95
C ASN B 364 -9.22 3.21 -39.54
N PHE B 365 -9.33 3.70 -38.31
CA PHE B 365 -8.35 4.60 -37.70
C PHE B 365 -7.12 3.82 -37.23
N GLU B 366 -7.36 2.60 -36.74
CA GLU B 366 -6.39 1.78 -36.00
C GLU B 366 -4.93 1.86 -36.44
N HIS B 367 -4.68 1.95 -37.74
CA HIS B 367 -3.32 2.05 -38.26
C HIS B 367 -2.64 3.39 -37.97
N LEU B 368 -3.41 4.48 -37.99
CA LEU B 368 -2.89 5.81 -37.63
C LEU B 368 -2.51 5.93 -36.15
N ALA B 369 -3.41 5.48 -35.27
CA ALA B 369 -3.18 5.54 -33.81
C ALA B 369 -1.84 4.94 -33.41
N TYR B 370 -1.51 3.79 -33.99
CA TYR B 370 -0.22 3.11 -33.74
C TYR B 370 0.97 4.03 -33.94
N TRP B 371 0.94 4.82 -35.01
CA TRP B 371 2.01 5.80 -35.26
C TRP B 371 1.90 7.03 -34.37
N GLN B 372 0.68 7.44 -34.01
CA GLN B 372 0.48 8.56 -33.09
C GLN B 372 1.12 8.33 -31.72
N ILE B 373 0.98 7.11 -31.19
CA ILE B 373 1.60 6.76 -29.91
C ILE B 373 3.13 6.77 -30.06
N GLN B 374 3.63 6.14 -31.13
CA GLN B 374 5.06 6.06 -31.39
C GLN B 374 5.72 7.44 -31.51
N PHE B 375 5.05 8.34 -32.22
CA PHE B 375 5.45 9.75 -32.30
C PHE B 375 5.51 10.38 -30.90
N ASN B 376 4.42 10.21 -30.16
CA ASN B 376 4.30 10.79 -28.82
C ASN B 376 5.38 10.28 -27.87
N ASN B 377 5.67 8.98 -27.94
CA ASN B 377 6.82 8.38 -27.21
C ASN B 377 8.12 9.09 -27.53
N ILE B 378 8.46 9.11 -28.82
CA ILE B 378 9.75 9.62 -29.27
C ILE B 378 9.92 11.09 -28.94
N ALA B 379 8.85 11.87 -29.11
CA ALA B 379 8.87 13.28 -28.72
C ALA B 379 9.18 13.46 -27.24
N ALA B 380 8.56 12.63 -26.40
CA ALA B 380 8.78 12.70 -24.95
C ALA B 380 10.23 12.43 -24.58
N VAL B 381 10.82 11.40 -25.19
CA VAL B 381 12.22 11.04 -24.94
C VAL B 381 13.14 12.16 -25.44
N THR B 382 12.78 12.76 -26.57
CA THR B 382 13.49 13.94 -27.09
C THR B 382 13.50 15.06 -26.03
N VAL B 383 12.33 15.34 -25.45
CA VAL B 383 12.21 16.39 -24.43
C VAL B 383 13.08 16.07 -23.24
N PHE B 384 13.01 14.83 -22.76
CA PHE B 384 13.83 14.39 -21.63
C PHE B 384 15.32 14.59 -21.87
N PHE B 385 15.79 14.22 -23.05
CA PHE B 385 17.19 14.44 -23.40
C PHE B 385 17.53 15.91 -23.60
N VAL B 386 16.62 16.67 -24.19
CA VAL B 386 16.83 18.11 -24.38
C VAL B 386 17.02 18.83 -23.04
N TRP B 387 16.20 18.49 -22.05
CA TRP B 387 16.31 19.10 -20.73
C TRP B 387 17.65 18.78 -20.08
N ILE B 388 18.11 17.54 -20.15
CA ILE B 388 19.39 17.16 -19.52
C ILE B 388 20.59 17.80 -20.22
N LYS B 389 20.49 18.08 -21.52
CA LYS B 389 21.52 18.84 -22.23
C LYS B 389 21.80 20.22 -21.61
N LEU B 390 20.78 20.85 -21.02
CA LEU B 390 20.92 22.15 -20.33
C LEU B 390 22.11 22.22 -19.37
N PHE B 391 22.45 21.11 -18.72
CA PHE B 391 23.67 20.99 -17.91
C PHE B 391 24.95 21.64 -18.46
N LYS B 392 25.17 21.51 -19.76
CA LYS B 392 26.37 22.05 -20.44
C LYS B 392 26.63 23.55 -20.20
N PHE B 393 25.56 24.31 -19.96
CA PHE B 393 25.63 25.76 -19.72
C PHE B 393 25.29 26.17 -18.28
N ILE B 394 25.36 25.21 -17.35
CA ILE B 394 25.15 25.46 -15.92
C ILE B 394 26.45 25.86 -15.24
N ASN B 395 27.57 25.29 -15.68
CA ASN B 395 28.85 25.40 -14.96
C ASN B 395 29.59 26.72 -15.24
N PHE B 396 28.94 27.83 -14.89
CA PHE B 396 29.59 29.14 -14.72
C PHE B 396 29.34 29.62 -13.27
N ASN B 397 29.55 28.69 -12.34
CA ASN B 397 29.65 28.97 -10.91
C ASN B 397 30.53 27.86 -10.32
N ARG B 398 31.19 28.13 -9.21
CA ARG B 398 32.24 27.23 -8.71
C ARG B 398 31.70 25.91 -8.13
N THR B 399 30.66 26.00 -7.31
CA THR B 399 30.10 24.82 -6.63
C THR B 399 29.50 23.80 -7.60
N MET B 400 28.66 24.27 -8.51
CA MET B 400 28.06 23.41 -9.54
C MET B 400 29.12 22.74 -10.43
N SER B 401 30.23 23.44 -10.67
CA SER B 401 31.35 22.90 -11.44
C SER B 401 32.03 21.70 -10.76
N GLN B 402 32.26 21.81 -9.45
CA GLN B 402 32.89 20.72 -8.70
C GLN B 402 32.02 19.46 -8.69
N LEU B 403 30.71 19.64 -8.59
CA LEU B 403 29.78 18.51 -8.54
C LEU B 403 29.73 17.76 -9.86
N SER B 404 29.78 18.50 -10.97
CA SER B 404 29.85 17.90 -12.29
C SER B 404 31.16 17.16 -12.53
N THR B 405 32.25 17.67 -11.95
CA THR B 405 33.55 16.98 -12.00
C THR B 405 33.56 15.70 -11.12
N THR B 406 32.86 15.75 -9.97
CA THR B 406 32.69 14.55 -9.11
C THR B 406 31.89 13.47 -9.84
N MET B 407 30.77 13.86 -10.42
CA MET B 407 29.91 12.95 -11.18
C MET B 407 30.63 12.30 -12.38
N SER B 408 31.52 13.05 -13.02
CA SER B 408 32.29 12.53 -14.15
C SER B 408 33.33 11.49 -13.73
N ARG B 409 34.09 11.79 -12.68
CA ARG B 409 35.13 10.86 -12.20
C ARG B 409 34.57 9.61 -11.56
N CYS B 410 33.41 9.71 -10.93
CA CYS B 410 32.77 8.55 -10.32
C CYS B 410 32.13 7.60 -11.36
N ALA B 411 31.80 8.12 -12.54
CA ALA B 411 31.08 7.37 -13.59
C ALA B 411 31.70 6.00 -13.89
N LYS B 412 33.02 5.95 -13.95
CA LYS B 412 33.75 4.72 -14.25
C LYS B 412 33.54 3.64 -13.17
N ASP B 413 33.70 4.02 -11.91
CA ASP B 413 33.51 3.09 -10.77
C ASP B 413 32.08 2.59 -10.67
N LEU B 414 31.13 3.52 -10.78
CA LEU B 414 29.70 3.21 -10.73
C LEU B 414 29.27 2.25 -11.83
N PHE B 415 29.77 2.51 -13.04
CA PHE B 415 29.55 1.61 -14.18
C PHE B 415 30.16 0.23 -13.91
N GLY B 416 31.37 0.21 -13.34
CA GLY B 416 32.02 -1.04 -12.94
C GLY B 416 31.22 -1.82 -11.92
N PHE B 417 30.69 -1.11 -10.92
CA PHE B 417 29.84 -1.73 -9.91
C PHE B 417 28.48 -2.15 -10.47
N ALA B 418 27.91 -1.32 -11.34
CA ALA B 418 26.58 -1.56 -11.91
C ALA B 418 26.44 -2.95 -12.55
N ILE B 419 27.50 -3.40 -13.22
CA ILE B 419 27.52 -4.73 -13.83
C ILE B 419 27.36 -5.77 -12.74
N MET B 420 28.20 -5.70 -11.71
CA MET B 420 28.17 -6.66 -10.59
C MET B 420 26.81 -6.68 -9.90
N PHE B 421 26.29 -5.49 -9.62
CA PHE B 421 24.96 -5.34 -9.03
C PHE B 421 23.90 -6.06 -9.85
N PHE B 422 23.90 -5.81 -11.16
CA PHE B 422 22.93 -6.44 -12.06
C PHE B 422 23.06 -7.97 -12.12
N ILE B 423 24.28 -8.50 -12.03
CA ILE B 423 24.48 -9.96 -12.06
C ILE B 423 23.74 -10.62 -10.91
N ILE B 424 23.94 -10.09 -9.70
CA ILE B 424 23.24 -10.60 -8.52
C ILE B 424 21.74 -10.37 -8.60
N PHE B 425 21.35 -9.19 -9.09
CA PHE B 425 19.93 -8.84 -9.28
C PHE B 425 19.20 -9.80 -10.23
N LEU B 426 19.81 -10.07 -11.38
CA LEU B 426 19.23 -10.95 -12.40
C LEU B 426 19.23 -12.43 -12.03
N ALA B 427 20.16 -12.83 -11.18
CA ALA B 427 20.16 -14.17 -10.58
C ALA B 427 18.99 -14.32 -9.62
N TYR B 428 18.84 -13.33 -8.74
CA TYR B 428 17.70 -13.27 -7.82
C TYR B 428 16.36 -13.32 -8.54
N ALA B 429 16.24 -12.55 -9.62
CA ALA B 429 15.06 -12.58 -10.46
C ALA B 429 14.82 -13.97 -11.05
N GLN B 430 15.89 -14.60 -11.54
CA GLN B 430 15.79 -15.94 -12.10
C GLN B 430 15.33 -16.94 -11.04
N LEU B 431 15.88 -16.83 -9.83
CA LEU B 431 15.43 -17.66 -8.71
C LEU B 431 13.95 -17.47 -8.45
N ALA B 432 13.55 -16.22 -8.31
CA ALA B 432 12.14 -15.87 -8.04
C ALA B 432 11.19 -16.40 -9.12
N TYR B 433 11.58 -16.24 -10.37
CA TYR B 433 10.82 -16.74 -11.51
C TYR B 433 10.59 -18.25 -11.45
N LEU B 434 11.64 -18.98 -11.11
CA LEU B 434 11.60 -20.45 -10.97
C LEU B 434 10.71 -20.93 -9.80
N VAL B 435 10.72 -20.20 -8.70
CA VAL B 435 9.86 -20.52 -7.56
C VAL B 435 8.42 -20.10 -7.80
N PHE B 436 8.22 -18.80 -8.00
CA PHE B 436 6.88 -18.20 -7.96
C PHE B 436 6.11 -18.15 -9.27
N GLY B 437 6.80 -18.35 -10.40
CA GLY B 437 6.21 -18.21 -11.74
C GLY B 437 4.81 -18.78 -11.92
N THR B 438 4.57 -19.91 -11.27
CA THR B 438 3.27 -20.57 -11.34
C THR B 438 2.18 -19.87 -10.52
N GLN B 439 2.54 -19.35 -9.34
CA GLN B 439 1.53 -18.94 -8.37
C GLN B 439 1.16 -17.47 -8.41
N VAL B 440 2.14 -16.59 -8.23
CA VAL B 440 1.86 -15.17 -7.99
C VAL B 440 1.95 -14.36 -9.28
N ASP B 441 1.01 -13.42 -9.42
CA ASP B 441 0.89 -12.57 -10.61
C ASP B 441 2.18 -11.79 -10.85
N ASP B 442 2.67 -11.17 -9.78
CA ASP B 442 3.90 -10.38 -9.79
C ASP B 442 5.01 -10.89 -10.73
N PHE B 443 5.40 -12.15 -10.55
CA PHE B 443 6.52 -12.74 -11.28
C PHE B 443 6.08 -13.60 -12.49
N SER B 444 4.90 -13.33 -13.05
CA SER B 444 4.28 -14.20 -14.07
C SER B 444 5.15 -14.40 -15.31
N THR B 445 5.70 -13.30 -15.80
CA THR B 445 6.69 -13.31 -16.88
C THR B 445 8.02 -12.74 -16.36
N PHE B 446 9.11 -13.09 -17.04
CA PHE B 446 10.45 -12.63 -16.66
C PHE B 446 10.61 -11.13 -16.82
N GLN B 447 9.95 -10.57 -17.83
CA GLN B 447 9.93 -9.14 -18.09
C GLN B 447 9.48 -8.36 -16.86
N GLU B 448 8.38 -8.80 -16.23
CA GLU B 448 7.82 -8.14 -15.04
C GLU B 448 8.59 -8.43 -13.74
N CYS B 449 9.25 -9.59 -13.69
CA CYS B 449 9.98 -10.03 -12.49
C CYS B 449 11.04 -9.04 -12.03
N ILE B 450 11.78 -8.52 -12.99
CA ILE B 450 12.73 -7.43 -12.75
C ILE B 450 12.03 -6.26 -12.06
N PHE B 451 10.94 -5.79 -12.65
CA PHE B 451 10.26 -4.59 -12.18
C PHE B 451 9.65 -4.79 -10.80
N THR B 452 9.14 -6.00 -10.54
CA THR B 452 8.66 -6.35 -9.20
C THR B 452 9.80 -6.22 -8.19
N GLN B 453 10.97 -6.75 -8.50
CA GLN B 453 12.10 -6.64 -7.60
C GLN B 453 12.49 -5.19 -7.33
N PHE B 454 12.40 -4.35 -8.36
CA PHE B 454 12.64 -2.91 -8.17
C PHE B 454 11.66 -2.26 -7.24
N ARG B 455 10.39 -2.64 -7.35
CA ARG B 455 9.39 -2.18 -6.40
C ARG B 455 9.71 -2.64 -4.97
N ILE B 456 10.18 -3.88 -4.81
CA ILE B 456 10.52 -4.42 -3.47
C ILE B 456 11.56 -3.57 -2.75
N ILE B 457 12.57 -3.13 -3.49
CA ILE B 457 13.61 -2.28 -2.95
C ILE B 457 13.04 -0.98 -2.41
N LEU B 458 12.12 -0.36 -3.15
CA LEU B 458 11.55 0.92 -2.76
C LEU B 458 10.69 0.81 -1.51
N GLY B 459 9.72 -0.09 -1.55
CA GLY B 459 8.73 -0.27 -0.49
C GLY B 459 7.33 -0.41 -1.04
N ASP B 460 7.12 -1.48 -1.82
CA ASP B 460 5.80 -1.82 -2.37
C ASP B 460 5.87 -3.25 -2.86
N ILE B 461 5.17 -4.13 -2.15
CA ILE B 461 5.25 -5.56 -2.40
C ILE B 461 3.99 -6.24 -1.87
N ASN B 462 3.50 -7.22 -2.62
CA ASN B 462 2.38 -8.05 -2.20
C ASN B 462 2.94 -9.28 -1.48
N PHE B 463 3.25 -9.12 -0.19
CA PHE B 463 3.91 -10.17 0.58
C PHE B 463 3.01 -11.35 0.91
N ALA B 464 1.74 -11.05 1.22
CA ALA B 464 0.78 -12.11 1.53
C ALA B 464 0.65 -13.17 0.44
N GLU B 465 0.74 -12.76 -0.82
CA GLU B 465 0.66 -13.68 -1.98
C GLU B 465 1.90 -14.58 -2.14
N ILE B 466 3.09 -13.99 -2.05
CA ILE B 466 4.36 -14.77 -2.04
C ILE B 466 4.33 -15.86 -0.98
N GLU B 467 3.92 -15.49 0.22
CA GLU B 467 3.88 -16.42 1.36
C GLU B 467 2.85 -17.54 1.14
N GLU B 468 1.74 -17.24 0.46
CA GLU B 468 0.73 -18.25 0.09
C GLU B 468 1.21 -19.22 -1.00
N ALA B 469 2.11 -18.75 -1.86
CA ALA B 469 2.69 -19.57 -2.93
C ALA B 469 3.70 -20.62 -2.48
N ASN B 470 4.54 -20.26 -1.51
CA ASN B 470 5.62 -21.14 -1.05
C ASN B 470 6.13 -20.70 0.33
N ARG B 471 5.72 -21.42 1.38
CA ARG B 471 6.02 -21.00 2.75
C ARG B 471 7.47 -21.27 3.19
N VAL B 472 8.16 -22.21 2.52
CA VAL B 472 9.54 -22.56 2.89
C VAL B 472 10.48 -21.50 2.32
N LEU B 473 10.54 -21.44 1.00
CA LEU B 473 11.55 -20.69 0.27
C LEU B 473 11.10 -19.27 -0.02
N GLY B 474 9.80 -19.07 -0.19
CA GLY B 474 9.25 -17.76 -0.51
C GLY B 474 9.74 -16.61 0.36
N PRO B 475 9.53 -16.71 1.69
CA PRO B 475 10.01 -15.67 2.58
C PRO B 475 11.54 -15.62 2.72
N ILE B 476 12.20 -16.76 2.53
CA ILE B 476 13.68 -16.83 2.51
C ILE B 476 14.25 -16.00 1.38
N TYR B 477 13.71 -16.18 0.18
CA TYR B 477 14.06 -15.34 -0.97
C TYR B 477 13.93 -13.85 -0.63
N PHE B 478 12.81 -13.51 0.02
CA PHE B 478 12.52 -12.13 0.39
C PHE B 478 13.49 -11.58 1.46
N THR B 479 13.75 -12.35 2.51
CA THR B 479 14.71 -11.93 3.56
C THR B 479 16.10 -11.71 2.97
N THR B 480 16.62 -12.75 2.33
CA THR B 480 17.96 -12.71 1.75
C THR B 480 18.13 -11.54 0.78
N PHE B 481 17.15 -11.34 -0.09
CA PHE B 481 17.15 -10.23 -1.05
C PHE B 481 17.25 -8.89 -0.35
N VAL B 482 16.43 -8.70 0.67
CA VAL B 482 16.46 -7.48 1.46
C VAL B 482 17.81 -7.33 2.15
N PHE B 483 18.30 -8.42 2.72
CA PHE B 483 19.56 -8.40 3.47
C PHE B 483 20.78 -8.02 2.63
N PHE B 484 20.87 -8.59 1.43
CA PHE B 484 22.01 -8.32 0.53
C PHE B 484 21.81 -7.01 -0.22
N MET B 485 20.70 -6.89 -0.95
CA MET B 485 20.45 -5.72 -1.80
C MET B 485 20.30 -4.45 -0.97
N PHE B 486 19.39 -4.45 0.02
CA PHE B 486 19.04 -3.22 0.73
C PHE B 486 20.02 -2.73 1.81
N PHE B 487 20.67 -3.66 2.53
CA PHE B 487 21.65 -3.29 3.59
C PHE B 487 23.10 -3.21 3.13
N ILE B 488 23.48 -4.03 2.15
CA ILE B 488 24.89 -4.14 1.72
C ILE B 488 25.14 -3.48 0.36
N LEU B 489 24.56 -4.04 -0.70
CA LEU B 489 24.95 -3.72 -2.07
C LEU B 489 24.55 -2.33 -2.55
N LEU B 490 23.36 -1.87 -2.19
CA LEU B 490 22.92 -0.52 -2.58
C LEU B 490 23.72 0.59 -1.93
N ASN B 491 24.40 0.27 -0.83
CA ASN B 491 25.26 1.23 -0.14
C ASN B 491 26.68 1.32 -0.71
N MET B 492 27.06 0.39 -1.59
CA MET B 492 28.34 0.47 -2.32
C MET B 492 28.33 1.60 -3.34
N PHE B 493 27.21 1.75 -4.07
CA PHE B 493 26.98 2.92 -4.91
C PHE B 493 27.33 4.19 -4.16
N LEU B 494 26.74 4.29 -2.98
CA LEU B 494 26.90 5.43 -2.09
C LEU B 494 28.36 5.63 -1.68
N ALA B 495 28.99 4.55 -1.23
CA ALA B 495 30.41 4.57 -0.83
C ALA B 495 31.34 5.02 -1.94
N ILE B 496 31.05 4.57 -3.16
CA ILE B 496 31.81 4.97 -4.35
C ILE B 496 31.71 6.47 -4.61
N ILE B 497 30.48 6.98 -4.63
CA ILE B 497 30.24 8.42 -4.76
C ILE B 497 30.93 9.19 -3.64
N ASN B 498 30.64 8.79 -2.41
CA ASN B 498 31.12 9.46 -1.20
C ASN B 498 32.62 9.73 -1.25
N ASP B 499 33.40 8.68 -1.42
CA ASP B 499 34.86 8.79 -1.43
C ASP B 499 35.36 9.63 -2.61
N THR B 500 34.75 9.45 -3.78
CA THR B 500 35.15 10.21 -4.97
C THR B 500 34.87 11.71 -4.81
N TYR B 501 33.80 12.07 -4.10
CA TYR B 501 33.51 13.47 -3.76
C TYR B 501 34.57 14.05 -2.83
N SER B 502 34.89 13.32 -1.76
CA SER B 502 35.94 13.70 -0.82
C SER B 502 37.30 13.92 -1.50
N GLU B 503 37.60 13.10 -2.51
CA GLU B 503 38.87 13.19 -3.24
C GLU B 503 38.96 14.43 -4.15
N VAL B 504 37.82 14.84 -4.71
CA VAL B 504 37.75 16.09 -5.48
C VAL B 504 37.83 17.33 -4.57
N LYS B 505 37.25 17.24 -3.37
CA LYS B 505 37.35 18.33 -2.38
C LYS B 505 38.77 18.52 -1.84
N SER B 506 39.48 17.41 -1.63
CA SER B 506 40.90 17.46 -1.24
C SER B 506 41.76 17.98 -2.39
N ASP B 507 41.45 17.56 -3.62
CA ASP B 507 42.11 18.07 -4.83
C ASP B 507 41.93 19.58 -5.04
N LEU B 508 40.73 20.09 -4.74
CA LEU B 508 40.45 21.53 -4.81
C LEU B 508 41.11 22.31 -3.66
N ALA B 509 41.18 21.69 -2.47
CA ALA B 509 41.86 22.29 -1.32
C ALA B 509 43.38 22.42 -1.53
N GLN B 510 43.99 21.40 -2.13
CA GLN B 510 45.41 21.44 -2.51
C GLN B 510 45.68 22.43 -3.66
N GLN B 511 44.73 22.57 -4.59
CA GLN B 511 44.82 23.61 -5.64
C GLN B 511 44.76 25.03 -5.06
N LYS B 512 43.96 25.21 -4.01
CA LYS B 512 43.90 26.48 -3.26
C LYS B 512 45.16 26.70 -2.40
N ALA B 513 45.65 25.63 -1.76
CA ALA B 513 46.84 25.70 -0.89
C ALA B 513 48.15 25.81 -1.67
N GLU B 514 48.26 25.07 -2.78
CA GLU B 514 49.43 25.16 -3.68
C GLU B 514 49.50 26.50 -4.42
N MET B 515 48.34 27.07 -4.76
CA MET B 515 48.26 28.43 -5.30
C MET B 515 48.60 29.50 -4.26
N GLU B 516 48.22 29.24 -3.00
CA GLU B 516 48.60 30.11 -1.87
C GLU B 516 50.10 30.07 -1.56
N LEU B 517 50.73 28.90 -1.74
CA LEU B 517 52.18 28.75 -1.57
C LEU B 517 52.99 29.40 -2.71
N SER B 518 52.51 29.27 -3.95
CA SER B 518 53.16 29.88 -5.12
C SER B 518 53.14 31.42 -5.11
N ASP B 519 52.03 32.00 -4.68
CA ASP B 519 51.88 33.46 -4.59
C ASP B 519 52.67 34.02 -3.41
N ARG C 30 30.87 39.14 28.72
CA ARG C 30 30.03 38.27 29.61
C ARG C 30 28.72 38.93 30.05
N GLU C 31 28.78 40.22 30.41
CA GLU C 31 27.61 40.96 30.91
C GLU C 31 26.57 41.27 29.82
N LYS C 32 27.03 41.85 28.70
CA LYS C 32 26.13 42.29 27.62
C LYS C 32 25.55 41.14 26.80
N TYR C 33 26.39 40.17 26.41
CA TYR C 33 25.94 38.99 25.66
C TYR C 33 24.89 38.16 26.41
N LEU C 34 25.29 37.58 27.55
CA LEU C 34 24.46 36.62 28.30
C LEU C 34 23.15 37.21 28.84
N LYS C 35 23.19 38.44 29.33
CA LYS C 35 21.98 39.15 29.79
C LYS C 35 21.00 39.41 28.64
N SER C 36 21.51 39.92 27.52
CA SER C 36 20.68 40.17 26.32
C SER C 36 20.10 38.89 25.69
N VAL C 37 20.85 37.77 25.79
CA VAL C 37 20.34 36.46 25.37
C VAL C 37 19.22 35.97 26.30
N LEU C 38 19.41 36.11 27.61
CA LEU C 38 18.38 35.77 28.61
C LEU C 38 17.11 36.63 28.48
N ARG C 39 17.28 37.92 28.22
CA ARG C 39 16.15 38.83 27.93
C ARG C 39 15.35 38.35 26.71
N GLU C 40 16.06 38.05 25.62
CA GLU C 40 15.46 37.59 24.37
C GLU C 40 14.80 36.22 24.49
N LEU C 41 15.45 35.29 25.20
CA LEU C 41 14.96 33.91 25.32
C LEU C 41 13.64 33.80 26.08
N VAL C 42 13.59 34.42 27.26
CA VAL C 42 12.42 34.32 28.15
C VAL C 42 11.18 34.89 27.45
N THR C 43 11.33 36.06 26.84
CA THR C 43 10.24 36.70 26.10
C THR C 43 9.77 35.88 24.89
N TYR C 44 10.73 35.26 24.20
CA TYR C 44 10.42 34.35 23.07
C TYR C 44 9.68 33.09 23.54
N LEU C 45 10.10 32.51 24.66
CA LEU C 45 9.42 31.32 25.21
C LEU C 45 7.98 31.61 25.61
N LEU C 46 7.73 32.76 26.22
CA LEU C 46 6.36 33.19 26.55
C LEU C 46 5.52 33.39 25.29
N PHE C 47 6.11 34.03 24.28
CA PHE C 47 5.47 34.21 22.96
C PHE C 47 5.11 32.88 22.30
N LEU C 48 5.99 31.89 22.42
CA LEU C 48 5.73 30.53 21.93
C LEU C 48 4.57 29.88 22.69
N ILE C 49 4.60 29.96 24.02
CA ILE C 49 3.54 29.38 24.87
C ILE C 49 2.18 30.00 24.55
N VAL C 50 2.13 31.32 24.43
CA VAL C 50 0.92 32.01 24.00
C VAL C 50 0.46 31.51 22.64
N LEU C 51 1.40 31.38 21.70
CA LEU C 51 1.08 30.86 20.36
C LEU C 51 0.53 29.44 20.39
N CYS C 52 1.11 28.57 21.21
CA CYS C 52 0.60 27.21 21.39
C CYS C 52 -0.78 27.15 22.07
N ILE C 53 -1.07 28.13 22.93
CA ILE C 53 -2.41 28.26 23.53
C ILE C 53 -3.45 28.68 22.49
N LEU C 54 -3.08 29.55 21.55
CA LEU C 54 -3.97 29.91 20.44
C LEU C 54 -4.32 28.73 19.55
N THR C 55 -3.33 27.90 19.25
CA THR C 55 -3.54 26.71 18.40
C THR C 55 -4.40 25.65 19.07
N TYR C 56 -4.17 25.43 20.36
CA TYR C 56 -5.00 24.53 21.18
C TYR C 56 -6.47 25.00 21.23
N GLY C 57 -6.67 26.32 21.28
CA GLY C 57 -8.01 26.92 21.26
C GLY C 57 -8.74 26.82 19.93
N MET C 58 -8.01 26.99 18.83
CA MET C 58 -8.57 26.89 17.47
C MET C 58 -9.10 25.49 17.14
N MET C 59 -8.34 24.47 17.52
CA MET C 59 -8.63 23.08 17.16
C MET C 59 -9.10 22.27 18.37
N SER C 60 -10.41 22.00 18.43
CA SER C 60 -10.98 21.07 19.43
C SER C 60 -10.86 19.64 18.88
N SER C 61 -10.56 18.67 19.75
CA SER C 61 -10.26 17.28 19.31
C SER C 61 -11.47 16.46 18.84
N ASN C 62 -12.68 16.97 19.10
CA ASN C 62 -13.91 16.36 18.62
C ASN C 62 -14.10 16.61 17.12
N VAL C 63 -13.66 17.79 16.68
CA VAL C 63 -13.95 18.33 15.33
C VAL C 63 -13.83 17.29 14.23
N TYR C 64 -12.79 16.46 14.29
CA TYR C 64 -12.64 15.45 13.25
C TYR C 64 -13.91 14.63 13.14
N TYR C 65 -14.36 14.07 14.26
CA TYR C 65 -15.52 13.19 14.22
C TYR C 65 -16.78 13.91 13.76
N TYR C 66 -16.88 15.20 14.05
CA TYR C 66 -17.99 16.01 13.56
C TYR C 66 -18.08 16.01 12.04
N THR C 67 -16.97 16.31 11.38
CA THR C 67 -16.93 16.40 9.92
C THR C 67 -17.05 15.01 9.28
N ARG C 68 -16.46 14.01 9.94
CA ARG C 68 -16.52 12.64 9.46
C ARG C 68 -17.97 12.16 9.35
N MET C 69 -18.78 12.43 10.35
CA MET C 69 -20.19 11.99 10.32
C MET C 69 -20.98 12.70 9.22
N MET C 70 -20.73 13.98 9.04
CA MET C 70 -21.35 14.72 7.95
C MET C 70 -20.97 14.16 6.58
N SER C 71 -19.69 13.83 6.39
CA SER C 71 -19.22 13.28 5.12
C SER C 71 -19.84 11.91 4.81
N GLN C 72 -19.88 11.06 5.83
CA GLN C 72 -20.51 9.73 5.74
C GLN C 72 -21.95 9.82 5.26
N LEU C 73 -22.69 10.77 5.80
CA LEU C 73 -24.09 10.97 5.44
C LEU C 73 -24.30 11.25 3.95
N PHE C 74 -23.50 12.16 3.39
CA PHE C 74 -23.74 12.68 2.04
C PHE C 74 -22.89 12.03 0.97
N LEU C 75 -21.61 11.80 1.26
CA LEU C 75 -20.72 11.24 0.26
C LEU C 75 -20.86 9.72 0.14
N ASP C 76 -20.62 9.03 1.24
CA ASP C 76 -20.41 7.56 1.21
C ASP C 76 -21.68 6.74 0.99
N THR C 77 -22.83 7.22 1.47
CA THR C 77 -24.09 6.47 1.40
C THR C 77 -24.51 6.16 -0.04
N PRO C 78 -25.31 5.09 -0.24
CA PRO C 78 -25.81 4.79 -1.57
C PRO C 78 -26.85 5.80 -2.04
N VAL C 79 -26.96 5.94 -3.37
CA VAL C 79 -27.87 6.90 -4.00
C VAL C 79 -29.33 6.51 -3.76
N SER C 80 -29.73 5.36 -4.33
CA SER C 80 -31.05 4.78 -4.09
C SER C 80 -30.88 3.54 -3.20
N LYS C 81 -32.00 2.92 -2.84
CA LYS C 81 -31.99 1.77 -1.92
C LYS C 81 -31.49 0.48 -2.59
N THR C 82 -31.73 0.34 -3.90
CA THR C 82 -31.52 -0.93 -4.61
C THR C 82 -30.42 -0.83 -5.69
N GLU C 83 -29.28 -0.23 -5.33
CA GLU C 83 -28.12 -0.16 -6.23
C GLU C 83 -26.82 0.13 -5.47
N LYS C 84 -25.69 0.01 -6.18
CA LYS C 84 -24.35 0.09 -5.60
C LYS C 84 -23.81 1.53 -5.47
N THR C 85 -24.11 2.38 -6.44
CA THR C 85 -23.45 3.69 -6.59
C THR C 85 -23.68 4.69 -5.44
N ASN C 86 -22.72 5.59 -5.25
CA ASN C 86 -22.74 6.63 -4.20
C ASN C 86 -22.47 8.00 -4.82
N PHE C 87 -22.27 9.04 -4.01
CA PHE C 87 -21.90 10.36 -4.53
C PHE C 87 -20.49 10.39 -5.11
N LYS C 88 -19.53 9.78 -4.40
CA LYS C 88 -18.13 9.79 -4.81
C LYS C 88 -17.90 9.34 -6.26
N THR C 89 -18.70 8.39 -6.74
CA THR C 89 -18.58 7.88 -8.10
C THR C 89 -19.87 8.08 -8.90
N LEU C 90 -20.33 9.33 -8.96
CA LEU C 90 -21.40 9.72 -9.87
C LEU C 90 -20.82 9.73 -11.27
N SER C 91 -21.40 8.93 -12.15
CA SER C 91 -20.93 8.82 -13.53
C SER C 91 -21.81 9.61 -14.51
N SER C 92 -23.13 9.42 -14.42
CA SER C 92 -24.08 10.01 -15.36
C SER C 92 -24.83 11.19 -14.76
N MET C 93 -25.54 11.91 -15.65
CA MET C 93 -26.49 12.94 -15.24
C MET C 93 -27.70 12.32 -14.55
N GLU C 94 -28.14 11.17 -15.08
CA GLU C 94 -29.21 10.39 -14.46
C GLU C 94 -28.86 10.06 -13.01
N ASP C 95 -27.63 9.61 -12.79
CA ASP C 95 -27.12 9.32 -11.44
C ASP C 95 -27.20 10.53 -10.51
N PHE C 96 -26.73 11.68 -10.98
CA PHE C 96 -26.82 12.93 -10.21
C PHE C 96 -28.27 13.24 -9.85
N TRP C 97 -29.17 13.07 -10.82
CA TRP C 97 -30.59 13.29 -10.58
C TRP C 97 -31.18 12.36 -9.51
N LYS C 98 -30.72 11.11 -9.49
CA LYS C 98 -31.12 10.17 -8.45
C LYS C 98 -30.64 10.61 -7.05
N PHE C 99 -29.41 11.13 -6.99
CA PHE C 99 -28.85 11.62 -5.71
C PHE C 99 -29.64 12.80 -5.13
N THR C 100 -29.93 13.80 -5.95
CA THR C 100 -30.69 15.00 -5.52
C THR C 100 -32.11 14.69 -5.05
N GLU C 101 -32.73 13.69 -5.69
CA GLU C 101 -34.12 13.31 -5.41
C GLU C 101 -34.26 12.40 -4.18
N GLY C 102 -33.31 11.46 -4.03
CA GLY C 102 -33.31 10.50 -2.93
C GLY C 102 -32.41 10.88 -1.76
N SER C 103 -31.14 10.47 -1.83
CA SER C 103 -30.22 10.52 -0.67
C SER C 103 -29.76 11.91 -0.20
N LEU C 104 -29.81 12.91 -1.08
CA LEU C 104 -29.56 14.30 -0.68
C LEU C 104 -30.60 14.74 0.34
N LEU C 105 -31.88 14.52 0.01
CA LEU C 105 -32.98 14.93 0.86
C LEU C 105 -33.08 14.08 2.13
N ASP C 106 -32.95 12.77 1.97
CA ASP C 106 -32.98 11.84 3.12
C ASP C 106 -31.79 12.01 4.08
N GLY C 107 -30.78 12.78 3.67
CA GLY C 107 -29.78 13.33 4.59
C GLY C 107 -30.23 14.60 5.28
N LEU C 108 -30.75 15.57 4.51
CA LEU C 108 -31.11 16.89 5.05
C LEU C 108 -32.34 16.91 5.94
N TYR C 109 -33.38 16.19 5.53
CA TYR C 109 -34.69 16.25 6.19
C TYR C 109 -34.97 14.97 6.98
N TRP C 110 -34.99 15.10 8.31
CA TRP C 110 -35.26 13.98 9.21
C TRP C 110 -36.64 14.16 9.81
N LYS C 111 -37.38 13.06 9.93
CA LYS C 111 -38.75 13.08 10.46
C LYS C 111 -38.72 13.57 11.91
N MET C 112 -39.49 14.62 12.19
CA MET C 112 -39.50 15.29 13.51
C MET C 112 -39.75 14.32 14.67
N GLN C 113 -39.01 14.51 15.76
CA GLN C 113 -39.11 13.66 16.95
C GLN C 113 -40.44 13.89 17.70
N PRO C 114 -41.12 12.79 18.13
CA PRO C 114 -42.42 12.94 18.79
C PRO C 114 -42.29 13.39 20.25
N ASP C 121 -44.05 24.17 16.04
CA ASP C 121 -43.08 24.29 14.96
C ASP C 121 -42.73 22.95 14.31
N ASN C 122 -42.04 23.02 13.18
CA ASN C 122 -41.62 21.84 12.41
C ASN C 122 -40.22 22.07 11.83
N ARG C 123 -39.28 22.41 12.72
CA ARG C 123 -37.89 22.70 12.33
C ARG C 123 -37.09 21.40 12.26
N SER C 124 -36.31 21.23 11.20
CA SER C 124 -35.57 19.98 10.92
C SER C 124 -34.16 19.97 11.52
N PHE C 125 -33.74 18.79 11.97
CA PHE C 125 -32.40 18.55 12.51
C PHE C 125 -31.65 17.50 11.67
N ILE C 126 -30.33 17.47 11.85
CA ILE C 126 -29.48 16.40 11.34
C ILE C 126 -29.00 15.61 12.58
N PHE C 127 -29.01 14.28 12.48
CA PHE C 127 -28.67 13.36 13.59
C PHE C 127 -29.39 13.63 14.93
N TYR C 128 -30.45 14.44 14.90
CA TYR C 128 -31.03 15.08 16.09
C TYR C 128 -30.17 16.21 16.70
N GLU C 129 -28.87 15.97 16.91
CA GLU C 129 -27.99 16.96 17.56
C GLU C 129 -27.64 18.21 16.73
N ASN C 130 -27.55 18.07 15.40
CA ASN C 130 -27.22 19.21 14.50
C ASN C 130 -28.46 19.88 13.93
N LEU C 131 -28.33 21.17 13.65
CA LEU C 131 -29.43 22.00 13.15
C LEU C 131 -29.18 22.44 11.71
N LEU C 132 -30.13 22.15 10.82
CA LEU C 132 -30.12 22.70 9.47
C LEU C 132 -30.47 24.17 9.54
N LEU C 133 -29.58 25.02 9.03
CA LEU C 133 -29.84 26.46 8.99
C LEU C 133 -30.62 26.84 7.77
N GLY C 134 -31.81 27.41 8.00
CA GLY C 134 -32.65 27.89 6.93
C GLY C 134 -32.90 26.82 5.89
N VAL C 135 -32.26 26.96 4.73
CA VAL C 135 -32.49 26.07 3.59
C VAL C 135 -31.24 25.87 2.74
N PRO C 136 -31.24 24.82 1.89
CA PRO C 136 -30.18 24.66 0.88
C PRO C 136 -30.42 25.49 -0.37
N ARG C 137 -29.43 25.45 -1.25
CA ARG C 137 -29.46 26.16 -2.52
C ARG C 137 -28.83 25.30 -3.62
N ILE C 138 -29.51 25.21 -4.75
CA ILE C 138 -28.96 24.55 -5.92
C ILE C 138 -28.63 25.63 -6.95
N ARG C 139 -27.34 25.81 -7.21
CA ARG C 139 -26.85 26.77 -8.19
C ARG C 139 -26.32 26.06 -9.41
N GLN C 140 -26.38 26.72 -10.56
CA GLN C 140 -25.96 26.15 -11.83
C GLN C 140 -25.37 27.22 -12.73
N LEU C 141 -24.32 26.87 -13.47
CA LEU C 141 -23.80 27.71 -14.54
C LEU C 141 -24.07 27.02 -15.86
N ARG C 142 -24.06 27.80 -16.95
CA ARG C 142 -24.29 27.25 -18.27
C ARG C 142 -23.60 28.07 -19.37
N VAL C 143 -23.29 27.40 -20.46
CA VAL C 143 -22.54 27.95 -21.60
C VAL C 143 -23.45 28.05 -22.84
N ARG C 144 -23.21 29.05 -23.69
CA ARG C 144 -24.05 29.33 -24.86
C ARG C 144 -24.05 28.22 -25.91
N ASN C 145 -25.07 28.26 -26.78
CA ASN C 145 -25.12 27.41 -27.96
C ASN C 145 -24.12 27.93 -29.00
N GLY C 146 -23.31 27.03 -29.55
CA GLY C 146 -22.33 27.38 -30.60
C GLY C 146 -21.25 28.34 -30.15
N SER C 147 -20.75 28.14 -28.93
CA SER C 147 -19.74 29.02 -28.35
C SER C 147 -18.33 28.81 -28.93
N CYS C 148 -18.10 27.65 -29.55
CA CYS C 148 -16.86 27.38 -30.30
C CYS C 148 -17.22 26.70 -31.64
N SER C 149 -16.50 27.09 -32.69
CA SER C 149 -16.85 26.70 -34.07
C SER C 149 -16.44 25.26 -34.38
N ILE C 150 -17.28 24.60 -35.18
CA ILE C 150 -17.13 23.19 -35.54
C ILE C 150 -16.38 23.14 -36.89
N PRO C 151 -15.51 22.12 -37.10
CA PRO C 151 -14.87 21.98 -38.42
C PRO C 151 -15.88 21.66 -39.54
N GLN C 152 -15.62 22.19 -40.74
CA GLN C 152 -16.56 22.06 -41.89
C GLN C 152 -16.67 20.65 -42.50
N ASP C 153 -15.76 19.75 -42.13
CA ASP C 153 -15.81 18.36 -42.58
C ASP C 153 -17.03 17.61 -42.04
N LEU C 154 -17.32 17.81 -40.75
CA LEU C 154 -18.51 17.23 -40.09
C LEU C 154 -19.57 18.32 -39.81
N ARG C 155 -20.05 18.94 -40.88
CA ARG C 155 -21.20 19.88 -40.82
C ARG C 155 -22.53 19.23 -41.20
N ASP C 156 -22.47 18.00 -41.71
CA ASP C 156 -23.67 17.22 -42.02
C ASP C 156 -24.35 16.71 -40.74
N GLU C 157 -23.57 16.05 -39.88
CA GLU C 157 -24.10 15.38 -38.68
C GLU C 157 -24.31 16.31 -37.50
N ILE C 158 -23.26 17.04 -37.11
CA ILE C 158 -23.26 17.88 -35.90
C ILE C 158 -23.84 19.26 -36.22
N LYS C 159 -24.93 19.62 -35.53
CA LYS C 159 -25.58 20.93 -35.66
C LYS C 159 -25.53 21.76 -34.35
N GLU C 160 -24.66 21.38 -33.42
CA GLU C 160 -24.58 22.05 -32.11
C GLU C 160 -23.23 21.81 -31.43
N CYS C 161 -22.86 22.73 -30.53
CA CYS C 161 -21.61 22.63 -29.79
C CYS C 161 -21.61 23.54 -28.55
N TYR C 162 -20.89 23.10 -27.52
CA TYR C 162 -20.71 23.87 -26.27
C TYR C 162 -19.29 23.61 -25.79
N ASP C 163 -18.48 24.66 -25.63
CA ASP C 163 -17.08 24.50 -25.19
C ASP C 163 -16.92 24.62 -23.66
N VAL C 164 -15.68 24.45 -23.19
CA VAL C 164 -15.40 24.33 -21.76
C VAL C 164 -15.51 25.71 -21.11
N TYR C 165 -15.88 25.72 -19.84
CA TYR C 165 -16.19 26.96 -19.10
C TYR C 165 -15.14 28.07 -19.21
N SER C 166 -15.62 29.27 -19.52
CA SER C 166 -14.88 30.51 -19.38
C SER C 166 -15.89 31.65 -19.23
N VAL C 167 -15.45 32.77 -18.67
CA VAL C 167 -16.35 33.90 -18.37
C VAL C 167 -16.89 34.55 -19.65
N SER C 168 -16.07 34.56 -20.71
CA SER C 168 -16.47 35.05 -22.03
C SER C 168 -17.64 34.25 -22.62
N SER C 169 -17.57 32.93 -22.54
CA SER C 169 -18.53 32.03 -23.17
C SER C 169 -19.79 31.71 -22.33
N GLU C 170 -19.81 32.13 -21.06
CA GLU C 170 -20.94 31.89 -20.16
C GLU C 170 -22.24 32.54 -20.69
N ASP C 171 -23.35 31.81 -20.57
CA ASP C 171 -24.64 32.28 -21.11
C ASP C 171 -25.32 33.27 -20.16
N ARG C 172 -25.78 34.39 -20.73
CA ARG C 172 -26.57 35.39 -20.01
C ARG C 172 -28.07 35.23 -20.24
N ALA C 173 -28.47 34.73 -21.41
CA ALA C 173 -29.86 34.74 -21.86
C ALA C 173 -30.78 33.83 -21.03
N PRO C 174 -32.12 34.01 -21.16
CA PRO C 174 -33.08 33.09 -20.51
C PRO C 174 -33.10 31.66 -21.08
N PHE C 175 -34.01 30.84 -20.57
CA PHE C 175 -33.93 29.38 -20.72
C PHE C 175 -35.29 28.73 -20.43
N GLY C 176 -35.74 27.85 -21.32
CA GLY C 176 -36.97 27.07 -21.10
C GLY C 176 -38.19 27.90 -20.73
N PRO C 177 -38.98 27.46 -19.72
CA PRO C 177 -40.02 28.32 -19.12
C PRO C 177 -39.47 29.57 -18.42
N ARG C 178 -40.03 30.74 -18.75
CA ARG C 178 -39.55 32.02 -18.21
C ARG C 178 -40.31 32.31 -16.92
N ASN C 179 -39.81 31.76 -15.81
CA ASN C 179 -40.62 31.57 -14.62
C ASN C 179 -39.74 31.63 -13.36
N GLY C 180 -39.90 32.69 -12.56
CA GLY C 180 -39.18 32.83 -11.29
C GLY C 180 -37.68 33.07 -11.44
N THR C 181 -36.98 33.06 -10.31
CA THR C 181 -35.53 33.32 -10.26
C THR C 181 -34.68 32.15 -10.75
N ALA C 182 -35.24 30.94 -10.74
CA ALA C 182 -34.48 29.72 -11.04
C ALA C 182 -33.92 29.63 -12.45
N TRP C 183 -34.57 30.28 -13.42
CA TRP C 183 -34.20 30.15 -14.84
C TRP C 183 -33.51 31.39 -15.44
N ILE C 184 -33.69 32.57 -14.84
CA ILE C 184 -33.09 33.82 -15.33
C ILE C 184 -31.69 34.00 -14.71
N TYR C 185 -30.75 34.50 -15.50
CA TYR C 185 -29.37 34.75 -15.05
C TYR C 185 -29.33 35.92 -14.05
N THR C 186 -28.40 35.84 -13.09
CA THR C 186 -28.09 36.94 -12.17
C THR C 186 -26.58 37.04 -11.98
N SER C 187 -26.05 38.26 -12.01
CA SER C 187 -24.59 38.48 -11.98
C SER C 187 -23.98 38.31 -10.58
N GLU C 188 -22.66 38.25 -10.51
CA GLU C 188 -21.93 37.98 -9.26
C GLU C 188 -21.97 39.14 -8.25
N LYS C 189 -22.12 40.39 -8.74
CA LYS C 189 -22.33 41.57 -7.88
C LYS C 189 -23.79 41.75 -7.43
N ASP C 190 -24.74 41.23 -8.23
CA ASP C 190 -26.16 41.22 -7.86
C ASP C 190 -26.40 40.25 -6.70
N LEU C 191 -25.92 39.01 -6.84
CA LEU C 191 -25.85 38.06 -5.73
C LEU C 191 -24.71 38.46 -4.78
N ASN C 192 -24.66 37.78 -3.64
CA ASN C 192 -23.60 37.98 -2.68
C ASN C 192 -22.53 36.87 -2.76
N GLY C 193 -22.43 36.22 -3.93
CA GLY C 193 -21.58 35.04 -4.11
C GLY C 193 -20.23 35.36 -4.74
N SER C 194 -19.23 34.53 -4.42
CA SER C 194 -17.84 34.68 -4.91
C SER C 194 -17.47 33.56 -5.89
N SER C 195 -16.25 33.62 -6.41
CA SER C 195 -15.70 32.58 -7.28
C SER C 195 -15.12 31.43 -6.45
N HIS C 196 -15.27 30.20 -6.96
CA HIS C 196 -14.77 28.99 -6.32
C HIS C 196 -13.72 28.35 -7.22
N TRP C 197 -12.65 27.82 -6.61
CA TRP C 197 -11.60 27.12 -7.36
C TRP C 197 -11.96 25.64 -7.48
N GLY C 198 -12.63 25.31 -8.59
CA GLY C 198 -13.03 23.94 -8.89
C GLY C 198 -11.88 23.09 -9.40
N ILE C 199 -12.19 21.90 -9.91
CA ILE C 199 -11.18 20.90 -10.20
C ILE C 199 -10.63 21.08 -11.60
N ILE C 200 -11.50 20.98 -12.59
CA ILE C 200 -11.08 21.11 -13.99
C ILE C 200 -10.91 22.55 -14.42
N ALA C 201 -11.71 23.46 -13.85
CA ALA C 201 -11.59 24.88 -14.16
C ALA C 201 -12.27 25.74 -13.09
N THR C 202 -11.78 26.97 -12.92
CA THR C 202 -12.35 27.93 -11.96
C THR C 202 -13.74 28.42 -12.39
N TYR C 203 -14.71 28.31 -11.50
CA TYR C 203 -16.09 28.69 -11.76
C TYR C 203 -16.41 29.94 -10.99
N SER C 204 -16.89 30.95 -11.72
CA SER C 204 -17.03 32.30 -11.20
C SER C 204 -18.48 32.62 -10.82
N GLY C 205 -18.63 33.34 -9.72
CA GLY C 205 -19.91 33.90 -9.29
C GLY C 205 -21.08 32.96 -9.44
N ALA C 206 -22.08 33.40 -10.20
CA ALA C 206 -23.34 32.68 -10.31
C ALA C 206 -24.04 32.96 -11.61
N GLY C 207 -25.13 32.23 -11.83
CA GLY C 207 -26.00 32.42 -12.99
C GLY C 207 -27.45 32.08 -12.68
N TYR C 208 -27.73 30.78 -12.59
CA TYR C 208 -29.09 30.28 -12.40
C TYR C 208 -29.14 29.51 -11.10
N TYR C 209 -30.16 29.78 -10.29
CA TYR C 209 -30.22 29.19 -8.95
C TYR C 209 -31.64 29.10 -8.39
N LEU C 210 -31.91 27.98 -7.71
CA LEU C 210 -33.14 27.78 -6.97
C LEU C 210 -32.85 27.65 -5.49
N ASP C 211 -33.61 28.38 -4.68
CA ASP C 211 -33.60 28.19 -3.22
C ASP C 211 -34.62 27.11 -2.85
N LEU C 212 -34.15 26.08 -2.15
CA LEU C 212 -35.00 24.96 -1.74
C LEU C 212 -35.90 25.36 -0.57
N SER C 213 -36.93 24.54 -0.33
CA SER C 213 -37.88 24.77 0.75
C SER C 213 -37.36 24.30 2.11
N ARG C 214 -38.02 24.76 3.17
CA ARG C 214 -37.70 24.37 4.55
C ARG C 214 -38.27 23.00 4.92
N THR C 215 -39.38 22.62 4.29
CA THR C 215 -39.99 21.29 4.44
C THR C 215 -39.52 20.34 3.36
N ARG C 216 -39.69 19.04 3.63
CA ARG C 216 -39.20 18.00 2.72
C ARG C 216 -40.07 17.83 1.48
N GLU C 217 -41.39 17.78 1.67
CA GLU C 217 -42.31 17.45 0.58
C GLU C 217 -42.39 18.51 -0.53
N GLU C 218 -42.21 19.79 -0.17
CA GLU C 218 -42.15 20.89 -1.14
C GLU C 218 -40.88 20.86 -1.99
N THR C 219 -39.75 20.55 -1.35
CA THR C 219 -38.44 20.40 -2.00
C THR C 219 -38.46 19.35 -3.11
N ALA C 220 -38.95 18.16 -2.76
CA ALA C 220 -39.06 17.03 -3.70
C ALA C 220 -39.96 17.33 -4.89
N ALA C 221 -41.01 18.13 -4.66
CA ALA C 221 -41.87 18.61 -5.75
C ALA C 221 -41.13 19.59 -6.67
N GLN C 222 -40.32 20.49 -6.09
CA GLN C 222 -39.51 21.44 -6.87
C GLN C 222 -38.41 20.76 -7.69
N VAL C 223 -37.73 19.78 -7.07
CA VAL C 223 -36.70 18.97 -7.76
C VAL C 223 -37.32 18.13 -8.89
N ALA C 224 -38.51 17.56 -8.65
CA ALA C 224 -39.25 16.81 -9.68
C ALA C 224 -39.65 17.69 -10.87
N SER C 225 -40.03 18.95 -10.59
CA SER C 225 -40.41 19.92 -11.64
C SER C 225 -39.21 20.35 -12.49
N LEU C 226 -38.04 20.50 -11.85
CA LEU C 226 -36.78 20.75 -12.56
C LEU C 226 -36.40 19.61 -13.50
N LYS C 227 -36.50 18.38 -12.98
CA LYS C 227 -36.20 17.16 -13.75
C LYS C 227 -37.15 16.98 -14.95
N LYS C 228 -38.42 17.33 -14.76
CA LYS C 228 -39.45 17.24 -15.81
C LYS C 228 -39.15 18.16 -17.01
N ASN C 229 -38.80 19.43 -16.72
CA ASN C 229 -38.55 20.44 -17.76
C ASN C 229 -37.09 20.53 -18.24
N VAL C 230 -36.22 19.65 -17.75
CA VAL C 230 -34.83 19.54 -18.20
C VAL C 230 -34.07 20.86 -17.97
N TRP C 231 -34.03 21.24 -16.70
CA TRP C 231 -33.23 22.36 -16.22
C TRP C 231 -31.73 22.06 -16.31
N LEU C 232 -31.41 20.78 -16.17
CA LEU C 232 -30.05 20.28 -16.20
C LEU C 232 -29.86 19.51 -17.51
N ASP C 233 -28.96 20.00 -18.36
CA ASP C 233 -28.81 19.51 -19.75
C ASP C 233 -27.37 19.59 -20.25
N ARG C 234 -27.16 19.19 -21.51
CA ARG C 234 -25.89 19.39 -22.20
C ARG C 234 -25.64 20.89 -22.36
N GLY C 235 -24.43 21.33 -22.02
CA GLY C 235 -24.09 22.74 -21.95
C GLY C 235 -23.90 23.21 -20.51
N THR C 236 -24.61 22.58 -19.57
CA THR C 236 -24.42 22.85 -18.15
C THR C 236 -23.04 22.39 -17.69
N ARG C 237 -22.37 23.22 -16.90
CA ARG C 237 -21.00 22.96 -16.50
C ARG C 237 -20.84 22.73 -15.02
N ALA C 238 -21.04 23.77 -14.22
CA ALA C 238 -20.85 23.66 -12.77
C ALA C 238 -22.20 23.69 -12.05
N THR C 239 -22.34 22.83 -11.06
CA THR C 239 -23.55 22.72 -10.25
C THR C 239 -23.13 22.63 -8.80
N PHE C 240 -23.65 23.54 -7.99
CA PHE C 240 -23.37 23.56 -6.56
C PHE C 240 -24.63 23.26 -5.78
N ILE C 241 -24.53 22.34 -4.83
CA ILE C 241 -25.56 22.18 -3.83
C ILE C 241 -24.92 22.64 -2.54
N ASP C 242 -25.38 23.80 -2.06
CA ASP C 242 -24.86 24.43 -0.85
C ASP C 242 -25.92 24.44 0.25
N PHE C 243 -25.46 24.38 1.49
CA PHE C 243 -26.29 24.62 2.66
C PHE C 243 -25.37 24.75 3.87
N SER C 244 -25.96 24.84 5.06
CA SER C 244 -25.17 24.88 6.27
C SER C 244 -25.87 24.24 7.44
N VAL C 245 -25.07 23.85 8.44
CA VAL C 245 -25.55 23.31 9.70
C VAL C 245 -24.89 23.98 10.89
N TYR C 246 -25.55 23.90 12.03
CA TYR C 246 -25.02 24.38 13.29
C TYR C 246 -25.27 23.34 14.38
N ASN C 247 -24.21 22.98 15.10
CA ASN C 247 -24.31 22.10 16.26
C ASN C 247 -24.42 22.96 17.52
N ALA C 248 -25.55 22.83 18.23
CA ALA C 248 -25.76 23.50 19.52
C ALA C 248 -24.80 22.97 20.59
N ASN C 249 -24.57 21.66 20.57
CA ASN C 249 -23.91 20.95 21.67
C ASN C 249 -22.48 21.41 21.92
N ILE C 250 -21.70 21.60 20.85
CA ILE C 250 -20.31 22.07 20.97
C ILE C 250 -20.08 23.48 20.41
N ASN C 251 -21.16 24.17 20.04
CA ASN C 251 -21.09 25.52 19.48
C ASN C 251 -20.15 25.56 18.26
N LEU C 252 -20.64 25.07 17.13
CA LEU C 252 -19.82 24.92 15.94
C LEU C 252 -20.67 24.87 14.68
N PHE C 253 -20.56 25.94 13.88
CA PHE C 253 -21.19 25.99 12.57
C PHE C 253 -20.37 25.18 11.60
N CYS C 254 -21.00 24.80 10.50
CA CYS C 254 -20.30 24.12 9.41
C CYS C 254 -21.05 24.26 8.11
N VAL C 255 -20.30 24.56 7.06
CA VAL C 255 -20.84 24.73 5.73
C VAL C 255 -20.59 23.51 4.89
N VAL C 256 -21.38 23.38 3.83
CA VAL C 256 -21.28 22.28 2.90
C VAL C 256 -21.31 22.87 1.49
N ARG C 257 -20.43 22.35 0.62
CA ARG C 257 -20.34 22.79 -0.77
C ARG C 257 -20.16 21.60 -1.69
N LEU C 258 -21.28 21.00 -2.10
CA LEU C 258 -21.25 19.88 -3.03
C LEU C 258 -21.18 20.39 -4.46
N LEU C 259 -19.95 20.47 -4.97
CA LEU C 259 -19.72 20.84 -6.36
C LEU C 259 -19.74 19.60 -7.24
N VAL C 260 -20.50 19.66 -8.32
CA VAL C 260 -20.54 18.59 -9.32
C VAL C 260 -20.18 19.20 -10.68
N GLU C 261 -18.93 19.03 -11.09
CA GLU C 261 -18.46 19.54 -12.38
C GLU C 261 -18.88 18.64 -13.53
N PHE C 262 -19.33 19.26 -14.61
CA PHE C 262 -19.62 18.56 -15.84
C PHE C 262 -18.56 19.02 -16.82
N PRO C 263 -17.56 18.17 -17.10
CA PRO C 263 -16.63 18.52 -18.17
C PRO C 263 -17.29 18.35 -19.53
N ALA C 264 -16.85 19.16 -20.50
CA ALA C 264 -17.41 19.13 -21.86
C ALA C 264 -17.27 17.77 -22.52
N THR C 265 -16.21 17.05 -22.14
CA THR C 265 -15.97 15.68 -22.58
C THR C 265 -17.24 14.84 -22.63
N GLY C 266 -17.97 14.78 -21.51
CA GLY C 266 -19.27 14.08 -21.50
C GLY C 266 -19.83 13.74 -20.13
N GLY C 267 -19.04 13.05 -19.33
CA GLY C 267 -19.49 12.51 -18.05
C GLY C 267 -19.58 13.53 -16.93
N VAL C 268 -19.22 13.12 -15.70
CA VAL C 268 -19.36 13.95 -14.51
C VAL C 268 -18.21 13.74 -13.54
N ILE C 269 -17.80 14.81 -12.87
CA ILE C 269 -16.78 14.76 -11.82
C ILE C 269 -17.34 15.41 -10.55
N PRO C 270 -17.20 14.72 -9.41
CA PRO C 270 -17.64 15.29 -8.15
C PRO C 270 -16.49 15.84 -7.31
N SER C 271 -16.84 16.64 -6.32
CA SER C 271 -15.95 17.00 -5.24
C SER C 271 -16.81 17.38 -4.03
N TRP C 272 -16.18 17.87 -2.97
CA TRP C 272 -16.90 18.32 -1.79
C TRP C 272 -16.03 19.24 -0.95
N GLN C 273 -16.65 19.81 0.08
CA GLN C 273 -15.92 20.62 1.05
C GLN C 273 -16.76 20.71 2.31
N PHE C 274 -16.17 20.29 3.43
CA PHE C 274 -16.81 20.36 4.72
C PHE C 274 -15.95 21.18 5.67
N GLN C 275 -16.24 22.48 5.74
CA GLN C 275 -15.48 23.39 6.57
C GLN C 275 -16.25 23.69 7.86
N PRO C 276 -15.75 23.20 9.02
CA PRO C 276 -16.28 23.67 10.29
C PRO C 276 -15.82 25.10 10.59
N LEU C 277 -16.46 25.72 11.57
CA LEU C 277 -16.33 27.15 11.78
C LEU C 277 -16.85 27.59 13.15
N LYS C 278 -15.93 27.99 14.03
CA LYS C 278 -16.29 28.68 15.29
C LYS C 278 -16.65 30.12 14.95
N LEU C 279 -17.94 30.35 14.75
CA LEU C 279 -18.43 31.66 14.32
C LEU C 279 -18.59 32.60 15.52
N ILE C 280 -19.41 32.18 16.48
CA ILE C 280 -19.64 32.95 17.70
C ILE C 280 -18.58 32.53 18.72
N ARG C 281 -18.14 33.48 19.54
CA ARG C 281 -16.96 33.28 20.40
C ARG C 281 -17.30 33.26 21.89
N TYR C 282 -17.72 34.40 22.44
CA TYR C 282 -17.78 34.58 23.90
C TYR C 282 -18.91 33.76 24.55
N VAL C 283 -18.53 32.71 25.27
CA VAL C 283 -19.48 31.86 26.02
C VAL C 283 -18.89 31.49 27.40
N THR C 284 -17.92 30.57 27.44
CA THR C 284 -17.38 30.01 28.68
C THR C 284 -16.10 30.75 29.13
N THR C 285 -15.56 30.34 30.29
CA THR C 285 -14.28 30.87 30.80
C THR C 285 -13.08 30.59 29.88
N PHE C 286 -13.13 29.47 29.16
CA PHE C 286 -12.09 29.11 28.19
C PHE C 286 -11.95 30.12 27.04
N ASP C 287 -13.08 30.68 26.60
CA ASP C 287 -13.11 31.66 25.51
C ASP C 287 -12.51 33.01 25.93
N PHE C 288 -12.87 33.48 27.12
CA PHE C 288 -12.26 34.69 27.72
C PHE C 288 -10.74 34.54 27.82
N PHE C 289 -10.29 33.36 28.26
CA PHE C 289 -8.87 33.05 28.35
C PHE C 289 -8.20 33.06 26.98
N LEU C 290 -8.88 32.51 25.97
CA LEU C 290 -8.39 32.56 24.59
C LEU C 290 -8.34 33.99 24.06
N ALA C 291 -9.36 34.79 24.37
CA ALA C 291 -9.40 36.20 23.97
C ALA C 291 -8.27 37.01 24.58
N ALA C 292 -7.98 36.77 25.85
CA ALA C 292 -6.86 37.42 26.55
C ALA C 292 -5.51 37.09 25.92
N CYS C 293 -5.31 35.81 25.57
CA CYS C 293 -4.09 35.37 24.89
C CYS C 293 -3.88 36.04 23.53
N GLU C 294 -4.97 36.19 22.76
CA GLU C 294 -4.93 36.86 21.45
C GLU C 294 -4.53 38.33 21.58
N ILE C 295 -5.03 38.99 22.62
CA ILE C 295 -4.66 40.37 22.93
C ILE C 295 -3.18 40.45 23.33
N ILE C 296 -2.72 39.51 24.15
CA ILE C 296 -1.31 39.42 24.57
C ILE C 296 -0.39 39.19 23.36
N PHE C 297 -0.78 38.25 22.49
CA PHE C 297 -0.09 38.00 21.22
C PHE C 297 0.08 39.29 20.42
N CYS C 298 -0.97 40.12 20.37
CA CYS C 298 -0.93 41.43 19.70
C CYS C 298 0.19 42.35 20.22
N PHE C 299 0.31 42.46 21.55
CA PHE C 299 1.37 43.25 22.18
C PHE C 299 2.76 42.65 21.94
N PHE C 300 2.85 41.32 21.95
CA PHE C 300 4.11 40.62 21.61
C PHE C 300 4.56 40.96 20.19
N ILE C 301 3.64 40.88 19.23
CA ILE C 301 3.95 41.18 17.84
C ILE C 301 4.37 42.64 17.69
N PHE C 302 3.62 43.54 18.32
CA PHE C 302 3.97 44.96 18.37
C PHE C 302 5.41 45.18 18.85
N TYR C 303 5.79 44.50 19.94
CA TYR C 303 7.16 44.59 20.49
C TYR C 303 8.23 44.09 19.52
N TYR C 304 7.97 42.97 18.85
CA TYR C 304 8.88 42.44 17.83
C TYR C 304 9.07 43.46 16.69
N VAL C 305 7.97 44.03 16.21
CA VAL C 305 8.02 45.01 15.11
C VAL C 305 8.91 46.20 15.47
N VAL C 306 8.78 46.70 16.69
CA VAL C 306 9.62 47.80 17.20
C VAL C 306 11.09 47.37 17.25
N GLU C 307 11.34 46.15 17.76
CA GLU C 307 12.68 45.60 17.92
C GLU C 307 13.40 45.37 16.59
N GLU C 308 12.67 44.86 15.59
CA GLU C 308 13.24 44.63 14.26
C GLU C 308 13.61 45.95 13.57
N ILE C 309 12.66 46.90 13.55
CA ILE C 309 12.82 48.16 12.81
C ILE C 309 13.72 49.17 13.55
N LEU C 310 13.84 49.03 14.88
CA LEU C 310 14.91 49.72 15.62
C LEU C 310 16.27 49.24 15.14
N GLU C 311 16.43 47.94 14.93
CA GLU C 311 17.67 47.36 14.40
C GLU C 311 17.96 47.77 12.95
N ILE C 312 16.91 48.03 12.16
CA ILE C 312 17.06 48.59 10.80
C ILE C 312 17.66 50.01 10.84
N ARG C 313 17.22 50.83 11.79
CA ARG C 313 17.79 52.17 12.00
C ARG C 313 19.29 52.14 12.33
N ILE C 314 19.71 51.12 13.09
CA ILE C 314 21.12 50.92 13.46
C ILE C 314 21.91 50.44 12.23
N HIS C 315 21.61 49.23 11.76
CA HIS C 315 22.28 48.64 10.59
C HIS C 315 21.43 48.90 9.34
N LYS C 316 21.85 49.87 8.52
CA LYS C 316 21.07 50.32 7.36
C LYS C 316 20.96 49.26 6.25
N LEU C 317 22.08 48.65 5.88
CA LEU C 317 22.13 47.64 4.79
C LEU C 317 22.95 46.37 5.13
N HIS C 318 23.20 46.13 6.43
CA HIS C 318 23.98 44.98 6.92
C HIS C 318 23.08 43.91 7.57
N TYR C 319 21.78 44.16 7.59
CA TYR C 319 20.81 43.40 8.40
C TYR C 319 20.11 42.26 7.65
N PHE C 320 19.89 42.44 6.35
CA PHE C 320 19.09 41.52 5.53
C PHE C 320 19.82 40.19 5.19
N ARG C 321 21.14 40.14 5.32
CA ARG C 321 21.94 38.94 4.94
C ARG C 321 21.95 37.81 5.98
N SER C 322 21.88 38.16 7.27
CA SER C 322 21.87 37.15 8.34
C SER C 322 20.55 36.37 8.34
N PHE C 323 20.65 35.04 8.54
CA PHE C 323 19.50 34.14 8.40
C PHE C 323 18.45 34.34 9.50
N TRP C 324 18.91 34.46 10.74
CA TRP C 324 17.99 34.47 11.90
C TRP C 324 17.13 35.72 11.94
N ASN C 325 17.71 36.85 11.52
CA ASN C 325 16.96 38.09 11.40
C ASN C 325 15.90 38.01 10.29
N CYS C 326 16.28 37.47 9.13
CA CYS C 326 15.37 37.30 7.99
C CYS C 326 14.14 36.48 8.38
N LEU C 327 14.38 35.37 9.07
CA LEU C 327 13.31 34.52 9.61
C LEU C 327 12.38 35.29 10.55
N ASP C 328 12.96 36.13 11.40
CA ASP C 328 12.19 36.98 12.32
C ASP C 328 11.25 37.94 11.60
N VAL C 329 11.75 38.59 10.54
CA VAL C 329 10.95 39.51 9.73
C VAL C 329 9.76 38.79 9.09
N VAL C 330 10.00 37.58 8.57
CA VAL C 330 8.94 36.75 7.95
C VAL C 330 7.85 36.37 8.95
N ILE C 331 8.25 35.99 10.17
CA ILE C 331 7.31 35.69 11.26
C ILE C 331 6.48 36.93 11.62
N VAL C 332 7.15 38.08 11.67
CA VAL C 332 6.48 39.37 11.91
C VAL C 332 5.45 39.69 10.82
N VAL C 333 5.83 39.53 9.54
CA VAL C 333 4.92 39.82 8.43
C VAL C 333 3.69 38.91 8.44
N LEU C 334 3.90 37.61 8.63
CA LEU C 334 2.79 36.64 8.72
C LEU C 334 1.83 36.98 9.86
N SER C 335 2.39 37.33 11.01
CA SER C 335 1.59 37.72 12.18
C SER C 335 0.73 38.96 11.90
N VAL C 336 1.32 39.95 11.23
CA VAL C 336 0.59 41.17 10.82
C VAL C 336 -0.56 40.80 9.87
N VAL C 337 -0.30 39.90 8.92
CA VAL C 337 -1.31 39.42 7.97
C VAL C 337 -2.42 38.65 8.71
N ALA C 338 -2.03 37.81 9.67
CA ALA C 338 -3.00 37.06 10.48
C ALA C 338 -3.90 37.99 11.28
N ILE C 339 -3.29 39.00 11.91
CA ILE C 339 -4.03 40.03 12.65
C ILE C 339 -5.00 40.78 11.72
N GLY C 340 -4.50 41.19 10.56
CA GLY C 340 -5.30 41.90 9.56
C GLY C 340 -6.51 41.11 9.08
N ILE C 341 -6.31 39.83 8.80
CA ILE C 341 -7.40 38.93 8.39
C ILE C 341 -8.40 38.75 9.53
N ASN C 342 -7.91 38.71 10.76
CA ASN C 342 -8.77 38.60 11.94
C ASN C 342 -9.63 39.86 12.16
N ILE C 343 -9.06 41.05 11.95
CA ILE C 343 -9.74 42.32 12.26
C ILE C 343 -10.59 42.86 11.10
N TYR C 344 -9.97 43.08 9.94
CA TYR C 344 -10.68 43.65 8.78
C TYR C 344 -11.89 42.82 8.30
N ARG C 345 -11.81 41.50 8.42
CA ARG C 345 -12.83 40.59 7.86
C ARG C 345 -13.52 39.67 8.88
N THR C 346 -12.77 38.73 9.46
CA THR C 346 -13.36 37.64 10.29
C THR C 346 -14.19 38.10 11.52
N SER C 347 -13.88 39.28 12.07
CA SER C 347 -14.59 39.81 13.26
C SER C 347 -15.95 40.46 12.93
N ASN C 348 -15.97 41.31 11.91
CA ASN C 348 -17.16 42.12 11.57
C ASN C 348 -18.33 41.34 10.92
N VAL C 349 -18.10 40.08 10.56
CA VAL C 349 -19.12 39.24 9.87
C VAL C 349 -20.40 38.89 10.66
N GLU C 350 -20.42 39.13 11.96
CA GLU C 350 -21.62 38.91 12.80
C GLU C 350 -22.93 39.51 12.24
N VAL C 351 -22.80 40.54 11.38
CA VAL C 351 -23.93 41.12 10.64
C VAL C 351 -24.72 40.06 9.85
N LEU C 352 -24.00 39.17 9.18
CA LEU C 352 -24.62 38.04 8.44
C LEU C 352 -25.46 37.15 9.34
N LEU C 353 -24.88 36.75 10.47
CA LEU C 353 -25.55 35.88 11.45
C LEU C 353 -26.80 36.55 12.03
N GLN C 354 -26.73 37.86 12.29
CA GLN C 354 -27.88 38.63 12.78
C GLN C 354 -29.04 38.69 11.77
N PHE C 355 -28.71 38.79 10.48
CA PHE C 355 -29.72 38.73 9.42
C PHE C 355 -30.42 37.35 9.36
N LEU C 356 -29.65 36.28 9.54
CA LEU C 356 -30.19 34.91 9.58
C LEU C 356 -31.15 34.69 10.76
N GLU C 357 -30.81 35.25 11.92
CA GLU C 357 -31.63 35.11 13.14
C GLU C 357 -33.10 35.55 12.99
N ASP C 358 -33.34 36.55 12.14
CA ASP C 358 -34.69 37.12 11.94
C ASP C 358 -35.55 36.46 10.83
N GLN C 359 -35.07 35.37 10.20
CA GLN C 359 -35.71 34.82 8.99
C GLN C 359 -35.57 33.31 8.77
N ASN C 360 -36.11 32.83 7.65
CA ASN C 360 -36.01 31.44 7.20
C ASN C 360 -35.43 31.27 5.77
N THR C 361 -34.80 32.32 5.25
CA THR C 361 -34.21 32.29 3.89
C THR C 361 -32.80 31.69 3.89
N PHE C 362 -32.13 31.72 2.73
CA PHE C 362 -30.76 31.22 2.60
C PHE C 362 -29.78 32.13 3.35
N PRO C 363 -28.93 31.54 4.24
CA PRO C 363 -27.83 32.29 4.86
C PRO C 363 -26.50 32.04 4.14
N ASN C 364 -25.85 33.13 3.73
CA ASN C 364 -24.63 33.03 2.92
C ASN C 364 -23.37 33.14 3.77
N PHE C 365 -22.93 32.00 4.30
CA PHE C 365 -21.69 31.88 5.06
C PHE C 365 -20.48 31.86 4.13
N GLU C 366 -20.66 31.22 2.97
CA GLU C 366 -19.58 30.86 2.03
C GLU C 366 -18.41 31.83 1.90
N HIS C 367 -18.68 33.14 1.93
CA HIS C 367 -17.62 34.14 1.83
C HIS C 367 -16.72 34.21 3.07
N LEU C 368 -17.30 34.01 4.25
CA LEU C 368 -16.53 33.97 5.51
C LEU C 368 -15.59 32.77 5.60
N ALA C 369 -16.13 31.58 5.30
CA ALA C 369 -15.35 30.33 5.35
C ALA C 369 -14.04 30.42 4.57
N TYR C 370 -14.10 31.01 3.38
CA TYR C 370 -12.91 31.23 2.53
C TYR C 370 -11.78 31.94 3.27
N TRP C 371 -12.13 32.95 4.05
CA TRP C 371 -11.14 33.66 4.86
C TRP C 371 -10.74 32.88 6.10
N GLN C 372 -11.67 32.13 6.69
CA GLN C 372 -11.36 31.27 7.84
C GLN C 372 -10.27 30.24 7.55
N ILE C 373 -10.34 29.61 6.38
CA ILE C 373 -9.31 28.65 5.96
C ILE C 373 -7.98 29.37 5.76
N GLN C 374 -8.01 30.50 5.05
CA GLN C 374 -6.81 31.28 4.77
C GLN C 374 -6.09 31.73 6.04
N PHE C 375 -6.87 32.20 7.02
CA PHE C 375 -6.35 32.53 8.35
C PHE C 375 -5.70 31.30 8.99
N ASN C 376 -6.42 30.19 8.99
CA ASN C 376 -5.94 28.95 9.60
C ASN C 376 -4.65 28.44 8.96
N ASN C 377 -4.56 28.53 7.64
CA ASN C 377 -3.31 28.26 6.89
C ASN C 377 -2.16 29.10 7.41
N ILE C 378 -2.34 30.41 7.37
CA ILE C 378 -1.28 31.37 7.68
C ILE C 378 -0.82 31.22 9.13
N ALA C 379 -1.77 31.02 10.04
CA ALA C 379 -1.43 30.77 11.44
C ALA C 379 -0.55 29.53 11.59
N ALA C 380 -0.89 28.47 10.88
CA ALA C 380 -0.12 27.23 10.94
C ALA C 380 1.32 27.41 10.48
N VAL C 381 1.49 28.13 9.37
CA VAL C 381 2.83 28.41 8.83
C VAL C 381 3.61 29.31 9.79
N THR C 382 2.92 30.25 10.43
CA THR C 382 3.51 31.07 11.49
C THR C 382 4.06 30.19 12.61
N VAL C 383 3.25 29.22 13.05
CA VAL C 383 3.66 28.32 14.13
C VAL C 383 4.88 27.52 13.72
N PHE C 384 4.85 26.98 12.50
CA PHE C 384 5.98 26.21 11.98
C PHE C 384 7.28 27.01 11.97
N PHE C 385 7.21 28.26 11.51
CA PHE C 385 8.38 29.13 11.53
C PHE C 385 8.79 29.53 12.94
N VAL C 386 7.83 29.79 13.81
CA VAL C 386 8.11 30.15 15.20
C VAL C 386 8.89 29.03 15.91
N TRP C 387 8.48 27.79 15.70
CA TRP C 387 9.17 26.66 16.31
C TRP C 387 10.61 26.54 15.83
N ILE C 388 10.85 26.70 14.52
CA ILE C 388 12.23 26.59 13.99
C ILE C 388 13.14 27.74 14.44
N LYS C 389 12.56 28.90 14.71
CA LYS C 389 13.31 30.01 15.31
C LYS C 389 13.99 29.63 16.64
N LEU C 390 13.35 28.74 17.42
CA LEU C 390 13.91 28.26 18.70
C LEU C 390 15.37 27.83 18.63
N PHE C 391 15.80 27.29 17.49
CA PHE C 391 17.22 26.99 17.22
C PHE C 391 18.25 28.04 17.68
N LYS C 392 17.93 29.32 17.49
CA LYS C 392 18.83 30.43 17.85
C LYS C 392 19.34 30.41 19.30
N PHE C 393 18.55 29.83 20.22
CA PHE C 393 18.88 29.75 21.64
C PHE C 393 19.18 28.31 22.12
N ILE C 394 19.49 27.42 21.17
CA ILE C 394 19.88 26.03 21.46
C ILE C 394 21.39 25.93 21.71
N ASN C 395 22.16 26.73 20.97
CA ASN C 395 23.63 26.57 20.92
C ASN C 395 24.35 27.18 22.12
N PHE C 396 24.03 26.69 23.32
CA PHE C 396 24.85 26.87 24.53
C PHE C 396 25.23 25.48 25.06
N ASN C 397 25.68 24.64 24.12
CA ASN C 397 26.36 23.38 24.42
C ASN C 397 27.25 23.10 23.21
N ARG C 398 28.33 22.34 23.41
CA ARG C 398 29.36 22.22 22.38
C ARG C 398 28.94 21.39 21.15
N THR C 399 28.31 20.24 21.40
CA THR C 399 27.93 19.32 20.31
C THR C 399 26.88 19.91 19.37
N MET C 400 25.82 20.46 19.94
CA MET C 400 24.77 21.13 19.16
C MET C 400 25.31 22.30 18.34
N SER C 401 26.32 22.99 18.87
CA SER C 401 26.98 24.09 18.16
C SER C 401 27.71 23.64 16.90
N GLN C 402 28.44 22.53 17.00
CA GLN C 402 29.19 22.00 15.84
C GLN C 402 28.24 21.57 14.71
N LEU C 403 27.10 21.00 15.07
CA LEU C 403 26.13 20.52 14.09
C LEU C 403 25.49 21.67 13.32
N SER C 404 25.19 22.75 14.04
CA SER C 404 24.67 23.97 13.40
C SER C 404 25.69 24.63 12.49
N THR C 405 26.98 24.55 12.85
CA THR C 405 28.05 25.04 11.99
C THR C 405 28.25 24.14 10.74
N THR C 406 28.07 22.82 10.89
CA THR C 406 28.09 21.89 9.75
C THR C 406 26.96 22.17 8.78
N MET C 407 25.75 22.31 9.31
CA MET C 407 24.56 22.62 8.52
C MET C 407 24.67 23.95 7.76
N SER C 408 25.33 24.93 8.36
CA SER C 408 25.53 26.24 7.72
C SER C 408 26.53 26.18 6.56
N ARG C 409 27.66 25.51 6.76
CA ARG C 409 28.68 25.41 5.71
C ARG C 409 28.27 24.53 4.55
N CYS C 410 27.47 23.50 4.83
CA CYS C 410 26.98 22.61 3.77
C CYS C 410 25.88 23.26 2.91
N ALA C 411 25.18 24.26 3.45
CA ALA C 411 24.03 24.90 2.78
C ALA C 411 24.29 25.32 1.33
N LYS C 412 25.48 25.88 1.10
CA LYS C 412 25.89 26.34 -0.22
C LYS C 412 25.99 25.20 -1.25
N ASP C 413 26.66 24.12 -0.87
CA ASP C 413 26.82 22.95 -1.75
C ASP C 413 25.49 22.26 -2.04
N LEU C 414 24.69 22.06 -0.99
CA LEU C 414 23.37 21.44 -1.09
C LEU C 414 22.44 22.24 -2.01
N PHE C 415 22.45 23.55 -1.84
CA PHE C 415 21.70 24.47 -2.72
C PHE C 415 22.20 24.35 -4.17
N GLY C 416 23.51 24.28 -4.34
CA GLY C 416 24.13 24.08 -5.66
C GLY C 416 23.70 22.78 -6.31
N PHE C 417 23.68 21.71 -5.52
CA PHE C 417 23.22 20.41 -6.00
C PHE C 417 21.71 20.37 -6.23
N ALA C 418 20.95 21.01 -5.34
CA ALA C 418 19.48 21.03 -5.41
C ALA C 418 18.94 21.46 -6.78
N ILE C 419 19.60 22.44 -7.38
CA ILE C 419 19.22 22.93 -8.71
C ILE C 419 19.37 21.78 -9.70
N MET C 420 20.55 21.16 -9.73
CA MET C 420 20.83 20.06 -10.66
C MET C 420 19.86 18.90 -10.48
N PHE C 421 19.63 18.53 -9.23
CA PHE C 421 18.67 17.48 -8.88
C PHE C 421 17.30 17.78 -9.46
N PHE C 422 16.82 19.00 -9.23
CA PHE C 422 15.51 19.42 -9.75
C PHE C 422 15.41 19.43 -11.28
N ILE C 423 16.50 19.78 -11.97
CA ILE C 423 16.50 19.77 -13.44
C ILE C 423 16.19 18.38 -13.97
N ILE C 424 16.90 17.38 -13.45
CA ILE C 424 16.66 15.99 -13.84
C ILE C 424 15.28 15.51 -13.41
N PHE C 425 14.88 15.89 -12.20
CA PHE C 425 13.56 15.55 -11.66
C PHE C 425 12.40 16.08 -12.53
N LEU C 426 12.48 17.36 -12.90
CA LEU C 426 11.44 18.02 -13.71
C LEU C 426 11.41 17.57 -15.17
N ALA C 427 12.55 17.11 -15.67
CA ALA C 427 12.61 16.48 -17.00
C ALA C 427 11.90 15.13 -16.95
N TYR C 428 12.22 14.32 -15.95
CA TYR C 428 11.55 13.05 -15.71
C TYR C 428 10.04 13.19 -15.59
N ALA C 429 9.60 14.20 -14.83
CA ALA C 429 8.19 14.52 -14.71
C ALA C 429 7.58 14.88 -16.07
N GLN C 430 8.29 15.69 -16.84
CA GLN C 430 7.81 16.08 -18.16
C GLN C 430 7.69 14.86 -19.07
N LEU C 431 8.67 13.96 -19.03
CA LEU C 431 8.60 12.70 -19.76
C LEU C 431 7.37 11.91 -19.37
N ALA C 432 7.20 11.72 -18.06
CA ALA C 432 6.06 10.95 -17.53
C ALA C 432 4.71 11.54 -17.93
N TYR C 433 4.61 12.86 -17.86
CA TYR C 433 3.41 13.58 -18.26
C TYR C 433 3.04 13.34 -19.73
N LEU C 434 4.05 13.37 -20.59
CA LEU C 434 3.89 13.12 -22.03
C LEU C 434 3.47 11.69 -22.37
N VAL C 435 3.98 10.71 -21.63
CA VAL C 435 3.61 9.31 -21.80
C VAL C 435 2.25 9.01 -21.20
N PHE C 436 2.14 9.21 -19.89
CA PHE C 436 1.01 8.70 -19.10
C PHE C 436 -0.20 9.63 -18.97
N GLY C 437 -0.02 10.91 -19.29
CA GLY C 437 -1.07 11.94 -19.09
C GLY C 437 -2.48 11.53 -19.46
N THR C 438 -2.59 10.76 -20.54
CA THR C 438 -3.88 10.27 -21.01
C THR C 438 -4.48 9.16 -20.16
N GLN C 439 -3.63 8.25 -19.67
CA GLN C 439 -4.13 6.99 -19.11
C GLN C 439 -4.30 6.98 -17.60
N VAL C 440 -3.23 7.26 -16.87
CA VAL C 440 -3.22 7.02 -15.42
C VAL C 440 -3.54 8.30 -14.65
N ASP C 441 -4.34 8.14 -13.59
CA ASP C 441 -4.81 9.25 -12.75
C ASP C 441 -3.63 10.02 -12.16
N ASP C 442 -2.69 9.26 -11.60
CA ASP C 442 -1.48 9.79 -10.98
C ASP C 442 -0.89 11.04 -11.66
N PHE C 443 -0.62 10.94 -12.95
CA PHE C 443 0.05 12.01 -13.71
C PHE C 443 -0.93 12.89 -14.52
N SER C 444 -2.19 12.97 -14.10
CA SER C 444 -3.25 13.62 -14.89
C SER C 444 -2.96 15.08 -15.24
N THR C 445 -2.52 15.82 -14.22
CA THR C 445 -2.03 17.19 -14.39
C THR C 445 -0.55 17.26 -14.00
N PHE C 446 0.14 18.29 -14.51
CA PHE C 446 1.57 18.47 -14.24
C PHE C 446 1.84 18.79 -12.77
N GLN C 447 0.91 19.50 -12.14
CA GLN C 447 0.97 19.83 -10.73
C GLN C 447 1.12 18.58 -9.88
N GLU C 448 0.31 17.56 -10.15
CA GLU C 448 0.34 16.29 -9.40
C GLU C 448 1.51 15.36 -9.76
N CYS C 449 1.99 15.48 -11.01
CA CYS C 449 3.07 14.63 -11.52
C CYS C 449 4.33 14.67 -10.68
N ILE C 450 4.70 15.88 -10.28
CA ILE C 450 5.80 16.10 -9.33
C ILE C 450 5.57 15.28 -8.06
N PHE C 451 4.40 15.44 -7.46
CA PHE C 451 4.10 14.83 -6.16
C PHE C 451 4.05 13.30 -6.26
N THR C 452 3.54 12.79 -7.38
CA THR C 452 3.59 11.35 -7.64
C THR C 452 5.03 10.85 -7.64
N GLN C 453 5.92 11.56 -8.34
CA GLN C 453 7.32 11.16 -8.37
C GLN C 453 7.95 11.17 -6.99
N PHE C 454 7.57 12.13 -6.16
CA PHE C 454 8.03 12.16 -4.77
C PHE C 454 7.58 10.96 -3.97
N ARG C 455 6.33 10.56 -4.17
CA ARG C 455 5.84 9.33 -3.56
C ARG C 455 6.63 8.10 -4.04
N ILE C 456 6.97 8.05 -5.32
CA ILE C 456 7.74 6.91 -5.89
C ILE C 456 9.07 6.70 -5.17
N ILE C 457 9.76 7.80 -4.89
CA ILE C 457 11.03 7.75 -4.18
C ILE C 457 10.87 7.12 -2.80
N LEU C 458 9.81 7.51 -2.08
CA LEU C 458 9.60 7.02 -0.72
C LEU C 458 9.28 5.52 -0.69
N GLY C 459 8.27 5.13 -1.45
CA GLY C 459 7.76 3.76 -1.48
C GLY C 459 6.25 3.73 -1.44
N ASP C 460 5.62 4.29 -2.47
CA ASP C 460 4.17 4.27 -2.64
C ASP C 460 3.86 4.65 -4.08
N ILE C 461 3.40 3.67 -4.84
CA ILE C 461 3.20 3.83 -6.27
C ILE C 461 2.17 2.82 -6.76
N ASN C 462 1.31 3.25 -7.68
CA ASN C 462 0.35 2.38 -8.34
C ASN C 462 1.00 1.85 -9.62
N PHE C 463 1.80 0.78 -9.48
CA PHE C 463 2.57 0.26 -10.60
C PHE C 463 1.73 -0.48 -11.63
N ALA C 464 0.74 -1.23 -11.17
CA ALA C 464 -0.15 -1.96 -12.07
C ALA C 464 -0.82 -1.07 -13.13
N GLU C 465 -1.17 0.16 -12.75
CA GLU C 465 -1.81 1.13 -13.67
C GLU C 465 -0.85 1.69 -14.73
N ILE C 466 0.35 2.10 -14.32
CA ILE C 466 1.42 2.52 -15.26
C ILE C 466 1.66 1.46 -16.32
N GLU C 467 1.80 0.22 -15.88
CA GLU C 467 2.09 -0.91 -16.77
C GLU C 467 0.93 -1.18 -17.74
N GLU C 468 -0.31 -0.96 -17.30
CA GLU C 468 -1.50 -1.06 -18.16
C GLU C 468 -1.59 0.06 -19.21
N ALA C 469 -1.05 1.22 -18.89
CA ALA C 469 -1.04 2.38 -19.80
C ALA C 469 -0.07 2.27 -20.97
N ASN C 470 1.13 1.73 -20.72
CA ASN C 470 2.18 1.65 -21.72
C ASN C 470 3.23 0.60 -21.33
N ARG C 471 3.18 -0.57 -21.97
CA ARG C 471 4.04 -1.69 -21.58
C ARG C 471 5.50 -1.56 -22.04
N VAL C 472 5.76 -0.74 -23.07
CA VAL C 472 7.12 -0.57 -23.61
C VAL C 472 7.89 0.38 -22.70
N LEU C 473 7.43 1.63 -22.67
CA LEU C 473 8.17 2.73 -22.07
C LEU C 473 7.82 2.92 -20.61
N GLY C 474 6.58 2.60 -20.24
CA GLY C 474 6.12 2.77 -18.87
C GLY C 474 7.04 2.24 -17.79
N PRO C 475 7.35 0.93 -17.84
CA PRO C 475 8.26 0.36 -16.85
C PRO C 475 9.72 0.83 -17.01
N ILE C 476 10.11 1.17 -18.24
CA ILE C 476 11.45 1.74 -18.51
C ILE C 476 11.63 3.07 -17.78
N TYR C 477 10.65 3.96 -17.91
CA TYR C 477 10.62 5.21 -17.14
C TYR C 477 10.82 4.94 -15.65
N PHE C 478 10.09 3.94 -15.14
CA PHE C 478 10.13 3.59 -13.73
C PHE C 478 11.50 3.00 -13.30
N THR C 479 12.06 2.08 -14.08
CA THR C 479 13.38 1.51 -13.78
C THR C 479 14.46 2.59 -13.76
N THR C 480 14.55 3.33 -14.88
CA THR C 480 15.56 4.37 -15.03
C THR C 480 15.48 5.41 -13.92
N PHE C 481 14.27 5.85 -13.60
CA PHE C 481 14.04 6.81 -12.51
C PHE C 481 14.56 6.29 -11.19
N VAL C 482 14.23 5.05 -10.87
CA VAL C 482 14.71 4.42 -9.65
C VAL C 482 16.23 4.31 -9.68
N PHE C 483 16.78 3.89 -10.82
CA PHE C 483 18.22 3.69 -10.95
C PHE C 483 19.04 4.96 -10.76
N PHE C 484 18.60 6.06 -11.36
CA PHE C 484 19.31 7.35 -11.26
C PHE C 484 19.00 8.05 -9.95
N MET C 485 17.72 8.30 -9.69
CA MET C 485 17.30 9.07 -8.52
C MET C 485 17.64 8.34 -7.22
N PHE C 486 17.19 7.09 -7.08
CA PHE C 486 17.30 6.37 -5.80
C PHE C 486 18.68 5.78 -5.44
N PHE C 487 19.43 5.31 -6.43
CA PHE C 487 20.78 4.73 -6.17
C PHE C 487 21.94 5.71 -6.31
N ILE C 488 21.81 6.71 -7.19
CA ILE C 488 22.91 7.64 -7.51
C ILE C 488 22.69 9.03 -6.91
N LEU C 489 21.68 9.74 -7.40
CA LEU C 489 21.55 11.18 -7.16
C LEU C 489 21.17 11.56 -5.73
N LEU C 490 20.27 10.80 -5.11
CA LEU C 490 19.88 11.09 -3.72
C LEU C 490 21.00 10.88 -2.72
N ASN C 491 22.01 10.10 -3.10
CA ASN C 491 23.18 9.86 -2.26
C ASN C 491 24.27 10.94 -2.39
N MET C 492 24.16 11.83 -3.38
CA MET C 492 25.06 12.99 -3.47
C MET C 492 24.78 14.00 -2.38
N PHE C 493 23.50 14.27 -2.09
CA PHE C 493 23.11 15.04 -0.91
C PHE C 493 23.87 14.56 0.31
N LEU C 494 23.80 13.25 0.51
CA LEU C 494 24.43 12.58 1.64
C LEU C 494 25.95 12.76 1.65
N ALA C 495 26.57 12.53 0.49
CA ALA C 495 28.02 12.68 0.32
C ALA C 495 28.49 14.11 0.62
N ILE C 496 27.70 15.09 0.19
CA ILE C 496 27.99 16.50 0.46
C ILE C 496 27.97 16.81 1.95
N ILE C 497 26.91 16.38 2.64
CA ILE C 497 26.82 16.52 4.10
C ILE C 497 27.97 15.81 4.78
N ASN C 498 28.12 14.52 4.44
CA ASN C 498 29.12 13.64 5.06
C ASN C 498 30.50 14.28 5.12
N ASP C 499 31.03 14.66 3.97
CA ASP C 499 32.36 15.24 3.87
C ASP C 499 32.46 16.57 4.62
N THR C 500 31.43 17.41 4.51
CA THR C 500 31.43 18.70 5.18
C THR C 500 31.41 18.56 6.71
N TYR C 501 30.75 17.52 7.22
CA TYR C 501 30.79 17.19 8.66
C TYR C 501 32.19 16.77 9.09
N SER C 502 32.81 15.86 8.36
CA SER C 502 34.18 15.43 8.60
C SER C 502 35.19 16.58 8.62
N GLU C 503 34.97 17.57 7.75
CA GLU C 503 35.86 18.75 7.65
C GLU C 503 35.73 19.71 8.85
N VAL C 504 34.53 19.81 9.40
CA VAL C 504 34.32 20.57 10.64
C VAL C 504 34.89 19.86 11.87
N LYS C 505 34.82 18.52 11.88
CA LYS C 505 35.42 17.72 12.97
C LYS C 505 36.95 17.79 12.96
N SER C 506 37.55 17.77 11.77
CA SER C 506 39.00 17.96 11.62
C SER C 506 39.40 19.40 12.01
N ASP C 507 38.59 20.37 11.62
CA ASP C 507 38.79 21.78 12.01
C ASP C 507 38.73 22.00 13.53
N LEU C 508 37.81 21.31 14.20
CA LEU C 508 37.70 21.37 15.66
C LEU C 508 38.84 20.60 16.36
N ALA C 509 39.29 19.50 15.77
CA ALA C 509 40.43 18.73 16.28
C ALA C 509 41.75 19.52 16.20
N GLN C 510 41.95 20.24 15.09
CA GLN C 510 43.10 21.14 14.93
C GLN C 510 43.03 22.37 15.84
N GLN C 511 41.82 22.87 16.11
CA GLN C 511 41.62 23.94 17.11
C GLN C 511 41.96 23.48 18.53
N LYS C 512 41.66 22.21 18.84
CA LYS C 512 42.05 21.60 20.12
C LYS C 512 43.56 21.30 20.18
N ALA C 513 44.12 20.83 19.07
CA ALA C 513 45.55 20.49 18.98
C ALA C 513 46.46 21.72 18.90
N GLU C 514 46.05 22.73 18.13
CA GLU C 514 46.78 24.00 18.04
C GLU C 514 46.71 24.81 19.35
N MET C 515 45.59 24.72 20.07
CA MET C 515 45.47 25.28 21.41
C MET C 515 46.32 24.52 22.44
N GLU C 516 46.43 23.20 22.27
CA GLU C 516 47.31 22.36 23.08
C GLU C 516 48.81 22.65 22.84
N LEU C 517 49.17 22.98 21.60
CA LEU C 517 50.54 23.37 21.25
C LEU C 517 50.92 24.77 21.77
N SER C 518 49.99 25.71 21.68
CA SER C 518 50.20 27.09 22.18
C SER C 518 50.37 27.17 23.69
N ASP C 519 49.59 26.39 24.44
CA ASP C 519 49.67 26.35 25.91
C ASP C 519 50.91 25.60 26.38
N ARG D 30 44.05 -11.98 35.00
CA ARG D 30 43.53 -13.17 34.27
C ARG D 30 42.59 -14.04 35.11
N GLU D 31 42.93 -14.26 36.38
CA GLU D 31 42.14 -15.11 37.29
C GLU D 31 40.82 -14.50 37.72
N LYS D 32 40.87 -13.25 38.20
CA LYS D 32 39.68 -12.55 38.75
C LYS D 32 38.69 -12.11 37.68
N TYR D 33 39.19 -11.49 36.60
CA TYR D 33 38.35 -11.05 35.47
C TYR D 33 37.58 -12.20 34.81
N LEU D 34 38.32 -13.14 34.20
CA LEU D 34 37.73 -14.21 33.38
C LEU D 34 36.81 -15.16 34.15
N LYS D 35 37.19 -15.51 35.38
CA LYS D 35 36.35 -16.36 36.24
C LYS D 35 35.04 -15.66 36.62
N SER D 36 35.13 -14.39 37.03
CA SER D 36 33.94 -13.58 37.38
C SER D 36 33.01 -13.31 36.18
N VAL D 37 33.60 -13.20 34.98
CA VAL D 37 32.82 -13.09 33.73
C VAL D 37 32.09 -14.42 33.42
N LEU D 38 32.79 -15.54 33.56
CA LEU D 38 32.19 -16.88 33.38
C LEU D 38 31.09 -17.19 34.40
N ARG D 39 31.30 -16.78 35.65
CA ARG D 39 30.26 -16.88 36.70
C ARG D 39 29.00 -16.11 36.32
N GLU D 40 29.20 -14.86 35.91
CA GLU D 40 28.11 -13.97 35.51
C GLU D 40 27.38 -14.43 34.25
N LEU D 41 28.14 -14.89 33.25
CA LEU D 41 27.58 -15.29 31.95
C LEU D 41 26.65 -16.50 32.04
N VAL D 42 27.14 -17.56 32.69
CA VAL D 42 26.40 -18.82 32.76
C VAL D 42 25.06 -18.63 33.48
N THR D 43 25.10 -17.93 34.61
CA THR D 43 23.90 -17.62 35.39
C THR D 43 22.90 -16.73 34.61
N TYR D 44 23.43 -15.77 33.85
CA TYR D 44 22.61 -14.92 32.98
C TYR D 44 21.95 -15.71 31.84
N LEU D 45 22.71 -16.63 31.22
CA LEU D 45 22.16 -17.47 30.15
C LEU D 45 21.03 -18.37 30.64
N LEU D 46 21.17 -18.95 31.83
CA LEU D 46 20.10 -19.74 32.44
C LEU D 46 18.87 -18.90 32.74
N PHE D 47 19.09 -17.70 33.28
CA PHE D 47 18.02 -16.71 33.52
C PHE D 47 17.27 -16.33 32.24
N LEU D 48 18.00 -16.18 31.14
CA LEU D 48 17.41 -15.92 29.82
C LEU D 48 16.57 -17.10 29.35
N ILE D 49 17.12 -18.32 29.44
CA ILE D 49 16.41 -19.54 29.03
C ILE D 49 15.12 -19.72 29.83
N VAL D 50 15.19 -19.53 31.14
CA VAL D 50 14.00 -19.57 31.98
C VAL D 50 12.99 -18.51 31.52
N LEU D 51 13.47 -17.30 31.24
CA LEU D 51 12.60 -16.22 30.76
C LEU D 51 11.93 -16.56 29.43
N CYS D 52 12.68 -17.15 28.50
CA CYS D 52 12.11 -17.61 27.23
C CYS D 52 11.11 -18.77 27.38
N ILE D 53 11.30 -19.60 28.40
CA ILE D 53 10.32 -20.66 28.72
C ILE D 53 9.02 -20.06 29.26
N LEU D 54 9.09 -18.99 30.05
CA LEU D 54 7.90 -18.30 30.52
C LEU D 54 7.09 -17.68 29.38
N THR D 55 7.78 -17.08 28.41
CA THR D 55 7.12 -16.46 27.26
C THR D 55 6.46 -17.49 26.33
N TYR D 56 7.14 -18.60 26.10
CA TYR D 56 6.60 -19.74 25.34
C TYR D 56 5.33 -20.31 26.01
N GLY D 57 5.33 -20.35 27.35
CA GLY D 57 4.16 -20.80 28.12
C GLY D 57 2.97 -19.86 28.11
N MET D 58 3.23 -18.55 28.15
CA MET D 58 2.18 -17.53 28.11
C MET D 58 1.39 -17.50 26.79
N MET D 59 2.11 -17.64 25.68
CA MET D 59 1.54 -17.52 24.33
C MET D 59 1.49 -18.87 23.62
N SER D 60 0.29 -19.45 23.54
CA SER D 60 0.04 -20.64 22.71
C SER D 60 -0.24 -20.19 21.27
N SER D 61 0.25 -20.94 20.28
CA SER D 61 0.19 -20.53 18.86
C SER D 61 -1.20 -20.61 18.20
N ASN D 62 -2.14 -21.27 18.88
CA ASN D 62 -3.53 -21.34 18.44
C ASN D 62 -4.25 -20.02 18.69
N VAL D 63 -3.88 -19.36 19.79
CA VAL D 63 -4.60 -18.20 20.34
C VAL D 63 -5.04 -17.20 19.27
N TYR D 64 -4.17 -16.92 18.30
CA TYR D 64 -4.55 -15.97 17.27
C TYR D 64 -5.86 -16.41 16.63
N TYR D 65 -5.90 -17.66 16.15
CA TYR D 65 -7.09 -18.13 15.44
C TYR D 65 -8.33 -18.13 16.32
N TYR D 66 -8.15 -18.35 17.61
CA TYR D 66 -9.25 -18.27 18.56
C TYR D 66 -9.93 -16.90 18.56
N THR D 67 -9.13 -15.85 18.69
CA THR D 67 -9.65 -14.48 18.74
C THR D 67 -10.17 -14.03 17.37
N ARG D 68 -9.51 -14.49 16.32
CA ARG D 68 -9.92 -14.16 14.96
C ARG D 68 -11.33 -14.64 14.68
N MET D 69 -11.66 -15.86 15.08
CA MET D 69 -13.00 -16.40 14.84
C MET D 69 -14.07 -15.64 15.62
N MET D 70 -13.76 -15.28 16.85
CA MET D 70 -14.66 -14.47 17.66
C MET D 70 -14.91 -13.10 17.02
N SER D 71 -13.85 -12.46 16.52
CA SER D 71 -13.98 -11.14 15.89
C SER D 71 -14.83 -11.19 14.61
N GLN D 72 -14.58 -12.21 13.79
CA GLN D 72 -15.34 -12.45 12.56
C GLN D 72 -16.84 -12.56 12.84
N LEU D 73 -17.19 -13.27 13.89
CA LEU D 73 -18.59 -13.46 14.27
C LEU D 73 -19.32 -12.14 14.56
N PHE D 74 -18.70 -11.27 15.34
CA PHE D 74 -19.38 -10.07 15.86
C PHE D 74 -19.10 -8.80 15.08
N LEU D 75 -17.84 -8.60 14.68
CA LEU D 75 -17.48 -7.38 13.99
C LEU D 75 -17.84 -7.42 12.51
N ASP D 76 -17.28 -8.40 11.80
CA ASP D 76 -17.27 -8.39 10.32
C ASP D 76 -18.62 -8.73 9.67
N THR D 77 -19.42 -9.59 10.31
CA THR D 77 -20.69 -10.04 9.75
C THR D 77 -21.67 -8.90 9.48
N PRO D 78 -22.61 -9.10 8.53
CA PRO D 78 -23.62 -8.08 8.27
C PRO D 78 -24.63 -7.96 9.41
N VAL D 79 -25.23 -6.78 9.54
CA VAL D 79 -26.18 -6.48 10.61
C VAL D 79 -27.48 -7.27 10.42
N SER D 80 -28.20 -6.99 9.33
CA SER D 80 -29.38 -7.76 8.94
C SER D 80 -29.03 -8.60 7.71
N LYS D 81 -30.00 -9.41 7.25
CA LYS D 81 -29.77 -10.32 6.13
C LYS D 81 -29.73 -9.61 4.77
N THR D 82 -30.47 -8.51 4.64
CA THR D 82 -30.71 -7.84 3.34
C THR D 82 -30.10 -6.43 3.28
N GLU D 83 -28.85 -6.29 3.72
CA GLU D 83 -28.13 -5.01 3.61
C GLU D 83 -26.61 -5.19 3.73
N LYS D 84 -25.88 -4.12 3.44
CA LYS D 84 -24.41 -4.14 3.35
C LYS D 84 -23.70 -3.96 4.69
N THR D 85 -24.25 -3.11 5.57
CA THR D 85 -23.54 -2.63 6.77
C THR D 85 -23.19 -3.70 7.82
N ASN D 86 -22.13 -3.45 8.58
CA ASN D 86 -21.61 -4.36 9.62
C ASN D 86 -21.44 -3.58 10.93
N PHE D 87 -20.82 -4.19 11.96
CA PHE D 87 -20.52 -3.47 13.20
C PHE D 87 -19.46 -2.40 13.02
N LYS D 88 -18.38 -2.74 12.30
CA LYS D 88 -17.25 -1.81 12.11
C LYS D 88 -17.66 -0.43 11.61
N THR D 89 -18.69 -0.36 10.77
CA THR D 89 -19.17 0.91 10.22
C THR D 89 -20.64 1.17 10.59
N LEU D 90 -20.93 1.13 11.89
CA LEU D 90 -22.22 1.59 12.41
C LEU D 90 -22.22 3.11 12.31
N SER D 91 -23.19 3.65 11.58
CA SER D 91 -23.31 5.09 11.39
C SER D 91 -24.40 5.71 12.27
N SER D 92 -25.58 5.11 12.27
CA SER D 92 -26.75 5.65 12.97
C SER D 92 -27.07 4.90 14.26
N MET D 93 -27.97 5.49 15.04
CA MET D 93 -28.56 4.82 16.20
C MET D 93 -29.47 3.68 15.76
N GLU D 94 -30.22 3.92 14.69
CA GLU D 94 -31.05 2.89 14.06
C GLU D 94 -30.20 1.66 13.71
N ASP D 95 -29.05 1.90 13.11
CA ASP D 95 -28.09 0.83 12.77
C ASP D 95 -27.66 0.02 14.00
N PHE D 96 -27.28 0.72 15.06
CA PHE D 96 -26.91 0.06 16.33
C PHE D 96 -28.06 -0.80 16.84
N TRP D 97 -29.28 -0.26 16.78
CA TRP D 97 -30.46 -1.02 17.19
C TRP D 97 -30.69 -2.28 16.37
N LYS D 98 -30.41 -2.22 15.07
CA LYS D 98 -30.49 -3.40 14.21
C LYS D 98 -29.46 -4.46 14.60
N PHE D 99 -28.25 -4.02 14.96
CA PHE D 99 -27.19 -4.94 15.38
C PHE D 99 -27.54 -5.71 16.67
N THR D 100 -28.00 -4.99 17.69
CA THR D 100 -28.38 -5.60 18.99
C THR D 100 -29.53 -6.59 18.88
N GLU D 101 -30.47 -6.32 17.98
CA GLU D 101 -31.67 -7.13 17.79
C GLU D 101 -31.43 -8.38 16.93
N GLY D 102 -30.62 -8.22 15.87
CA GLY D 102 -30.31 -9.30 14.93
C GLY D 102 -28.99 -10.01 15.21
N SER D 103 -27.91 -9.49 14.63
CA SER D 103 -26.62 -10.20 14.57
C SER D 103 -25.84 -10.36 15.89
N LEU D 104 -26.11 -9.50 16.87
CA LEU D 104 -25.55 -9.68 18.22
C LEU D 104 -26.06 -10.99 18.82
N LEU D 105 -27.38 -11.18 18.76
CA LEU D 105 -28.01 -12.36 19.34
C LEU D 105 -27.71 -13.61 18.54
N ASP D 106 -27.81 -13.52 17.22
CA ASP D 106 -27.50 -14.65 16.33
C ASP D 106 -26.02 -15.07 16.35
N GLY D 107 -25.17 -14.25 16.96
CA GLY D 107 -23.83 -14.68 17.38
C GLY D 107 -23.82 -15.41 18.72
N LEU D 108 -24.48 -14.83 19.73
CA LEU D 108 -24.44 -15.36 21.10
C LEU D 108 -25.21 -16.66 21.30
N TYR D 109 -26.42 -16.73 20.73
CA TYR D 109 -27.35 -17.84 20.98
C TYR D 109 -27.45 -18.76 19.77
N TRP D 110 -26.94 -19.98 19.92
CA TRP D 110 -26.96 -20.99 18.85
C TRP D 110 -27.98 -22.06 19.24
N LYS D 111 -28.74 -22.52 18.26
CA LYS D 111 -29.78 -23.54 18.47
C LYS D 111 -29.14 -24.83 18.98
N MET D 112 -29.60 -25.31 20.13
CA MET D 112 -29.02 -26.48 20.81
C MET D 112 -28.91 -27.71 19.91
N GLN D 113 -27.79 -28.42 20.02
CA GLN D 113 -27.53 -29.62 19.20
C GLN D 113 -28.42 -30.80 19.63
N PRO D 114 -29.01 -31.53 18.64
CA PRO D 114 -29.92 -32.63 18.98
C PRO D 114 -29.19 -33.89 19.44
N ASP D 121 -31.13 -29.94 30.27
CA ASP D 121 -30.65 -28.56 30.25
C ASP D 121 -30.74 -27.93 28.86
N ASN D 122 -30.55 -26.61 28.81
CA ASN D 122 -30.59 -25.83 27.58
C ASN D 122 -29.52 -24.73 27.59
N ARG D 123 -28.27 -25.16 27.82
CA ARG D 123 -27.12 -24.27 27.92
C ARG D 123 -26.57 -23.99 26.51
N SER D 124 -26.28 -22.72 26.22
CA SER D 124 -25.87 -22.27 24.88
C SER D 124 -24.35 -22.28 24.68
N PHE D 125 -23.94 -22.61 23.45
CA PHE D 125 -22.53 -22.62 23.05
C PHE D 125 -22.30 -21.64 21.90
N ILE D 126 -21.02 -21.30 21.68
CA ILE D 126 -20.56 -20.58 20.50
C ILE D 126 -19.75 -21.58 19.68
N PHE D 127 -19.95 -21.59 18.35
CA PHE D 127 -19.32 -22.55 17.42
C PHE D 127 -19.43 -24.04 17.80
N TYR D 128 -20.31 -24.36 18.75
CA TYR D 128 -20.30 -25.64 19.48
C TYR D 128 -19.14 -25.79 20.49
N GLU D 129 -17.91 -25.51 20.09
CA GLU D 129 -16.73 -25.71 20.95
C GLU D 129 -16.58 -24.72 22.13
N ASN D 130 -17.03 -23.47 21.96
CA ASN D 130 -16.94 -22.44 23.02
C ASN D 130 -18.22 -22.34 23.85
N LEU D 131 -18.05 -21.94 25.10
CA LEU D 131 -19.15 -21.84 26.08
C LEU D 131 -19.42 -20.39 26.44
N LEU D 132 -20.67 -19.95 26.27
CA LEU D 132 -21.12 -18.67 26.79
C LEU D 132 -21.24 -18.76 28.30
N LEU D 133 -20.52 -17.90 29.01
CA LEU D 133 -20.59 -17.86 30.46
C LEU D 133 -21.74 -17.00 30.93
N GLY D 134 -22.67 -17.62 31.66
CA GLY D 134 -23.79 -16.92 32.24
C GLY D 134 -24.56 -16.14 31.19
N VAL D 135 -24.40 -14.82 31.22
CA VAL D 135 -25.16 -13.92 30.35
C VAL D 135 -24.37 -12.67 29.97
N PRO D 136 -24.83 -11.96 28.91
CA PRO D 136 -24.27 -10.64 28.60
C PRO D 136 -24.88 -9.52 29.42
N ARG D 137 -24.32 -8.33 29.23
CA ARG D 137 -24.75 -7.12 29.93
C ARG D 137 -24.70 -5.93 28.97
N ILE D 138 -25.77 -5.15 28.94
CA ILE D 138 -25.80 -3.91 28.20
C ILE D 138 -25.77 -2.76 29.20
N ARG D 139 -24.67 -2.02 29.20
CA ARG D 139 -24.49 -0.86 30.07
C ARG D 139 -24.57 0.43 29.27
N GLN D 140 -24.98 1.51 29.91
CA GLN D 140 -25.17 2.80 29.26
C GLN D 140 -24.84 3.92 30.23
N LEU D 141 -24.21 4.98 29.73
CA LEU D 141 -24.05 6.22 30.47
C LEU D 141 -24.89 7.29 29.81
N ARG D 142 -25.21 8.35 30.55
CA ARG D 142 -26.00 9.45 30.02
C ARG D 142 -25.69 10.77 30.71
N VAL D 143 -25.92 11.87 29.99
CA VAL D 143 -25.61 13.22 30.42
C VAL D 143 -26.91 14.02 30.62
N ARG D 144 -26.89 14.97 31.56
CA ARG D 144 -28.09 15.75 31.94
C ARG D 144 -28.63 16.64 30.82
N ASN D 145 -29.88 17.06 30.99
CA ASN D 145 -30.49 18.07 30.12
C ASN D 145 -29.92 19.44 30.49
N GLY D 146 -29.51 20.20 29.48
CA GLY D 146 -28.97 21.56 29.67
C GLY D 146 -27.69 21.62 30.47
N SER D 147 -26.79 20.68 30.23
CA SER D 147 -25.53 20.59 30.97
C SER D 147 -24.50 21.65 30.56
N CYS D 148 -24.66 22.23 29.37
CA CYS D 148 -23.86 23.38 28.92
C CYS D 148 -24.78 24.42 28.28
N SER D 149 -24.49 25.70 28.54
CA SER D 149 -25.39 26.80 28.18
C SER D 149 -25.31 27.15 26.69
N ILE D 150 -26.48 27.51 26.14
CA ILE D 150 -26.64 27.82 24.71
C ILE D 150 -26.48 29.34 24.54
N PRO D 151 -25.89 29.79 23.41
CA PRO D 151 -25.84 31.25 23.16
C PRO D 151 -27.23 31.88 22.96
N GLN D 152 -27.41 33.12 23.44
CA GLN D 152 -28.71 33.80 23.41
C GLN D 152 -29.22 34.22 22.03
N ASP D 153 -28.36 34.17 21.01
CA ASP D 153 -28.75 34.48 19.63
C ASP D 153 -29.74 33.45 19.07
N LEU D 154 -29.48 32.17 19.33
CA LEU D 154 -30.38 31.07 18.93
C LEU D 154 -31.11 30.48 20.16
N ARG D 155 -31.90 31.33 20.84
CA ARG D 155 -32.80 30.89 21.91
C ARG D 155 -34.25 30.71 21.45
N ASP D 156 -34.54 31.11 20.21
CA ASP D 156 -35.86 30.87 19.60
C ASP D 156 -36.04 29.40 19.21
N GLU D 157 -35.07 28.86 18.46
CA GLU D 157 -35.17 27.51 17.89
C GLU D 157 -34.79 26.40 18.87
N ILE D 158 -33.59 26.50 19.44
CA ILE D 158 -33.02 25.45 20.29
C ILE D 158 -33.51 25.61 21.74
N LYS D 159 -34.19 24.58 22.26
CA LYS D 159 -34.68 24.54 23.64
C LYS D 159 -34.04 23.42 24.48
N GLU D 160 -32.92 22.86 24.00
CA GLU D 160 -32.25 21.74 24.67
C GLU D 160 -30.79 21.59 24.26
N CYS D 161 -29.99 20.97 25.13
CA CYS D 161 -28.57 20.76 24.88
C CYS D 161 -27.98 19.68 25.79
N TYR D 162 -26.98 18.98 25.29
CA TYR D 162 -26.24 17.96 26.04
C TYR D 162 -24.78 18.03 25.60
N ASP D 163 -23.85 18.27 26.53
CA ASP D 163 -22.42 18.38 26.17
C ASP D 163 -21.67 17.06 26.30
N VAL D 164 -20.38 17.08 25.98
CA VAL D 164 -19.58 15.85 25.85
C VAL D 164 -19.26 15.31 27.24
N TYR D 165 -19.11 13.99 27.33
CA TYR D 165 -18.95 13.28 28.59
C TYR D 165 -17.90 13.86 29.56
N SER D 166 -18.32 14.04 30.80
CA SER D 166 -17.43 14.29 31.94
C SER D 166 -18.17 13.85 33.20
N VAL D 167 -17.41 13.57 34.27
CA VAL D 167 -17.98 13.02 35.52
C VAL D 167 -18.89 14.05 36.21
N SER D 168 -18.55 15.33 36.08
CA SER D 168 -19.37 16.43 36.59
C SER D 168 -20.76 16.48 35.96
N SER D 169 -20.82 16.33 34.65
CA SER D 169 -22.06 16.49 33.88
C SER D 169 -22.92 15.21 33.75
N GLU D 170 -22.40 14.07 34.19
CA GLU D 170 -23.11 12.78 34.13
C GLU D 170 -24.43 12.82 34.94
N ASP D 171 -25.49 12.24 34.37
CA ASP D 171 -26.82 12.28 35.00
C ASP D 171 -26.95 11.21 36.09
N ARG D 172 -27.45 11.64 37.25
CA ARG D 172 -27.78 10.74 38.37
C ARG D 172 -29.26 10.37 38.41
N ALA D 173 -30.13 11.26 37.95
CA ALA D 173 -31.58 11.14 38.15
C ALA D 173 -32.21 9.97 37.39
N PRO D 174 -33.46 9.59 37.74
CA PRO D 174 -34.20 8.56 36.97
C PRO D 174 -34.61 8.98 35.55
N PHE D 175 -35.34 8.10 34.87
CA PHE D 175 -35.50 8.17 33.42
C PHE D 175 -36.71 7.34 32.97
N GLY D 176 -37.57 7.93 32.14
CA GLY D 176 -38.71 7.20 31.54
C GLY D 176 -39.58 6.44 32.54
N PRO D 177 -39.96 5.19 32.23
CA PRO D 177 -40.58 4.30 33.23
C PRO D 177 -39.65 3.95 34.40
N ARG D 178 -40.14 4.11 35.64
CA ARG D 178 -39.35 3.89 36.85
C ARG D 178 -39.50 2.43 37.26
N ASN D 179 -38.68 1.56 36.66
CA ASN D 179 -38.98 0.14 36.61
C ASN D 179 -37.69 -0.69 36.57
N GLY D 180 -37.40 -1.40 37.65
CA GLY D 180 -36.23 -2.28 37.71
C GLY D 180 -34.90 -1.57 37.74
N THR D 181 -33.81 -2.34 37.66
CA THR D 181 -32.44 -1.81 37.71
C THR D 181 -31.99 -1.12 36.43
N ALA D 182 -32.65 -1.43 35.31
CA ALA D 182 -32.22 -0.95 34.00
C ALA D 182 -32.26 0.57 33.80
N TRP D 183 -33.15 1.25 34.52
CA TRP D 183 -33.37 2.69 34.32
C TRP D 183 -32.83 3.60 35.44
N ILE D 184 -32.62 3.06 36.64
CA ILE D 184 -32.11 3.83 37.79
C ILE D 184 -30.57 3.80 37.78
N TYR D 185 -29.96 4.94 38.14
CA TYR D 185 -28.50 5.05 38.21
C TYR D 185 -27.92 4.24 39.37
N THR D 186 -26.72 3.70 39.18
CA THR D 186 -25.94 3.04 40.24
C THR D 186 -24.48 3.44 40.14
N SER D 187 -23.85 3.76 41.27
CA SER D 187 -22.48 4.30 41.29
C SER D 187 -21.41 3.23 41.06
N GLU D 188 -20.18 3.67 40.82
CA GLU D 188 -19.06 2.78 40.48
C GLU D 188 -18.56 1.92 41.65
N LYS D 189 -18.74 2.40 42.90
CA LYS D 189 -18.46 1.60 44.11
C LYS D 189 -19.60 0.65 44.49
N ASP D 190 -20.84 0.98 44.10
CA ASP D 190 -21.99 0.10 44.29
C ASP D 190 -21.87 -1.13 43.39
N LEU D 191 -21.64 -0.90 42.09
CA LEU D 191 -21.26 -1.97 41.16
C LEU D 191 -19.81 -2.38 41.41
N ASN D 192 -19.40 -3.45 40.75
CA ASN D 192 -18.03 -3.93 40.82
C ASN D 192 -17.22 -3.52 39.57
N GLY D 193 -17.66 -2.45 38.89
CA GLY D 193 -17.09 -2.03 37.60
C GLY D 193 -16.07 -0.91 37.72
N SER D 194 -15.13 -0.88 36.76
CA SER D 194 -14.03 0.10 36.72
C SER D 194 -14.21 1.07 35.54
N SER D 195 -13.28 2.02 35.43
CA SER D 195 -13.24 2.96 34.30
C SER D 195 -12.53 2.34 33.10
N HIS D 196 -13.01 2.66 31.90
CA HIS D 196 -12.45 2.18 30.63
C HIS D 196 -11.92 3.37 29.84
N TRP D 197 -10.77 3.18 29.19
CA TRP D 197 -10.19 4.22 28.34
C TRP D 197 -10.75 4.10 26.91
N GLY D 198 -11.83 4.85 26.66
CA GLY D 198 -12.47 4.87 25.35
C GLY D 198 -11.72 5.72 24.35
N ILE D 199 -12.35 5.98 23.20
CA ILE D 199 -11.65 6.57 22.07
C ILE D 199 -11.67 8.08 22.14
N ILE D 200 -12.86 8.66 22.15
CA ILE D 200 -13.01 10.11 22.18
C ILE D 200 -12.84 10.68 23.59
N ALA D 201 -13.24 9.91 24.61
CA ALA D 201 -13.09 10.33 26.00
C ALA D 201 -13.19 9.15 26.96
N THR D 202 -12.53 9.27 28.11
CA THR D 202 -12.56 8.24 29.16
C THR D 202 -13.94 8.14 29.83
N TYR D 203 -14.49 6.93 29.86
CA TYR D 203 -15.80 6.68 30.43
C TYR D 203 -15.65 5.93 31.73
N SER D 204 -16.25 6.48 32.78
CA SER D 204 -16.02 6.05 34.15
C SER D 204 -17.15 5.18 34.66
N GLY D 205 -16.77 4.14 35.42
CA GLY D 205 -17.71 3.31 36.15
C GLY D 205 -18.96 2.92 35.39
N ALA D 206 -20.11 3.29 35.94
CA ALA D 206 -21.39 2.84 35.40
C ALA D 206 -22.50 3.81 35.75
N GLY D 207 -23.68 3.54 35.17
CA GLY D 207 -24.89 4.28 35.47
C GLY D 207 -26.13 3.42 35.33
N TYR D 208 -26.52 3.15 34.08
CA TYR D 208 -27.75 2.41 33.78
C TYR D 208 -27.38 1.14 33.05
N TYR D 209 -27.96 0.02 33.47
CA TYR D 209 -27.57 -1.27 32.92
C TYR D 209 -28.66 -2.34 33.04
N LEU D 210 -28.78 -3.15 31.98
CA LEU D 210 -29.65 -4.31 31.96
C LEU D 210 -28.82 -5.57 31.81
N ASP D 211 -29.11 -6.57 32.65
CA ASP D 211 -28.56 -7.92 32.50
C ASP D 211 -29.48 -8.72 31.57
N LEU D 212 -28.90 -9.26 30.50
CA LEU D 212 -29.65 -10.04 29.52
C LEU D 212 -29.97 -11.44 30.05
N SER D 213 -30.92 -12.10 29.38
CA SER D 213 -31.34 -13.45 29.76
C SER D 213 -30.40 -14.54 29.24
N ARG D 214 -30.53 -15.74 29.81
CA ARG D 214 -29.75 -16.91 29.41
C ARG D 214 -30.29 -17.56 28.13
N THR D 215 -31.61 -17.43 27.90
CA THR D 215 -32.26 -17.90 26.67
C THR D 215 -32.36 -16.79 25.64
N ARG D 216 -32.58 -17.18 24.38
CA ARG D 216 -32.60 -16.24 23.27
C ARG D 216 -33.90 -15.43 23.20
N GLU D 217 -35.04 -16.12 23.34
CA GLU D 217 -36.34 -15.48 23.12
C GLU D 217 -36.71 -14.42 24.17
N GLU D 218 -36.26 -14.60 25.41
CA GLU D 218 -36.45 -13.60 26.47
C GLU D 218 -35.62 -12.33 26.25
N THR D 219 -34.37 -12.52 25.80
CA THR D 219 -33.45 -11.42 25.46
C THR D 219 -34.02 -10.49 24.40
N ALA D 220 -34.48 -11.08 23.30
CA ALA D 220 -35.08 -10.34 22.18
C ALA D 220 -36.33 -9.56 22.59
N ALA D 221 -37.10 -10.10 23.52
CA ALA D 221 -38.25 -9.41 24.10
C ALA D 221 -37.82 -8.21 24.95
N GLN D 222 -36.74 -8.37 25.74
CA GLN D 222 -36.19 -7.28 26.56
C GLN D 222 -35.58 -6.15 25.72
N VAL D 223 -34.84 -6.53 24.66
CA VAL D 223 -34.27 -5.56 23.71
C VAL D 223 -35.37 -4.81 22.95
N ALA D 224 -36.43 -5.52 22.55
CA ALA D 224 -37.59 -4.91 21.89
C ALA D 224 -38.32 -3.91 22.80
N SER D 225 -38.41 -4.22 24.10
CA SER D 225 -39.04 -3.33 25.09
C SER D 225 -38.22 -2.06 25.34
N LEU D 226 -36.89 -2.19 25.33
CA LEU D 226 -35.98 -1.04 25.40
C LEU D 226 -36.13 -0.11 24.20
N LYS D 227 -36.17 -0.70 23.01
CA LYS D 227 -36.35 0.03 21.75
C LYS D 227 -37.70 0.76 21.68
N LYS D 228 -38.75 0.12 22.20
CA LYS D 228 -40.11 0.71 22.24
C LYS D 228 -40.18 1.97 23.09
N ASN D 229 -39.60 1.93 24.29
CA ASN D 229 -39.65 3.05 25.25
C ASN D 229 -38.49 4.06 25.13
N VAL D 230 -37.62 3.88 24.14
CA VAL D 230 -36.53 4.83 23.84
C VAL D 230 -35.59 5.00 25.04
N TRP D 231 -35.02 3.86 25.44
CA TRP D 231 -33.96 3.81 26.45
C TRP D 231 -32.66 4.44 25.94
N LEU D 232 -32.47 4.35 24.63
CA LEU D 232 -31.30 4.86 23.94
C LEU D 232 -31.73 6.09 23.13
N ASP D 233 -31.17 7.25 23.48
CA ASP D 233 -31.63 8.54 22.95
C ASP D 233 -30.51 9.57 22.83
N ARG D 234 -30.85 10.77 22.38
CA ARG D 234 -29.93 11.91 22.39
C ARG D 234 -29.59 12.26 23.84
N GLY D 235 -28.29 12.44 24.10
CA GLY D 235 -27.79 12.59 25.46
C GLY D 235 -27.00 11.38 25.93
N THR D 236 -27.35 10.20 25.42
CA THR D 236 -26.60 8.98 25.68
C THR D 236 -25.22 9.06 25.04
N ARG D 237 -24.20 8.63 25.79
CA ARG D 237 -22.82 8.78 25.34
C ARG D 237 -22.13 7.45 25.13
N ALA D 238 -21.88 6.71 26.20
CA ALA D 238 -21.16 5.43 26.09
C ALA D 238 -22.11 4.27 26.31
N THR D 239 -21.96 3.23 25.49
CA THR D 239 -22.76 2.02 25.57
C THR D 239 -21.82 0.84 25.45
N PHE D 240 -21.87 -0.05 26.43
CA PHE D 240 -21.06 -1.25 26.44
C PHE D 240 -21.95 -2.47 26.32
N ILE D 241 -21.59 -3.38 25.42
CA ILE D 241 -22.17 -4.70 25.42
C ILE D 241 -21.03 -5.62 25.81
N ASP D 242 -21.13 -6.15 27.03
CA ASP D 242 -20.11 -7.02 27.61
C ASP D 242 -20.65 -8.43 27.78
N PHE D 243 -19.75 -9.41 27.68
CA PHE D 243 -20.03 -10.80 28.05
C PHE D 243 -18.71 -11.55 28.07
N SER D 244 -18.77 -12.86 28.26
CA SER D 244 -17.58 -13.67 28.21
C SER D 244 -17.84 -15.07 27.70
N VAL D 245 -16.77 -15.71 27.22
CA VAL D 245 -16.78 -17.10 26.77
C VAL D 245 -15.63 -17.89 27.36
N TYR D 246 -15.81 -19.20 27.40
CA TYR D 246 -14.78 -20.12 27.82
C TYR D 246 -14.71 -21.29 26.84
N ASN D 247 -13.51 -21.58 26.35
CA ASN D 247 -13.25 -22.74 25.52
C ASN D 247 -12.76 -23.89 26.40
N ALA D 248 -13.54 -24.98 26.44
CA ALA D 248 -13.14 -26.20 27.16
C ALA D 248 -11.92 -26.86 26.52
N ASN D 249 -11.87 -26.85 25.19
CA ASN D 249 -10.92 -27.66 24.42
C ASN D 249 -9.46 -27.31 24.68
N ILE D 250 -9.15 -26.02 24.74
CA ILE D 250 -7.77 -25.56 25.01
C ILE D 250 -7.61 -24.86 26.36
N ASN D 251 -8.66 -24.87 27.19
CA ASN D 251 -8.66 -24.25 28.51
C ASN D 251 -8.25 -22.76 28.40
N LEU D 252 -9.20 -21.95 27.97
CA LEU D 252 -8.93 -20.55 27.68
C LEU D 252 -10.21 -19.70 27.73
N PHE D 253 -10.29 -18.85 28.76
CA PHE D 253 -11.36 -17.88 28.88
C PHE D 253 -11.08 -16.73 27.94
N CYS D 254 -12.14 -15.98 27.63
CA CYS D 254 -12.00 -14.77 26.84
C CYS D 254 -13.17 -13.84 27.07
N VAL D 255 -12.85 -12.57 27.24
CA VAL D 255 -13.85 -11.53 27.47
C VAL D 255 -14.09 -10.75 26.21
N VAL D 256 -15.24 -10.08 26.16
CA VAL D 256 -15.64 -9.26 25.04
C VAL D 256 -16.14 -7.92 25.60
N ARG D 257 -15.74 -6.83 24.96
CA ARG D 257 -16.14 -5.49 25.36
C ARG D 257 -16.48 -4.65 24.14
N LEU D 258 -17.73 -4.75 23.70
CA LEU D 258 -18.20 -3.95 22.57
C LEU D 258 -18.63 -2.58 23.03
N LEU D 259 -17.70 -1.63 22.94
CA LEU D 259 -17.98 -0.23 23.24
C LEU D 259 -18.48 0.49 22.00
N VAL D 260 -19.59 1.20 22.15
CA VAL D 260 -20.14 2.03 21.08
C VAL D 260 -20.27 3.46 21.61
N GLU D 261 -19.31 4.30 21.27
CA GLU D 261 -19.31 5.71 21.68
C GLU D 261 -20.25 6.54 20.83
N PHE D 262 -21.01 7.41 21.48
CA PHE D 262 -21.83 8.38 20.81
C PHE D 262 -21.20 9.73 21.11
N PRO D 263 -20.49 10.31 20.12
CA PRO D 263 -20.01 11.67 20.32
C PRO D 263 -21.16 12.67 20.22
N ALA D 264 -21.04 13.77 20.94
CA ALA D 264 -22.08 14.81 20.97
C ALA D 264 -22.37 15.38 19.59
N THR D 265 -21.34 15.39 18.74
CA THR D 265 -21.46 15.79 17.34
C THR D 265 -22.74 15.29 16.67
N GLY D 266 -22.98 13.99 16.74
CA GLY D 266 -24.24 13.43 16.23
C GLY D 266 -24.27 11.93 16.00
N GLY D 267 -23.32 11.44 15.21
CA GLY D 267 -23.30 10.05 14.76
C GLY D 267 -22.83 9.06 15.81
N VAL D 268 -22.07 8.05 15.37
CA VAL D 268 -21.63 6.94 16.24
C VAL D 268 -20.23 6.47 15.88
N ILE D 269 -19.47 6.08 16.90
CA ILE D 269 -18.14 5.50 16.73
C ILE D 269 -18.08 4.17 17.46
N PRO D 270 -17.59 3.11 16.78
CA PRO D 270 -17.43 1.83 17.43
C PRO D 270 -16.00 1.53 17.83
N SER D 271 -15.84 0.54 18.69
CA SER D 271 -14.56 -0.10 18.95
C SER D 271 -14.83 -1.51 19.46
N TRP D 272 -13.78 -2.21 19.88
CA TRP D 272 -13.93 -3.55 20.44
C TRP D 272 -12.71 -3.91 21.24
N GLN D 273 -12.79 -5.07 21.91
CA GLN D 273 -11.66 -5.62 22.63
C GLN D 273 -11.92 -7.10 22.86
N PHE D 274 -11.00 -7.94 22.38
CA PHE D 274 -11.08 -9.37 22.56
C PHE D 274 -9.82 -9.85 23.27
N GLN D 275 -9.91 -9.94 24.60
CA GLN D 275 -8.78 -10.36 25.41
C GLN D 275 -8.95 -11.82 25.83
N PRO D 276 -8.10 -12.71 25.30
CA PRO D 276 -8.04 -14.07 25.86
C PRO D 276 -7.34 -14.07 27.21
N LEU D 277 -7.46 -15.18 27.94
CA LEU D 277 -7.09 -15.22 29.34
C LEU D 277 -6.97 -16.65 29.87
N LYS D 278 -5.74 -17.09 30.15
CA LYS D 278 -5.50 -18.33 30.91
C LYS D 278 -5.79 -18.06 32.38
N LEU D 279 -7.02 -18.35 32.78
CA LEU D 279 -7.48 -18.05 34.14
C LEU D 279 -7.05 -19.15 35.11
N ILE D 280 -7.47 -20.39 34.82
CA ILE D 280 -7.12 -21.55 35.64
C ILE D 280 -5.80 -22.10 35.10
N ARG D 281 -4.97 -22.63 35.99
CA ARG D 281 -3.59 -22.98 35.65
C ARG D 281 -3.32 -24.49 35.69
N TYR D 282 -3.35 -25.07 36.89
CA TYR D 282 -2.82 -26.43 37.11
C TYR D 282 -3.70 -27.52 36.46
N VAL D 283 -3.20 -28.11 35.38
CA VAL D 283 -3.88 -29.22 34.68
C VAL D 283 -2.85 -30.30 34.25
N THR D 284 -2.06 -30.02 33.21
CA THR D 284 -1.15 -31.00 32.61
C THR D 284 0.28 -30.87 33.16
N THR D 285 1.17 -31.76 32.70
CA THR D 285 2.61 -31.71 33.07
C THR D 285 3.31 -30.43 32.60
N PHE D 286 2.85 -29.85 31.49
CA PHE D 286 3.38 -28.59 30.97
C PHE D 286 3.19 -27.41 31.94
N ASP D 287 2.05 -27.39 32.63
CA ASP D 287 1.72 -26.33 33.59
C ASP D 287 2.59 -26.39 34.85
N PHE D 288 2.79 -27.60 35.40
CA PHE D 288 3.71 -27.83 36.51
C PHE D 288 5.13 -27.36 36.16
N PHE D 289 5.57 -27.67 34.94
CA PHE D 289 6.87 -27.24 34.43
C PHE D 289 6.95 -25.71 34.33
N LEU D 290 5.86 -25.08 33.87
CA LEU D 290 5.78 -23.62 33.82
C LEU D 290 5.80 -23.00 35.22
N ALA D 291 5.08 -23.63 36.16
CA ALA D 291 5.06 -23.18 37.55
C ALA D 291 6.43 -23.26 38.21
N ALA D 292 7.16 -24.34 37.96
CA ALA D 292 8.53 -24.50 38.46
C ALA D 292 9.48 -23.43 37.94
N CYS D 293 9.37 -23.12 36.63
CA CYS D 293 10.17 -22.05 36.01
C CYS D 293 9.91 -20.68 36.63
N GLU D 294 8.64 -20.38 36.91
CA GLU D 294 8.25 -19.11 37.55
C GLU D 294 8.84 -18.96 38.95
N ILE D 295 8.87 -20.07 39.69
CA ILE D 295 9.49 -20.12 41.01
C ILE D 295 11.01 -19.93 40.90
N ILE D 296 11.63 -20.58 39.91
CA ILE D 296 13.07 -20.42 39.64
C ILE D 296 13.42 -18.98 39.26
N PHE D 297 12.61 -18.39 38.37
CA PHE D 297 12.72 -16.97 38.01
C PHE D 297 12.71 -16.07 39.24
N CYS D 298 11.84 -16.37 40.21
CA CYS D 298 11.78 -15.65 41.49
C CYS D 298 13.11 -15.64 42.25
N PHE D 299 13.75 -16.81 42.37
CA PHE D 299 15.06 -16.93 43.01
C PHE D 299 16.17 -16.23 42.23
N PHE D 300 16.09 -16.29 40.90
CA PHE D 300 17.02 -15.54 40.03
C PHE D 300 16.93 -14.03 40.28
N ILE D 301 15.70 -13.51 40.31
CA ILE D 301 15.48 -12.09 40.54
C ILE D 301 15.99 -11.70 41.93
N PHE D 302 15.65 -12.49 42.93
CA PHE D 302 16.16 -12.31 44.29
C PHE D 302 17.69 -12.19 44.31
N TYR D 303 18.38 -13.09 43.61
CA TYR D 303 19.85 -13.07 43.52
C TYR D 303 20.40 -11.81 42.86
N TYR D 304 19.77 -11.36 41.78
CA TYR D 304 20.14 -10.11 41.12
C TYR D 304 20.00 -8.93 42.07
N VAL D 305 18.87 -8.86 42.78
CA VAL D 305 18.60 -7.76 43.73
C VAL D 305 19.71 -7.67 44.79
N VAL D 306 20.12 -8.81 45.33
CA VAL D 306 21.22 -8.88 46.31
C VAL D 306 22.53 -8.40 45.67
N GLU D 307 22.80 -8.86 44.45
CA GLU D 307 24.03 -8.53 43.72
C GLU D 307 24.14 -7.04 43.36
N GLU D 308 23.02 -6.44 42.95
CA GLU D 308 23.00 -5.01 42.62
C GLU D 308 23.23 -4.14 43.86
N ILE D 309 22.47 -4.42 44.93
CA ILE D 309 22.48 -3.58 46.14
C ILE D 309 23.71 -3.86 47.03
N LEU D 310 24.32 -5.04 46.90
CA LEU D 310 25.67 -5.28 47.45
C LEU D 310 26.67 -4.35 46.78
N GLU D 311 26.58 -4.19 45.47
CA GLU D 311 27.44 -3.26 44.71
C GLU D 311 27.19 -1.77 45.05
N ILE D 312 25.95 -1.43 45.44
CA ILE D 312 25.62 -0.08 45.95
C ILE D 312 26.36 0.21 47.27
N ARG D 313 26.43 -0.78 48.16
CA ARG D 313 27.19 -0.67 49.42
C ARG D 313 28.69 -0.39 49.18
N ILE D 314 29.24 -1.01 48.13
CA ILE D 314 30.65 -0.83 47.75
C ILE D 314 30.84 0.58 47.15
N HIS D 315 30.24 0.81 45.98
CA HIS D 315 30.33 2.10 45.29
C HIS D 315 29.10 2.95 45.64
N LYS D 316 29.28 3.93 46.52
CA LYS D 316 28.17 4.73 47.05
C LYS D 316 27.51 5.64 46.00
N LEU D 317 28.32 6.38 45.23
CA LEU D 317 27.82 7.32 44.22
C LEU D 317 28.55 7.23 42.85
N HIS D 318 29.26 6.11 42.60
CA HIS D 318 30.01 5.88 41.36
C HIS D 318 29.32 4.87 40.43
N TYR D 319 28.16 4.37 40.86
CA TYR D 319 27.50 3.19 40.25
C TYR D 319 26.43 3.54 39.21
N PHE D 320 25.75 4.68 39.40
CA PHE D 320 24.59 5.06 38.57
C PHE D 320 24.96 5.56 37.15
N ARG D 321 26.22 5.95 36.93
CA ARG D 321 26.66 6.51 35.63
C ARG D 321 26.94 5.48 34.53
N SER D 322 27.41 4.29 34.89
CA SER D 322 27.69 3.23 33.92
C SER D 322 26.40 2.67 33.32
N PHE D 323 26.40 2.43 32.00
CA PHE D 323 25.19 2.05 31.27
C PHE D 323 24.68 0.66 31.63
N TRP D 324 25.60 -0.31 31.71
CA TRP D 324 25.21 -1.72 31.86
C TRP D 324 24.59 -2.00 33.22
N ASN D 325 25.08 -1.31 34.25
CA ASN D 325 24.51 -1.39 35.58
C ASN D 325 23.10 -0.79 35.63
N CYS D 326 22.93 0.39 35.02
CA CYS D 326 21.63 1.08 34.96
C CYS D 326 20.56 0.19 34.32
N LEU D 327 20.92 -0.43 33.19
CA LEU D 327 20.05 -1.40 32.52
C LEU D 327 19.65 -2.56 33.42
N ASP D 328 20.62 -3.07 34.19
CA ASP D 328 20.38 -4.15 35.15
C ASP D 328 19.35 -3.77 36.22
N VAL D 329 19.48 -2.56 36.77
CA VAL D 329 18.54 -2.06 37.78
C VAL D 329 17.12 -1.96 37.22
N VAL D 330 16.99 -1.49 35.98
CA VAL D 330 15.68 -1.37 35.30
C VAL D 330 15.03 -2.75 35.09
N ILE D 331 15.82 -3.75 34.68
CA ILE D 331 15.34 -5.13 34.53
C ILE D 331 14.87 -5.69 35.88
N VAL D 332 15.64 -5.40 36.92
CA VAL D 332 15.28 -5.78 38.29
C VAL D 332 13.96 -5.15 38.74
N VAL D 333 13.79 -3.84 38.50
CA VAL D 333 12.55 -3.14 38.90
C VAL D 333 11.33 -3.69 38.17
N LEU D 334 11.43 -3.86 36.85
CA LEU D 334 10.34 -4.45 36.05
C LEU D 334 9.95 -5.84 36.54
N SER D 335 10.95 -6.67 36.83
CA SER D 335 10.72 -8.02 37.35
C SER D 335 9.98 -8.00 38.68
N VAL D 336 10.37 -7.10 39.58
CA VAL D 336 9.69 -6.90 40.88
C VAL D 336 8.23 -6.50 40.65
N VAL D 337 7.99 -5.59 39.70
CA VAL D 337 6.64 -5.13 39.35
C VAL D 337 5.82 -6.27 38.75
N ALA D 338 6.44 -7.07 37.89
CA ALA D 338 5.79 -8.25 37.29
C ALA D 338 5.38 -9.27 38.35
N ILE D 339 6.30 -9.55 39.28
CA ILE D 339 6.04 -10.44 40.41
C ILE D 339 4.88 -9.90 41.27
N GLY D 340 4.95 -8.61 41.59
CA GLY D 340 3.91 -7.95 42.39
C GLY D 340 2.52 -8.02 41.77
N ILE D 341 2.44 -7.77 40.46
CA ILE D 341 1.18 -7.87 39.71
C ILE D 341 0.68 -9.32 39.70
N ASN D 342 1.60 -10.27 39.61
CA ASN D 342 1.27 -11.69 39.64
C ASN D 342 0.71 -12.14 41.01
N ILE D 343 1.29 -11.64 42.10
CA ILE D 343 0.95 -12.10 43.46
C ILE D 343 -0.22 -11.32 44.09
N TYR D 344 -0.07 -10.00 44.21
CA TYR D 344 -1.10 -9.16 44.85
C TYR D 344 -2.49 -9.23 44.19
N ARG D 345 -2.53 -9.40 42.87
CA ARG D 345 -3.79 -9.35 42.11
C ARG D 345 -4.13 -10.61 41.30
N THR D 346 -3.34 -10.92 40.28
CA THR D 346 -3.68 -11.99 39.29
C THR D 346 -3.91 -13.40 39.88
N SER D 347 -3.27 -13.72 41.02
CA SER D 347 -3.40 -15.04 41.65
C SER D 347 -4.69 -15.21 42.48
N ASN D 348 -5.00 -14.22 43.32
CA ASN D 348 -6.13 -14.31 44.27
C ASN D 348 -7.54 -14.21 43.66
N VAL D 349 -7.63 -13.87 42.36
CA VAL D 349 -8.92 -13.69 41.66
C VAL D 349 -9.83 -14.93 41.52
N GLU D 350 -9.31 -16.13 41.77
CA GLU D 350 -10.12 -17.36 41.72
C GLU D 350 -11.45 -17.31 42.50
N VAL D 351 -11.54 -16.40 43.48
CA VAL D 351 -12.79 -16.10 44.20
C VAL D 351 -13.94 -15.76 43.25
N LEU D 352 -13.66 -14.92 42.25
CA LEU D 352 -14.64 -14.56 41.21
C LEU D 352 -15.17 -15.77 40.46
N LEU D 353 -14.25 -16.61 39.99
CA LEU D 353 -14.59 -17.83 39.25
C LEU D 353 -15.43 -18.81 40.09
N GLN D 354 -15.10 -18.92 41.38
CA GLN D 354 -15.88 -19.76 42.31
C GLN D 354 -17.31 -19.27 42.52
N PHE D 355 -17.50 -17.95 42.55
CA PHE D 355 -18.85 -17.35 42.60
C PHE D 355 -19.68 -17.66 41.34
N LEU D 356 -19.03 -17.61 40.19
CA LEU D 356 -19.67 -17.95 38.90
C LEU D 356 -20.13 -19.42 38.83
N GLU D 357 -19.29 -20.32 39.36
CA GLU D 357 -19.59 -21.76 39.35
C GLU D 357 -20.93 -22.16 39.99
N ASP D 358 -21.36 -21.40 41.00
CA ASP D 358 -22.60 -21.69 41.74
C ASP D 358 -23.90 -21.04 41.19
N GLN D 359 -23.83 -20.36 40.03
CA GLN D 359 -24.96 -19.52 39.57
C GLN D 359 -25.10 -19.37 38.04
N ASN D 360 -26.08 -18.58 37.62
CA ASN D 360 -26.34 -18.21 36.21
C ASN D 360 -26.37 -16.69 35.94
N THR D 361 -25.88 -15.88 36.90
CA THR D 361 -25.86 -14.42 36.76
C THR D 361 -24.65 -13.92 35.97
N PHE D 362 -24.49 -12.60 35.88
CA PHE D 362 -23.35 -11.99 35.20
C PHE D 362 -22.04 -12.24 35.97
N PRO D 363 -21.00 -12.78 35.30
CA PRO D 363 -19.66 -12.87 35.89
C PRO D 363 -18.76 -11.73 35.45
N ASN D 364 -18.18 -11.02 36.43
CA ASN D 364 -17.40 -9.82 36.16
C ASN D 364 -15.90 -10.10 36.10
N PHE D 365 -15.44 -10.52 34.92
CA PHE D 365 -14.02 -10.75 34.64
C PHE D 365 -13.28 -9.43 34.44
N GLU D 366 -13.97 -8.47 33.82
CA GLU D 366 -13.39 -7.22 33.29
C GLU D 366 -12.25 -6.59 34.09
N HIS D 367 -12.33 -6.62 35.43
CA HIS D 367 -11.28 -6.06 36.27
C HIS D 367 -9.97 -6.85 36.24
N LEU D 368 -10.07 -8.18 36.14
CA LEU D 368 -8.88 -9.04 36.01
C LEU D 368 -8.13 -8.86 34.69
N ALA D 369 -8.88 -8.86 33.59
CA ALA D 369 -8.30 -8.70 32.24
C ALA D 369 -7.39 -7.47 32.14
N TYR D 370 -7.84 -6.35 32.71
CA TYR D 370 -7.06 -5.10 32.75
C TYR D 370 -5.65 -5.31 33.31
N TRP D 371 -5.55 -6.09 34.38
CA TRP D 371 -4.24 -6.41 34.95
C TRP D 371 -3.49 -7.46 34.14
N GLN D 372 -4.20 -8.40 33.54
CA GLN D 372 -3.57 -9.41 32.67
C GLN D 372 -2.82 -8.80 31.49
N ILE D 373 -3.41 -7.78 30.86
CA ILE D 373 -2.75 -7.08 29.76
C ILE D 373 -1.52 -6.34 30.28
N GLN D 374 -1.69 -5.61 31.39
CA GLN D 374 -0.60 -4.84 32.00
C GLN D 374 0.60 -5.71 32.37
N PHE D 375 0.32 -6.86 32.95
CA PHE D 375 1.35 -7.88 33.23
C PHE D 375 2.05 -8.30 31.93
N ASN D 376 1.26 -8.66 30.94
CA ASN D 376 1.78 -9.12 29.65
C ASN D 376 2.65 -8.07 28.96
N ASN D 377 2.23 -6.81 29.01
CA ASN D 377 3.05 -5.66 28.56
C ASN D 377 4.41 -5.65 29.24
N ILE D 378 4.38 -5.59 30.57
CA ILE D 378 5.59 -5.41 31.37
C ILE D 378 6.55 -6.57 31.18
N ALA D 379 6.01 -7.79 31.14
CA ALA D 379 6.84 -8.97 30.87
C ALA D 379 7.55 -8.86 29.52
N ALA D 380 6.84 -8.41 28.50
CA ALA D 380 7.41 -8.25 27.17
C ALA D 380 8.57 -7.26 27.14
N VAL D 381 8.38 -6.12 27.81
CA VAL D 381 9.43 -5.10 27.90
C VAL D 381 10.63 -5.62 28.69
N THR D 382 10.35 -6.41 29.74
CA THR D 382 11.40 -7.09 30.48
C THR D 382 12.23 -7.98 29.55
N VAL D 383 11.55 -8.78 28.72
CA VAL D 383 12.23 -9.67 27.78
C VAL D 383 13.10 -8.88 26.82
N PHE D 384 12.53 -7.81 26.26
CA PHE D 384 13.27 -6.95 25.34
C PHE D 384 14.55 -6.39 25.95
N PHE D 385 14.46 -5.90 27.19
CA PHE D 385 15.64 -5.42 27.89
C PHE D 385 16.60 -6.53 28.26
N VAL D 386 16.09 -7.68 28.66
CA VAL D 386 16.94 -8.83 29.00
C VAL D 386 17.79 -9.27 27.80
N TRP D 387 17.19 -9.32 26.63
CA TRP D 387 17.92 -9.70 25.42
C TRP D 387 19.03 -8.71 25.09
N ILE D 388 18.76 -7.40 25.19
CA ILE D 388 19.80 -6.39 24.89
C ILE D 388 20.95 -6.38 25.91
N LYS D 389 20.66 -6.77 27.14
CA LYS D 389 21.72 -6.95 28.14
C LYS D 389 22.80 -7.96 27.70
N LEU D 390 22.42 -8.97 26.93
CA LEU D 390 23.36 -9.98 26.39
C LEU D 390 24.62 -9.38 25.76
N PHE D 391 24.51 -8.20 25.15
CA PHE D 391 25.66 -7.44 24.65
C PHE D 391 26.91 -7.39 25.55
N LYS D 392 26.70 -7.26 26.86
CA LYS D 392 27.80 -7.16 27.84
C LYS D 392 28.82 -8.31 27.79
N PHE D 393 28.38 -9.49 27.33
CA PHE D 393 29.23 -10.69 27.23
C PHE D 393 29.51 -11.10 25.77
N ILE D 394 29.32 -10.18 24.83
CA ILE D 394 29.63 -10.40 23.41
C ILE D 394 31.09 -10.04 23.10
N ASN D 395 31.61 -9.02 23.78
CA ASN D 395 32.90 -8.43 23.42
C ASN D 395 34.11 -9.22 23.94
N PHE D 396 34.22 -10.47 23.52
CA PHE D 396 35.46 -11.26 23.61
C PHE D 396 35.85 -11.71 22.18
N ASN D 397 35.79 -10.73 21.28
CA ASN D 397 36.37 -10.83 19.94
C ASN D 397 36.68 -9.39 19.52
N ARG D 398 37.65 -9.21 18.62
CA ARG D 398 38.18 -7.87 18.33
C ARG D 398 37.23 -6.97 17.56
N THR D 399 36.61 -7.51 16.51
CA THR D 399 35.73 -6.73 15.63
C THR D 399 34.48 -6.22 16.35
N MET D 400 33.79 -7.11 17.04
CA MET D 400 32.61 -6.74 17.84
C MET D 400 32.92 -5.69 18.91
N SER D 401 34.14 -5.74 19.46
CA SER D 401 34.60 -4.78 20.46
C SER D 401 34.73 -3.37 19.88
N GLN D 402 35.30 -3.25 18.69
CA GLN D 402 35.46 -1.94 18.04
C GLN D 402 34.11 -1.28 17.72
N LEU D 403 33.13 -2.09 17.32
CA LEU D 403 31.81 -1.58 16.96
C LEU D 403 31.07 -1.05 18.18
N SER D 404 31.20 -1.75 19.30
CA SER D 404 30.63 -1.28 20.56
C SER D 404 31.29 0.00 21.06
N THR D 405 32.60 0.15 20.82
CA THR D 405 33.30 1.40 21.13
C THR D 405 32.89 2.55 20.20
N THR D 406 32.62 2.25 18.92
CA THR D 406 32.09 3.25 17.98
C THR D 406 30.71 3.73 18.40
N MET D 407 29.83 2.78 18.70
CA MET D 407 28.47 3.08 19.16
C MET D 407 28.44 3.93 20.45
N SER D 408 29.40 3.69 21.35
CA SER D 408 29.49 4.44 22.60
C SER D 408 29.94 5.89 22.38
N ARG D 409 30.98 6.09 21.57
CA ARG D 409 31.49 7.44 21.31
C ARG D 409 30.55 8.30 20.47
N CYS D 410 29.80 7.66 19.57
CA CYS D 410 28.84 8.38 18.74
C CYS D 410 27.58 8.80 19.52
N ALA D 411 27.27 8.10 20.61
CA ALA D 411 26.03 8.33 21.39
C ALA D 411 25.78 9.80 21.76
N LYS D 412 26.83 10.51 22.14
CA LYS D 412 26.75 11.91 22.51
C LYS D 412 26.30 12.81 21.36
N ASP D 413 26.94 12.64 20.20
CA ASP D 413 26.60 13.43 19.00
C ASP D 413 25.19 13.15 18.50
N LEU D 414 24.84 11.86 18.44
CA LEU D 414 23.52 11.41 18.00
C LEU D 414 22.41 11.95 18.90
N PHE D 415 22.64 11.89 20.21
CA PHE D 415 21.73 12.49 21.19
C PHE D 415 21.60 13.99 20.99
N GLY D 416 22.73 14.65 20.74
CA GLY D 416 22.76 16.09 20.43
C GLY D 416 21.95 16.43 19.19
N PHE D 417 22.12 15.62 18.15
CA PHE D 417 21.35 15.80 16.92
C PHE D 417 19.88 15.44 17.08
N ALA D 418 19.61 14.38 17.83
CA ALA D 418 18.24 13.88 18.05
C ALA D 418 17.27 14.96 18.53
N ILE D 419 17.76 15.83 19.40
CA ILE D 419 16.95 16.95 19.91
C ILE D 419 16.57 17.84 18.74
N MET D 420 17.56 18.27 17.96
CA MET D 420 17.32 19.16 16.82
C MET D 420 16.37 18.54 15.80
N PHE D 421 16.60 17.28 15.49
CA PHE D 421 15.73 16.53 14.59
C PHE D 421 14.28 16.55 15.07
N PHE D 422 14.08 16.24 16.35
CA PHE D 422 12.73 16.24 16.93
C PHE D 422 12.05 17.62 16.92
N ILE D 423 12.82 18.69 17.11
CA ILE D 423 12.25 20.05 17.08
C ILE D 423 11.60 20.33 15.73
N ILE D 424 12.32 20.06 14.65
CA ILE D 424 11.79 20.22 13.30
C ILE D 424 10.64 19.26 13.03
N PHE D 425 10.78 18.02 13.48
CA PHE D 425 9.75 16.99 13.33
C PHE D 425 8.41 17.39 14.00
N LEU D 426 8.49 17.84 15.25
CA LEU D 426 7.32 18.24 16.04
C LEU D 426 6.67 19.54 15.57
N ALA D 427 7.45 20.42 14.95
CA ALA D 427 6.92 21.61 14.29
C ALA D 427 6.12 21.21 13.06
N TYR D 428 6.71 20.35 12.23
CA TYR D 428 6.03 19.79 11.06
C TYR D 428 4.72 19.11 11.42
N ALA D 429 4.74 18.31 12.48
CA ALA D 429 3.52 17.68 13.00
C ALA D 429 2.49 18.72 13.42
N GLN D 430 2.93 19.77 14.11
CA GLN D 430 2.04 20.84 14.54
C GLN D 430 1.42 21.53 13.33
N LEU D 431 2.23 21.81 12.31
CA LEU D 431 1.73 22.37 11.06
C LEU D 431 0.66 21.48 10.45
N ALA D 432 0.99 20.21 10.30
CA ALA D 432 0.06 19.23 9.71
C ALA D 432 -1.26 19.13 10.47
N TYR D 433 -1.16 19.10 11.79
CA TYR D 433 -2.32 19.07 12.67
C TYR D 433 -3.26 20.26 12.46
N LEU D 434 -2.67 21.44 12.33
CA LEU D 434 -3.41 22.69 12.08
C LEU D 434 -4.10 22.75 10.72
N VAL D 435 -3.46 22.19 9.69
CA VAL D 435 -4.03 22.12 8.35
C VAL D 435 -5.07 21.02 8.25
N PHE D 436 -4.65 19.78 8.49
CA PHE D 436 -5.44 18.59 8.15
C PHE D 436 -6.37 18.07 9.24
N GLY D 437 -6.19 18.52 10.48
CA GLY D 437 -6.94 18.01 11.64
C GLY D 437 -8.42 17.78 11.42
N THR D 438 -9.04 18.68 10.66
CA THR D 438 -10.46 18.59 10.35
C THR D 438 -10.80 17.50 9.34
N GLN D 439 -9.95 17.31 8.33
CA GLN D 439 -10.34 16.52 7.16
C GLN D 439 -9.91 15.06 7.22
N VAL D 440 -8.62 14.81 7.35
CA VAL D 440 -8.07 13.46 7.14
C VAL D 440 -7.91 12.72 8.46
N ASP D 441 -8.26 11.43 8.43
CA ASP D 441 -8.23 10.55 9.61
C ASP D 441 -6.82 10.51 10.21
N ASP D 442 -5.84 10.30 9.34
CA ASP D 442 -4.43 10.23 9.72
C ASP D 442 -4.01 11.16 10.86
N PHE D 443 -4.27 12.46 10.70
CA PHE D 443 -3.82 13.47 11.65
C PHE D 443 -4.92 13.92 12.64
N SER D 444 -5.90 13.05 12.91
CA SER D 444 -7.11 13.42 13.68
C SER D 444 -6.79 13.95 15.07
N THR D 445 -5.91 13.24 15.77
CA THR D 445 -5.37 13.67 17.06
C THR D 445 -3.85 13.89 16.93
N PHE D 446 -3.29 14.68 17.83
CA PHE D 446 -1.86 14.99 17.83
C PHE D 446 -1.01 13.76 18.13
N GLN D 447 -1.53 12.88 18.98
CA GLN D 447 -0.88 11.62 19.33
C GLN D 447 -0.56 10.81 18.07
N GLU D 448 -1.54 10.68 17.18
CA GLU D 448 -1.38 9.92 15.92
C GLU D 448 -0.56 10.63 14.84
N CYS D 449 -0.58 11.97 14.87
CA CYS D 449 0.10 12.80 13.87
C CYS D 449 1.59 12.51 13.75
N ILE D 450 2.23 12.36 14.90
CA ILE D 450 3.62 11.92 14.98
C ILE D 450 3.80 10.61 14.23
N PHE D 451 2.98 9.62 14.55
CA PHE D 451 3.15 8.26 14.02
C PHE D 451 2.88 8.23 12.51
N THR D 452 1.92 9.03 12.05
CA THR D 452 1.68 9.19 10.62
C THR D 452 2.94 9.71 9.93
N GLN D 453 3.57 10.74 10.49
CA GLN D 453 4.79 11.28 9.90
C GLN D 453 5.90 10.24 9.85
N PHE D 454 6.00 9.40 10.87
CA PHE D 454 6.96 8.30 10.86
C PHE D 454 6.71 7.31 9.75
N ARG D 455 5.44 6.99 9.52
CA ARG D 455 5.09 6.15 8.38
C ARG D 455 5.47 6.81 7.04
N ILE D 456 5.28 8.12 6.92
CA ILE D 456 5.62 8.85 5.68
C ILE D 456 7.09 8.69 5.29
N ILE D 457 7.97 8.77 6.29
CA ILE D 457 9.39 8.59 6.09
C ILE D 457 9.70 7.22 5.52
N LEU D 458 9.07 6.18 6.05
CA LEU D 458 9.33 4.81 5.62
C LEU D 458 8.88 4.56 4.18
N GLY D 459 7.61 4.85 3.92
CA GLY D 459 6.97 4.58 2.63
C GLY D 459 5.60 3.96 2.81
N ASP D 460 4.70 4.72 3.43
CA ASP D 460 3.30 4.32 3.61
C ASP D 460 2.51 5.56 4.00
N ILE D 461 1.67 6.01 3.08
CA ILE D 461 0.95 7.26 3.24
C ILE D 461 -0.30 7.25 2.38
N ASN D 462 -1.39 7.80 2.91
CA ASN D 462 -2.62 7.98 2.16
C ASN D 462 -2.60 9.38 1.53
N PHE D 463 -1.94 9.48 0.37
CA PHE D 463 -1.73 10.77 -0.28
C PHE D 463 -2.98 11.35 -0.91
N ALA D 464 -3.80 10.48 -1.50
CA ALA D 464 -5.05 10.93 -2.12
C ALA D 464 -5.96 11.71 -1.17
N GLU D 465 -6.00 11.31 0.10
CA GLU D 465 -6.81 11.98 1.13
C GLU D 465 -6.29 13.37 1.54
N ILE D 466 -4.98 13.47 1.79
CA ILE D 466 -4.32 14.77 2.04
C ILE D 466 -4.63 15.78 0.94
N GLU D 467 -4.48 15.33 -0.30
CA GLU D 467 -4.69 16.19 -1.47
C GLU D 467 -6.17 16.63 -1.59
N GLU D 468 -7.10 15.76 -1.20
CA GLU D 468 -8.54 16.10 -1.16
C GLU D 468 -8.90 17.10 -0.05
N ALA D 469 -8.13 17.09 1.03
CA ALA D 469 -8.34 18.02 2.16
C ALA D 469 -7.92 19.46 1.90
N ASN D 470 -6.79 19.64 1.20
CA ASN D 470 -6.23 20.97 0.96
C ASN D 470 -5.24 20.93 -0.21
N ARG D 471 -5.67 21.41 -1.37
CA ARG D 471 -4.87 21.31 -2.60
C ARG D 471 -3.70 22.31 -2.68
N VAL D 472 -3.77 23.41 -1.92
CA VAL D 472 -2.71 24.44 -1.94
C VAL D 472 -1.54 23.95 -1.10
N LEU D 473 -1.80 23.84 0.20
CA LEU D 473 -0.76 23.65 1.20
C LEU D 473 -0.49 22.18 1.46
N GLY D 474 -1.52 21.35 1.32
CA GLY D 474 -1.39 19.92 1.58
C GLY D 474 -0.19 19.23 0.94
N PRO D 475 -0.08 19.31 -0.40
CA PRO D 475 1.06 18.71 -1.07
C PRO D 475 2.38 19.44 -0.81
N ILE D 476 2.31 20.75 -0.55
CA ILE D 476 3.50 21.54 -0.17
C ILE D 476 4.11 21.04 1.13
N TYR D 477 3.27 20.85 2.14
CA TYR D 477 3.69 20.21 3.40
C TYR D 477 4.41 18.90 3.13
N PHE D 478 3.83 18.08 2.26
CA PHE D 478 4.37 16.77 1.92
C PHE D 478 5.71 16.85 1.16
N THR D 479 5.81 17.72 0.16
CA THR D 479 7.07 17.91 -0.58
C THR D 479 8.19 18.38 0.34
N THR D 480 7.94 19.49 1.03
CA THR D 480 8.92 20.10 1.92
C THR D 480 9.41 19.11 2.98
N PHE D 481 8.48 18.38 3.59
CA PHE D 481 8.80 17.36 4.60
C PHE D 481 9.73 16.30 4.04
N VAL D 482 9.40 15.80 2.86
CA VAL D 482 10.24 14.81 2.19
C VAL D 482 11.60 15.41 1.87
N PHE D 483 11.61 16.65 1.36
CA PHE D 483 12.85 17.30 0.95
C PHE D 483 13.83 17.53 2.11
N PHE D 484 13.32 17.99 3.25
CA PHE D 484 14.17 18.26 4.41
C PHE D 484 14.48 16.98 5.18
N MET D 485 13.44 16.27 5.61
CA MET D 485 13.60 15.09 6.45
C MET D 485 14.33 13.96 5.70
N PHE D 486 13.82 13.58 4.53
CA PHE D 486 14.33 12.38 3.83
C PHE D 486 15.66 12.54 3.06
N PHE D 487 15.91 13.71 2.47
CA PHE D 487 17.17 13.95 1.72
C PHE D 487 18.29 14.59 2.52
N ILE D 488 17.95 15.42 3.52
CA ILE D 488 18.95 16.19 4.28
C ILE D 488 19.15 15.65 5.70
N LEU D 489 18.12 15.77 6.54
CA LEU D 489 18.27 15.60 7.98
C LEU D 489 18.51 14.17 8.43
N LEU D 490 17.85 13.19 7.82
CA LEU D 490 18.06 11.78 8.18
C LEU D 490 19.45 11.27 7.84
N ASN D 491 20.13 11.96 6.93
CA ASN D 491 21.49 11.62 6.54
C ASN D 491 22.57 12.21 7.44
N MET D 492 22.20 13.15 8.33
CA MET D 492 23.12 13.66 9.35
C MET D 492 23.42 12.62 10.41
N PHE D 493 22.39 11.88 10.86
CA PHE D 493 22.58 10.70 11.70
C PHE D 493 23.69 9.83 11.14
N LEU D 494 23.55 9.53 9.85
CA LEU D 494 24.48 8.68 9.12
C LEU D 494 25.89 9.27 9.09
N ALA D 495 25.98 10.55 8.76
CA ALA D 495 27.26 11.27 8.71
C ALA D 495 27.98 11.28 10.06
N ILE D 496 27.21 11.44 11.13
CA ILE D 496 27.74 11.40 12.49
C ILE D 496 28.35 10.04 12.83
N ILE D 497 27.59 8.97 12.56
CA ILE D 497 28.08 7.62 12.74
C ILE D 497 29.31 7.36 11.88
N ASN D 498 29.17 7.64 10.58
CA ASN D 498 30.22 7.40 9.58
C ASN D 498 31.58 7.91 10.03
N ASP D 499 31.66 9.20 10.32
CA ASP D 499 32.91 9.83 10.70
C ASP D 499 33.45 9.29 12.01
N THR D 500 32.57 9.05 12.99
CA THR D 500 32.98 8.51 14.28
C THR D 500 33.54 7.09 14.17
N TYR D 501 33.01 6.29 13.24
CA TYR D 501 33.56 4.97 12.94
C TYR D 501 34.97 5.07 12.33
N SER D 502 35.13 5.93 11.34
CA SER D 502 36.43 6.18 10.72
C SER D 502 37.50 6.63 11.72
N GLU D 503 37.08 7.42 12.72
CA GLU D 503 37.99 7.93 13.76
C GLU D 503 38.46 6.86 14.74
N VAL D 504 37.59 5.88 15.03
CA VAL D 504 37.96 4.72 15.83
C VAL D 504 38.88 3.76 15.06
N LYS D 505 38.66 3.62 13.74
CA LYS D 505 39.53 2.79 12.89
C LYS D 505 40.94 3.39 12.75
N SER D 506 41.02 4.72 12.63
CA SER D 506 42.31 5.42 12.61
C SER D 506 43.00 5.31 13.99
N ASP D 507 42.23 5.43 15.06
CA ASP D 507 42.73 5.24 16.43
C ASP D 507 43.29 3.84 16.68
N LEU D 508 42.63 2.83 16.14
CA LEU D 508 43.10 1.43 16.24
C LEU D 508 44.32 1.17 15.34
N ALA D 509 44.37 1.81 14.17
CA ALA D 509 45.52 1.72 13.26
C ALA D 509 46.79 2.36 13.86
N GLN D 510 46.62 3.51 14.52
CA GLN D 510 47.73 4.16 15.25
C GLN D 510 48.16 3.37 16.49
N GLN D 511 47.22 2.70 17.16
CA GLN D 511 47.55 1.78 18.26
C GLN D 511 48.36 0.56 17.79
N LYS D 512 48.05 0.07 16.58
CA LYS D 512 48.84 -0.99 15.94
C LYS D 512 50.19 -0.49 15.43
N ALA D 513 50.22 0.72 14.87
CA ALA D 513 51.45 1.33 14.34
C ALA D 513 52.40 1.83 15.43
N GLU D 514 51.85 2.44 16.48
CA GLU D 514 52.63 2.89 17.63
C GLU D 514 53.19 1.73 18.46
N MET D 515 52.42 0.63 18.54
CA MET D 515 52.90 -0.63 19.14
C MET D 515 53.98 -1.30 18.28
N GLU D 516 53.86 -1.19 16.95
CA GLU D 516 54.88 -1.66 16.02
C GLU D 516 56.19 -0.86 16.10
N LEU D 517 56.08 0.45 16.35
CA LEU D 517 57.24 1.32 16.54
C LEU D 517 57.96 1.09 17.87
N SER D 518 57.18 0.88 18.95
CA SER D 518 57.73 0.60 20.29
C SER D 518 58.50 -0.73 20.38
N ASP D 519 57.97 -1.77 19.72
CA ASP D 519 58.61 -3.10 19.70
C ASP D 519 59.84 -3.11 18.79
C1 NAG E . -3.17 -48.17 -3.29
C2 NAG E . -4.63 -48.35 -3.72
C3 NAG E . -4.96 -49.83 -3.98
C4 NAG E . -3.89 -50.56 -4.79
C5 NAG E . -2.49 -50.24 -4.26
C6 NAG E . -1.39 -50.86 -5.12
C7 NAG E . -6.79 -47.44 -2.96
C8 NAG E . -7.58 -46.91 -1.81
N2 NAG E . -5.53 -47.81 -2.71
O3 NAG E . -6.20 -49.93 -4.70
O4 NAG E . -4.13 -51.99 -4.73
O5 NAG E . -2.31 -48.82 -4.22
O6 NAG E . -0.10 -50.49 -4.62
O7 NAG E . -7.29 -47.53 -4.08
C1 NAG E . -4.62 -52.57 -5.96
C2 NAG E . -4.40 -54.10 -5.91
C3 NAG E . -5.05 -54.82 -7.09
C4 NAG E . -6.46 -54.32 -7.42
C5 NAG E . -6.49 -52.79 -7.47
C6 NAG E . -7.88 -52.24 -7.77
C7 NAG E . -2.39 -55.41 -5.25
C8 NAG E . -0.91 -55.50 -5.37
N2 NAG E . -2.96 -54.38 -5.90
O3 NAG E . -5.14 -56.22 -6.79
O4 NAG E . -6.88 -54.86 -8.67
O5 NAG E . -6.01 -52.28 -6.21
O6 NAG E . -8.84 -52.69 -6.81
O7 NAG E . -3.02 -56.22 -4.59
C1 NAG F . -9.99 -1.51 -47.32
C2 NAG F . -11.50 -1.69 -47.31
C3 NAG F . -12.08 -1.67 -48.73
C4 NAG F . -11.50 -0.56 -49.62
C5 NAG F . -9.98 -0.49 -49.48
C6 NAG F . -9.39 0.69 -50.26
C7 NAG F . -13.07 -3.15 -46.11
C8 NAG F . -13.28 -4.49 -45.46
N2 NAG F . -11.86 -2.93 -46.64
O3 NAG F . -13.51 -1.50 -48.68
O4 NAG F . -11.87 -0.82 -50.99
O5 NAG F . -9.63 -0.36 -48.10
O6 NAG F . -7.97 0.74 -50.07
O7 NAG F . -13.96 -2.32 -46.14
C1 NAG F . -12.86 0.09 -51.53
C2 NAG F . -12.83 0.02 -53.06
C3 NAG F . -13.98 0.79 -53.72
C4 NAG F . -15.32 0.60 -53.02
C5 NAG F . -15.17 0.75 -51.51
C6 NAG F . -16.50 0.56 -50.76
C7 NAG F . -10.91 0.07 -54.63
C8 NAG F . -9.61 0.75 -54.95
N2 NAG F . -11.55 0.54 -53.55
O3 NAG F . -14.11 0.38 -55.09
O4 NAG F . -16.27 1.55 -53.53
O5 NAG F . -14.20 -0.18 -51.04
O6 NAG F . -17.06 -0.73 -51.04
O7 NAG F . -11.33 -0.83 -55.34
C1 NAG G . -27.65 39.70 -0.93
C2 NAG G . -29.05 39.09 -0.88
C3 NAG G . -30.14 40.17 -0.81
C4 NAG G . -29.82 41.29 0.18
C5 NAG G . -28.36 41.76 0.04
C6 NAG G . -27.98 42.78 1.10
C7 NAG G . -30.18 37.26 -2.08
C8 NAG G . -30.29 36.49 -3.36
N2 NAG G . -29.27 38.24 -2.04
O3 NAG G . -31.38 39.58 -0.42
O4 NAG G . -30.71 42.40 -0.04
O5 NAG G . -27.49 40.63 0.14
O6 NAG G . -26.61 43.16 0.96
O7 NAG G . -30.91 37.00 -1.13
C1 NAG G . -31.74 42.58 0.98
C2 NAG G . -32.29 44.00 0.87
C3 NAG G . -33.51 44.23 1.78
C4 NAG G . -34.50 43.06 1.78
C5 NAG G . -33.76 41.73 1.94
C6 NAG G . -34.70 40.53 1.93
C7 NAG G . -31.13 46.18 0.64
C8 NAG G . -29.99 47.01 1.15
N2 NAG G . -31.25 44.97 1.20
O3 NAG G . -34.21 45.41 1.36
O4 NAG G . -35.45 43.23 2.84
O5 NAG G . -32.79 41.61 0.89
O6 NAG G . -35.47 40.49 0.71
O7 NAG G . -31.89 46.61 -0.21
C1 NAG H . -20.85 -6.96 43.10
C2 NAG H . -22.18 -7.58 42.70
C3 NAG H . -23.01 -7.99 43.92
C4 NAG H . -22.20 -8.70 45.01
C5 NAG H . -20.88 -7.97 45.26
C6 NAG H . -19.99 -8.74 46.25
C7 NAG H . -23.91 -7.04 41.04
C8 NAG H . -24.59 -5.94 40.26
N2 NAG H . -22.94 -6.65 41.88
O3 NAG H . -24.09 -8.85 43.53
O4 NAG H . -22.98 -8.76 46.22
O5 NAG H . -20.17 -7.83 44.03
O6 NAG H . -18.75 -8.05 46.42
O7 NAG H . -24.23 -8.20 40.89
C1 NAG H . -23.47 -10.09 46.56
C2 NAG H . -23.86 -10.12 48.05
C3 NAG H . -24.57 -11.41 48.45
C4 NAG H . -25.62 -11.87 47.43
C5 NAG H . -25.05 -11.83 46.01
C6 NAG H . -26.06 -12.25 44.95
C7 NAG H . -22.63 -9.31 50.04
C8 NAG H . -21.29 -9.26 50.72
N2 NAG H . -22.66 -9.94 48.86
O3 NAG H . -25.24 -11.22 49.70
O4 NAG H . -26.03 -13.21 47.74
O5 NAG H . -24.58 -10.49 45.74
O6 NAG H . -27.24 -11.45 45.00
O7 NAG H . -23.62 -8.80 50.57
C1 NAG I . -17.24 -38.74 26.13
C2 NAG I . -18.35 -39.79 26.22
C3 NAG I . -19.15 -39.63 27.53
C4 NAG I . -18.25 -39.53 28.75
C5 NAG I . -17.15 -38.48 28.53
C6 NAG I . -16.17 -38.38 29.69
C7 NAG I . -19.09 -40.36 23.93
C8 NAG I . -20.12 -40.09 22.87
N2 NAG I . -19.25 -39.68 25.07
O3 NAG I . -20.03 -40.76 27.69
O4 NAG I . -19.04 -39.19 29.89
O5 NAG I . -16.43 -38.79 27.33
O6 NAG I . -15.37 -39.57 29.77
O7 NAG I . -18.18 -41.15 23.73
C1 NAG J . -25.91 -48.09 3.91
C2 NAG J . -27.12 -47.17 4.12
C3 NAG J . -28.20 -47.34 3.04
C4 NAG J . -27.64 -47.54 1.63
C5 NAG J . -26.47 -48.52 1.62
C6 NAG J . -25.85 -48.67 0.23
C7 NAG J . -28.42 -46.48 6.12
C8 NAG J . -28.91 -46.91 7.46
N2 NAG J . -27.69 -47.39 5.44
O3 NAG J . -29.05 -46.19 3.02
O4 NAG J . -28.68 -48.02 0.78
O5 NAG J . -25.48 -48.06 2.54
O6 NAG J . -24.72 -49.56 0.27
O7 NAG J . -28.67 -45.37 5.68
C1 NAG K . -10.29 -33.34 -35.54
C2 NAG K . -11.40 -33.92 -36.42
C3 NAG K . -11.60 -35.41 -36.14
C4 NAG K . -10.29 -36.19 -36.15
C5 NAG K . -9.25 -35.50 -35.25
C6 NAG K . -7.89 -36.19 -35.28
C7 NAG K . -13.04 -32.13 -36.92
C8 NAG K . -14.35 -31.53 -36.51
N2 NAG K . -12.65 -33.19 -36.20
O3 NAG K . -12.48 -35.98 -37.13
O4 NAG K . -10.53 -37.54 -35.70
O5 NAG K . -9.10 -34.14 -35.68
O6 NAG K . -7.26 -36.04 -36.57
O7 NAG K . -12.38 -31.65 -37.83
C1 NAG L . -27.95 -16.82 -43.99
C2 NAG L . -28.87 -17.42 -42.90
C3 NAG L . -30.29 -16.85 -42.95
C4 NAG L . -30.35 -15.34 -43.24
C5 NAG L . -29.41 -14.95 -44.36
C6 NAG L . -29.40 -13.45 -44.62
C7 NAG L . -29.19 -19.71 -42.00
C8 NAG L . -29.17 -21.17 -42.34
N2 NAG L . -28.90 -18.87 -43.02
O3 NAG L . -30.94 -17.08 -41.68
O4 NAG L . -31.69 -14.99 -43.57
O5 NAG L . -28.09 -15.39 -44.03
O6 NAG L . -28.47 -13.12 -45.65
O7 NAG L . -29.45 -19.32 -40.87
C1 NAG M . -27.19 26.53 -32.21
C2 NAG M . -28.62 26.88 -32.65
C3 NAG M . -28.88 26.45 -34.09
C4 NAG M . -27.76 26.88 -35.05
C5 NAG M . -26.39 26.50 -34.48
C6 NAG M . -25.23 26.99 -35.35
C7 NAG M . -30.08 26.86 -30.65
C8 NAG M . -31.07 26.05 -29.87
N2 NAG M . -29.59 26.27 -31.74
O3 NAG M . -30.12 26.98 -34.55
O4 NAG M . -27.97 26.27 -36.32
O5 NAG M . -26.25 27.04 -33.16
O6 NAG M . -25.12 28.42 -35.31
O7 NAG M . -29.77 27.98 -30.28
C1 NAG N . -44.62 28.71 -13.55
C2 NAG N . -45.12 27.32 -14.00
C3 NAG N . -46.38 26.86 -13.24
C4 NAG N . -46.37 27.23 -11.76
C5 NAG N . -45.89 28.66 -11.53
C6 NAG N . -45.81 29.00 -10.04
C7 NAG N . -45.34 26.21 -16.21
C8 NAG N . -45.62 26.43 -17.67
N2 NAG N . -45.37 27.32 -15.45
O3 NAG N . -46.50 25.44 -13.35
O4 NAG N . -47.69 27.06 -11.23
O5 NAG N . -44.59 28.81 -12.13
O6 NAG N . -45.32 30.34 -9.88
O7 NAG N . -45.11 25.10 -15.77
C1 NAG O . -34.14 21.13 29.47
C2 NAG O . -35.58 21.01 30.01
C3 NAG O . -36.42 22.22 29.57
C4 NAG O . -35.73 23.55 29.85
C5 NAG O . -34.30 23.52 29.29
C6 NAG O . -33.52 24.81 29.60
C7 NAG O . -36.15 18.61 30.22
C8 NAG O . -36.84 17.46 29.56
N2 NAG O . -36.19 19.78 29.55
O3 NAG O . -37.67 22.19 30.28
O4 NAG O . -36.48 24.61 29.25
O5 NAG O . -33.59 22.40 29.83
O6 NAG O . -33.22 24.90 31.00
O7 NAG O . -35.59 18.48 31.30
C1 NAG P . -42.58 -2.57 34.34
C2 NAG P . -43.37 -2.44 33.03
C3 NAG P . -44.28 -3.64 32.77
C4 NAG P . -43.65 -4.99 33.14
C5 NAG P . -42.95 -4.92 34.50
C6 NAG P . -42.25 -6.23 34.84
C7 NAG P . -44.56 -0.55 31.94
C8 NAG P . -45.36 0.69 32.15
N2 NAG P . -44.16 -1.21 33.04
O3 NAG P . -44.64 -3.68 31.38
O4 NAG P . -44.68 -5.99 33.17
O5 NAG P . -41.98 -3.87 34.46
O6 NAG P . -41.58 -6.12 36.09
O7 NAG P . -44.30 -0.95 30.80
#